data_1KPT
# 
_entry.id   1KPT 
# 
_audit_conform.dict_name       mmcif_pdbx.dic 
_audit_conform.dict_version    5.397 
_audit_conform.dict_location   http://mmcif.pdb.org/dictionaries/ascii/mmcif_pdbx.dic 
# 
loop_
_database_2.database_id 
_database_2.database_code 
_database_2.pdbx_database_accession 
_database_2.pdbx_DOI 
PDB   1KPT         pdb_00001kpt 10.2210/pdb1kpt/pdb 
WWPDB D_1000174478 ?            ?                   
# 
loop_
_pdbx_audit_revision_history.ordinal 
_pdbx_audit_revision_history.data_content_type 
_pdbx_audit_revision_history.major_revision 
_pdbx_audit_revision_history.minor_revision 
_pdbx_audit_revision_history.revision_date 
1 'Structure model' 1 0 1995-10-31 
2 'Structure model' 1 1 2008-03-24 
3 'Structure model' 1 2 2011-07-13 
4 'Structure model' 1 3 2024-10-09 
# 
_pdbx_audit_revision_details.ordinal             1 
_pdbx_audit_revision_details.revision_ordinal    1 
_pdbx_audit_revision_details.data_content_type   'Structure model' 
_pdbx_audit_revision_details.provider            repository 
_pdbx_audit_revision_details.type                'Initial release' 
_pdbx_audit_revision_details.description         ? 
_pdbx_audit_revision_details.details             ? 
# 
loop_
_pdbx_audit_revision_group.ordinal 
_pdbx_audit_revision_group.revision_ordinal 
_pdbx_audit_revision_group.data_content_type 
_pdbx_audit_revision_group.group 
1 2 'Structure model' 'Version format compliance' 
2 3 'Structure model' 'Version format compliance' 
3 4 'Structure model' 'Data collection'           
4 4 'Structure model' 'Database references'       
5 4 'Structure model' 'Structure summary'         
# 
loop_
_pdbx_audit_revision_category.ordinal 
_pdbx_audit_revision_category.revision_ordinal 
_pdbx_audit_revision_category.data_content_type 
_pdbx_audit_revision_category.category 
1 4 'Structure model' chem_comp_atom            
2 4 'Structure model' chem_comp_bond            
3 4 'Structure model' database_2                
4 4 'Structure model' pdbx_entry_details        
5 4 'Structure model' pdbx_modification_feature 
# 
loop_
_pdbx_audit_revision_item.ordinal 
_pdbx_audit_revision_item.revision_ordinal 
_pdbx_audit_revision_item.data_content_type 
_pdbx_audit_revision_item.item 
1 4 'Structure model' '_database_2.pdbx_DOI'                
2 4 'Structure model' '_database_2.pdbx_database_accession' 
# 
_pdbx_database_status.status_code                     REL 
_pdbx_database_status.entry_id                        1KPT 
_pdbx_database_status.recvd_initial_deposition_date   1995-06-06 
_pdbx_database_status.deposit_site                    ? 
_pdbx_database_status.process_site                    BNL 
_pdbx_database_status.status_code_sf                  REL 
_pdbx_database_status.status_code_mr                  ? 
_pdbx_database_status.SG_entry                        ? 
_pdbx_database_status.pdb_format_compatible           Y 
_pdbx_database_status.status_code_cs                  ? 
_pdbx_database_status.status_code_nmr_data            ? 
_pdbx_database_status.methods_development_category    ? 
# 
loop_
_audit_author.name 
_audit_author.pdbx_ordinal 
'Gu, F.'    1 
'Smith, T.' 2 
# 
loop_
_citation.id 
_citation.title 
_citation.journal_abbrev 
_citation.journal_volume 
_citation.page_first 
_citation.page_last 
_citation.year 
_citation.journal_id_ASTM 
_citation.country 
_citation.journal_id_ISSN 
_citation.journal_id_CSD 
_citation.book_publisher 
_citation.pdbx_database_id_PubMed 
_citation.pdbx_database_id_DOI 
primary 
'Structure and function of a virally encoded fungal toxin from Ustilago maydis: a fungal and mammalian Ca2+ channel inhibitor.' 
Structure   3   805 814 1995 STRUE6 UK 0969-2126 2005 ? 7582897 '10.1016/S0969-2126(01)00215-5' 
1       'The Characterization and Crystallization of a Virally Encoded Ustilago Maydis Kp4 Toxin' J.Mol.Biol. 243 792 ?   1994 
JMOBAK UK 0022-2836 0070 ? ?       ?                               
# 
loop_
_citation_author.citation_id 
_citation_author.name 
_citation_author.ordinal 
_citation_author.identifier_ORCID 
primary 'Gu, F.'        1  ? 
primary 'Khimani, A.'   2  ? 
primary 'Rane, S.G.'    3  ? 
primary 'Flurkey, W.H.' 4  ? 
primary 'Bozarth, R.F.' 5  ? 
primary 'Smith, T.J.'   6  ? 
1       'Gu, F.'        7  ? 
1       'Sullivan, T.'  8  ? 
1       'Che, Z.'       9  ? 
1       'Ganesa, C.'    10 ? 
1       'Flurkey, W.'   11 ? 
1       'Bozarth, R.'   12 ? 
1       'Smith, T.'     13 ? 
# 
loop_
_entity.id 
_entity.type 
_entity.src_method 
_entity.pdbx_description 
_entity.formula_weight 
_entity.pdbx_number_of_molecules 
_entity.pdbx_ec 
_entity.pdbx_mutation 
_entity.pdbx_fragment 
_entity.details 
1 polymer nat 'KP4 TOXIN' 11067.370 2   ? ? ? ? 
2 water   nat water       18.015    140 ? ? ? ? 
# 
_entity_name_com.entity_id   1 
_entity_name_com.name        'P4 TOXIN, KP4 KILLER TOXIN' 
# 
_entity_poly.entity_id                      1 
_entity_poly.type                           'polypeptide(L)' 
_entity_poly.nstd_linkage                   no 
_entity_poly.nstd_monomer                   no 
_entity_poly.pdbx_seq_one_letter_code       
;LGINCRGSSQCGLSGGNLMVRIRDQACGNQGQTWCPGERRAKVCGTGNSISAYVQSTNNCISGTEACRHLTNLVNHGCRV
CGSDPLYAGNDVSRGQLTVNYVNSC
;
_entity_poly.pdbx_seq_one_letter_code_can   
;LGINCRGSSQCGLSGGNLMVRIRDQACGNQGQTWCPGERRAKVCGTGNSISAYVQSTNNCISGTEACRHLTNLVNHGCRV
CGSDPLYAGNDVSRGQLTVNYVNSC
;
_entity_poly.pdbx_strand_id                 A,B 
_entity_poly.pdbx_target_identifier         ? 
# 
_pdbx_entity_nonpoly.entity_id   2 
_pdbx_entity_nonpoly.name        water 
_pdbx_entity_nonpoly.comp_id     HOH 
# 
loop_
_entity_poly_seq.entity_id 
_entity_poly_seq.num 
_entity_poly_seq.mon_id 
_entity_poly_seq.hetero 
1 1   LEU n 
1 2   GLY n 
1 3   ILE n 
1 4   ASN n 
1 5   CYS n 
1 6   ARG n 
1 7   GLY n 
1 8   SER n 
1 9   SER n 
1 10  GLN n 
1 11  CYS n 
1 12  GLY n 
1 13  LEU n 
1 14  SER n 
1 15  GLY n 
1 16  GLY n 
1 17  ASN n 
1 18  LEU n 
1 19  MET n 
1 20  VAL n 
1 21  ARG n 
1 22  ILE n 
1 23  ARG n 
1 24  ASP n 
1 25  GLN n 
1 26  ALA n 
1 27  CYS n 
1 28  GLY n 
1 29  ASN n 
1 30  GLN n 
1 31  GLY n 
1 32  GLN n 
1 33  THR n 
1 34  TRP n 
1 35  CYS n 
1 36  PRO n 
1 37  GLY n 
1 38  GLU n 
1 39  ARG n 
1 40  ARG n 
1 41  ALA n 
1 42  LYS n 
1 43  VAL n 
1 44  CYS n 
1 45  GLY n 
1 46  THR n 
1 47  GLY n 
1 48  ASN n 
1 49  SER n 
1 50  ILE n 
1 51  SER n 
1 52  ALA n 
1 53  TYR n 
1 54  VAL n 
1 55  GLN n 
1 56  SER n 
1 57  THR n 
1 58  ASN n 
1 59  ASN n 
1 60  CYS n 
1 61  ILE n 
1 62  SER n 
1 63  GLY n 
1 64  THR n 
1 65  GLU n 
1 66  ALA n 
1 67  CYS n 
1 68  ARG n 
1 69  HIS n 
1 70  LEU n 
1 71  THR n 
1 72  ASN n 
1 73  LEU n 
1 74  VAL n 
1 75  ASN n 
1 76  HIS n 
1 77  GLY n 
1 78  CYS n 
1 79  ARG n 
1 80  VAL n 
1 81  CYS n 
1 82  GLY n 
1 83  SER n 
1 84  ASP n 
1 85  PRO n 
1 86  LEU n 
1 87  TYR n 
1 88  ALA n 
1 89  GLY n 
1 90  ASN n 
1 91  ASP n 
1 92  VAL n 
1 93  SER n 
1 94  ARG n 
1 95  GLY n 
1 96  GLN n 
1 97  LEU n 
1 98  THR n 
1 99  VAL n 
1 100 ASN n 
1 101 TYR n 
1 102 VAL n 
1 103 ASN n 
1 104 SER n 
1 105 CYS n 
# 
_entity_src_nat.entity_id                  1 
_entity_src_nat.pdbx_src_id                1 
_entity_src_nat.pdbx_alt_source_flag       sample 
_entity_src_nat.pdbx_beg_seq_num           ? 
_entity_src_nat.pdbx_end_seq_num           ? 
_entity_src_nat.common_name                ? 
_entity_src_nat.pdbx_organism_scientific   'Ustilago maydis' 
_entity_src_nat.pdbx_ncbi_taxonomy_id      5270 
_entity_src_nat.genus                      Ustilago 
_entity_src_nat.species                    ? 
_entity_src_nat.strain                     'P4 STRAIN OF USTILAGO MAYDIS SUBSTRAIN M2B' 
_entity_src_nat.tissue                     ? 
_entity_src_nat.tissue_fraction            ? 
_entity_src_nat.pdbx_secretion             ? 
_entity_src_nat.pdbx_fragment              ? 
_entity_src_nat.pdbx_variant               ? 
_entity_src_nat.pdbx_cell_line             ? 
_entity_src_nat.pdbx_atcc                  ? 
_entity_src_nat.pdbx_cellular_location     ? 
_entity_src_nat.pdbx_organ                 ? 
_entity_src_nat.pdbx_organelle             ? 
_entity_src_nat.pdbx_cell                  ? 
_entity_src_nat.pdbx_plasmid_name          ? 
_entity_src_nat.pdbx_plasmid_details       ? 
_entity_src_nat.details                    SECRETED 
# 
loop_
_chem_comp.id 
_chem_comp.type 
_chem_comp.mon_nstd_flag 
_chem_comp.name 
_chem_comp.pdbx_synonyms 
_chem_comp.formula 
_chem_comp.formula_weight 
ALA 'L-peptide linking' y ALANINE         ? 'C3 H7 N O2'     89.093  
ARG 'L-peptide linking' y ARGININE        ? 'C6 H15 N4 O2 1' 175.209 
ASN 'L-peptide linking' y ASPARAGINE      ? 'C4 H8 N2 O3'    132.118 
ASP 'L-peptide linking' y 'ASPARTIC ACID' ? 'C4 H7 N O4'     133.103 
CYS 'L-peptide linking' y CYSTEINE        ? 'C3 H7 N O2 S'   121.158 
GLN 'L-peptide linking' y GLUTAMINE       ? 'C5 H10 N2 O3'   146.144 
GLU 'L-peptide linking' y 'GLUTAMIC ACID' ? 'C5 H9 N O4'     147.129 
GLY 'peptide linking'   y GLYCINE         ? 'C2 H5 N O2'     75.067  
HIS 'L-peptide linking' y HISTIDINE       ? 'C6 H10 N3 O2 1' 156.162 
HOH non-polymer         . WATER           ? 'H2 O'           18.015  
ILE 'L-peptide linking' y ISOLEUCINE      ? 'C6 H13 N O2'    131.173 
LEU 'L-peptide linking' y LEUCINE         ? 'C6 H13 N O2'    131.173 
LYS 'L-peptide linking' y LYSINE          ? 'C6 H15 N2 O2 1' 147.195 
MET 'L-peptide linking' y METHIONINE      ? 'C5 H11 N O2 S'  149.211 
PRO 'L-peptide linking' y PROLINE         ? 'C5 H9 N O2'     115.130 
SER 'L-peptide linking' y SERINE          ? 'C3 H7 N O3'     105.093 
THR 'L-peptide linking' y THREONINE       ? 'C4 H9 N O3'     119.119 
TRP 'L-peptide linking' y TRYPTOPHAN      ? 'C11 H12 N2 O2'  204.225 
TYR 'L-peptide linking' y TYROSINE        ? 'C9 H11 N O3'    181.189 
VAL 'L-peptide linking' y VALINE          ? 'C5 H11 N O2'    117.146 
# 
loop_
_pdbx_poly_seq_scheme.asym_id 
_pdbx_poly_seq_scheme.entity_id 
_pdbx_poly_seq_scheme.seq_id 
_pdbx_poly_seq_scheme.mon_id 
_pdbx_poly_seq_scheme.ndb_seq_num 
_pdbx_poly_seq_scheme.pdb_seq_num 
_pdbx_poly_seq_scheme.auth_seq_num 
_pdbx_poly_seq_scheme.pdb_mon_id 
_pdbx_poly_seq_scheme.auth_mon_id 
_pdbx_poly_seq_scheme.pdb_strand_id 
_pdbx_poly_seq_scheme.pdb_ins_code 
_pdbx_poly_seq_scheme.hetero 
A 1 1   LEU 1   1   1   LEU LEU A . n 
A 1 2   GLY 2   2   2   GLY GLY A . n 
A 1 3   ILE 3   3   3   ILE ILE A . n 
A 1 4   ASN 4   4   4   ASN ASN A . n 
A 1 5   CYS 5   5   5   CYS CYS A . n 
A 1 6   ARG 6   6   6   ARG ARG A . n 
A 1 7   GLY 7   7   7   GLY GLY A . n 
A 1 8   SER 8   8   8   SER SER A . n 
A 1 9   SER 9   9   9   SER SER A . n 
A 1 10  GLN 10  10  10  GLN GLN A . n 
A 1 11  CYS 11  11  11  CYS CYS A . n 
A 1 12  GLY 12  12  12  GLY GLY A . n 
A 1 13  LEU 13  13  13  LEU LEU A . n 
A 1 14  SER 14  14  14  SER SER A . n 
A 1 15  GLY 15  15  15  GLY GLY A . n 
A 1 16  GLY 16  16  16  GLY GLY A . n 
A 1 17  ASN 17  17  17  ASN ASN A . n 
A 1 18  LEU 18  18  18  LEU LEU A . n 
A 1 19  MET 19  19  19  MET MET A . n 
A 1 20  VAL 20  20  20  VAL VAL A . n 
A 1 21  ARG 21  21  21  ARG ARG A . n 
A 1 22  ILE 22  22  22  ILE ILE A . n 
A 1 23  ARG 23  23  23  ARG ARG A . n 
A 1 24  ASP 24  24  24  ASP ASP A . n 
A 1 25  GLN 25  25  25  GLN GLN A . n 
A 1 26  ALA 26  26  26  ALA ALA A . n 
A 1 27  CYS 27  27  27  CYS CYS A . n 
A 1 28  GLY 28  28  28  GLY GLY A . n 
A 1 29  ASN 29  29  29  ASN ASN A . n 
A 1 30  GLN 30  30  30  GLN GLN A . n 
A 1 31  GLY 31  31  31  GLY GLY A . n 
A 1 32  GLN 32  32  32  GLN GLN A . n 
A 1 33  THR 33  33  33  THR THR A . n 
A 1 34  TRP 34  34  34  TRP TRP A . n 
A 1 35  CYS 35  35  35  CYS CYS A . n 
A 1 36  PRO 36  36  36  PRO PRO A . n 
A 1 37  GLY 37  37  37  GLY GLY A . n 
A 1 38  GLU 38  38  38  GLU GLU A . n 
A 1 39  ARG 39  39  39  ARG ARG A . n 
A 1 40  ARG 40  40  40  ARG ARG A . n 
A 1 41  ALA 41  41  41  ALA ALA A . n 
A 1 42  LYS 42  42  42  LYS LYS A . n 
A 1 43  VAL 43  43  43  VAL VAL A . n 
A 1 44  CYS 44  44  44  CYS CYS A . n 
A 1 45  GLY 45  45  45  GLY GLY A . n 
A 1 46  THR 46  46  46  THR THR A . n 
A 1 47  GLY 47  47  47  GLY GLY A . n 
A 1 48  ASN 48  48  48  ASN ASN A . n 
A 1 49  SER 49  49  49  SER SER A . n 
A 1 50  ILE 50  50  50  ILE ILE A . n 
A 1 51  SER 51  51  51  SER SER A . n 
A 1 52  ALA 52  52  52  ALA ALA A . n 
A 1 53  TYR 53  53  53  TYR TYR A . n 
A 1 54  VAL 54  54  54  VAL VAL A . n 
A 1 55  GLN 55  55  55  GLN GLN A . n 
A 1 56  SER 56  56  56  SER SER A . n 
A 1 57  THR 57  57  57  THR THR A . n 
A 1 58  ASN 58  58  58  ASN ASN A . n 
A 1 59  ASN 59  59  59  ASN ASN A . n 
A 1 60  CYS 60  60  60  CYS CYS A . n 
A 1 61  ILE 61  61  61  ILE ILE A . n 
A 1 62  SER 62  62  62  SER SER A . n 
A 1 63  GLY 63  63  63  GLY GLY A . n 
A 1 64  THR 64  64  64  THR THR A . n 
A 1 65  GLU 65  65  65  GLU GLU A . n 
A 1 66  ALA 66  66  66  ALA ALA A . n 
A 1 67  CYS 67  67  67  CYS CYS A . n 
A 1 68  ARG 68  68  68  ARG ARG A . n 
A 1 69  HIS 69  69  69  HIS HIS A . n 
A 1 70  LEU 70  70  70  LEU LEU A . n 
A 1 71  THR 71  71  71  THR THR A . n 
A 1 72  ASN 72  72  72  ASN ASN A . n 
A 1 73  LEU 73  73  73  LEU LEU A . n 
A 1 74  VAL 74  74  74  VAL VAL A . n 
A 1 75  ASN 75  75  75  ASN ASN A . n 
A 1 76  HIS 76  76  76  HIS HIS A . n 
A 1 77  GLY 77  77  77  GLY GLY A . n 
A 1 78  CYS 78  78  78  CYS CYS A . n 
A 1 79  ARG 79  79  79  ARG ARG A . n 
A 1 80  VAL 80  80  80  VAL VAL A . n 
A 1 81  CYS 81  81  81  CYS CYS A . n 
A 1 82  GLY 82  82  82  GLY GLY A . n 
A 1 83  SER 83  83  83  SER SER A . n 
A 1 84  ASP 84  84  84  ASP ASP A . n 
A 1 85  PRO 85  85  85  PRO PRO A . n 
A 1 86  LEU 86  86  86  LEU LEU A . n 
A 1 87  TYR 87  87  87  TYR TYR A . n 
A 1 88  ALA 88  88  88  ALA ALA A . n 
A 1 89  GLY 89  89  89  GLY GLY A . n 
A 1 90  ASN 90  90  90  ASN ASN A . n 
A 1 91  ASP 91  91  91  ASP ASP A . n 
A 1 92  VAL 92  92  92  VAL VAL A . n 
A 1 93  SER 93  93  93  SER SER A . n 
A 1 94  ARG 94  94  94  ARG ARG A . n 
A 1 95  GLY 95  95  95  GLY GLY A . n 
A 1 96  GLN 96  96  96  GLN GLN A . n 
A 1 97  LEU 97  97  97  LEU LEU A . n 
A 1 98  THR 98  98  98  THR THR A . n 
A 1 99  VAL 99  99  99  VAL VAL A . n 
A 1 100 ASN 100 100 100 ASN ASN A . n 
A 1 101 TYR 101 101 101 TYR TYR A . n 
A 1 102 VAL 102 102 102 VAL VAL A . n 
A 1 103 ASN 103 103 103 ASN ASN A . n 
A 1 104 SER 104 104 104 SER SER A . n 
A 1 105 CYS 105 105 105 CYS CYS A . n 
B 1 1   LEU 1   1   1   LEU LEU B . n 
B 1 2   GLY 2   2   2   GLY GLY B . n 
B 1 3   ILE 3   3   3   ILE ILE B . n 
B 1 4   ASN 4   4   4   ASN ASN B . n 
B 1 5   CYS 5   5   5   CYS CYS B . n 
B 1 6   ARG 6   6   6   ARG ARG B . n 
B 1 7   GLY 7   7   7   GLY GLY B . n 
B 1 8   SER 8   8   8   SER SER B . n 
B 1 9   SER 9   9   9   SER SER B . n 
B 1 10  GLN 10  10  10  GLN GLN B . n 
B 1 11  CYS 11  11  11  CYS CYS B . n 
B 1 12  GLY 12  12  12  GLY GLY B . n 
B 1 13  LEU 13  13  13  LEU LEU B . n 
B 1 14  SER 14  14  14  SER SER B . n 
B 1 15  GLY 15  15  15  GLY GLY B . n 
B 1 16  GLY 16  16  16  GLY GLY B . n 
B 1 17  ASN 17  17  17  ASN ASN B . n 
B 1 18  LEU 18  18  18  LEU LEU B . n 
B 1 19  MET 19  19  19  MET MET B . n 
B 1 20  VAL 20  20  20  VAL VAL B . n 
B 1 21  ARG 21  21  21  ARG ARG B . n 
B 1 22  ILE 22  22  22  ILE ILE B . n 
B 1 23  ARG 23  23  23  ARG ARG B . n 
B 1 24  ASP 24  24  24  ASP ASP B . n 
B 1 25  GLN 25  25  25  GLN GLN B . n 
B 1 26  ALA 26  26  26  ALA ALA B . n 
B 1 27  CYS 27  27  27  CYS CYS B . n 
B 1 28  GLY 28  28  28  GLY GLY B . n 
B 1 29  ASN 29  29  29  ASN ASN B . n 
B 1 30  GLN 30  30  30  GLN GLN B . n 
B 1 31  GLY 31  31  31  GLY GLY B . n 
B 1 32  GLN 32  32  32  GLN GLN B . n 
B 1 33  THR 33  33  33  THR THR B . n 
B 1 34  TRP 34  34  34  TRP TRP B . n 
B 1 35  CYS 35  35  35  CYS CYS B . n 
B 1 36  PRO 36  36  36  PRO PRO B . n 
B 1 37  GLY 37  37  37  GLY GLY B . n 
B 1 38  GLU 38  38  38  GLU GLU B . n 
B 1 39  ARG 39  39  39  ARG ARG B . n 
B 1 40  ARG 40  40  40  ARG ARG B . n 
B 1 41  ALA 41  41  41  ALA ALA B . n 
B 1 42  LYS 42  42  42  LYS LYS B . n 
B 1 43  VAL 43  43  43  VAL VAL B . n 
B 1 44  CYS 44  44  44  CYS CYS B . n 
B 1 45  GLY 45  45  45  GLY GLY B . n 
B 1 46  THR 46  46  46  THR THR B . n 
B 1 47  GLY 47  47  47  GLY GLY B . n 
B 1 48  ASN 48  48  48  ASN ASN B . n 
B 1 49  SER 49  49  49  SER SER B . n 
B 1 50  ILE 50  50  50  ILE ILE B . n 
B 1 51  SER 51  51  51  SER SER B . n 
B 1 52  ALA 52  52  52  ALA ALA B . n 
B 1 53  TYR 53  53  53  TYR TYR B . n 
B 1 54  VAL 54  54  54  VAL VAL B . n 
B 1 55  GLN 55  55  55  GLN GLN B . n 
B 1 56  SER 56  56  56  SER SER B . n 
B 1 57  THR 57  57  57  THR THR B . n 
B 1 58  ASN 58  58  58  ASN ASN B . n 
B 1 59  ASN 59  59  59  ASN ASN B . n 
B 1 60  CYS 60  60  60  CYS CYS B . n 
B 1 61  ILE 61  61  61  ILE ILE B . n 
B 1 62  SER 62  62  62  SER SER B . n 
B 1 63  GLY 63  63  63  GLY GLY B . n 
B 1 64  THR 64  64  64  THR THR B . n 
B 1 65  GLU 65  65  65  GLU GLU B . n 
B 1 66  ALA 66  66  66  ALA ALA B . n 
B 1 67  CYS 67  67  67  CYS CYS B . n 
B 1 68  ARG 68  68  68  ARG ARG B . n 
B 1 69  HIS 69  69  69  HIS HIS B . n 
B 1 70  LEU 70  70  70  LEU LEU B . n 
B 1 71  THR 71  71  71  THR THR B . n 
B 1 72  ASN 72  72  72  ASN ASN B . n 
B 1 73  LEU 73  73  73  LEU LEU B . n 
B 1 74  VAL 74  74  74  VAL VAL B . n 
B 1 75  ASN 75  75  75  ASN ASN B . n 
B 1 76  HIS 76  76  76  HIS HIS B . n 
B 1 77  GLY 77  77  77  GLY GLY B . n 
B 1 78  CYS 78  78  78  CYS CYS B . n 
B 1 79  ARG 79  79  79  ARG ARG B . n 
B 1 80  VAL 80  80  80  VAL VAL B . n 
B 1 81  CYS 81  81  81  CYS CYS B . n 
B 1 82  GLY 82  82  82  GLY GLY B . n 
B 1 83  SER 83  83  83  SER SER B . n 
B 1 84  ASP 84  84  84  ASP ASP B . n 
B 1 85  PRO 85  85  85  PRO PRO B . n 
B 1 86  LEU 86  86  86  LEU LEU B . n 
B 1 87  TYR 87  87  87  TYR TYR B . n 
B 1 88  ALA 88  88  88  ALA ALA B . n 
B 1 89  GLY 89  89  89  GLY GLY B . n 
B 1 90  ASN 90  90  90  ASN ASN B . n 
B 1 91  ASP 91  91  91  ASP ASP B . n 
B 1 92  VAL 92  92  92  VAL VAL B . n 
B 1 93  SER 93  93  93  SER SER B . n 
B 1 94  ARG 94  94  94  ARG ARG B . n 
B 1 95  GLY 95  95  95  GLY GLY B . n 
B 1 96  GLN 96  96  96  GLN GLN B . n 
B 1 97  LEU 97  97  97  LEU LEU B . n 
B 1 98  THR 98  98  98  THR THR B . n 
B 1 99  VAL 99  99  99  VAL VAL B . n 
B 1 100 ASN 100 100 100 ASN ASN B . n 
B 1 101 TYR 101 101 101 TYR TYR B . n 
B 1 102 VAL 102 102 102 VAL VAL B . n 
B 1 103 ASN 103 103 103 ASN ASN B . n 
B 1 104 SER 104 104 104 SER SER B . n 
B 1 105 CYS 105 105 105 CYS CYS B . n 
# 
loop_
_pdbx_nonpoly_scheme.asym_id 
_pdbx_nonpoly_scheme.entity_id 
_pdbx_nonpoly_scheme.mon_id 
_pdbx_nonpoly_scheme.ndb_seq_num 
_pdbx_nonpoly_scheme.pdb_seq_num 
_pdbx_nonpoly_scheme.auth_seq_num 
_pdbx_nonpoly_scheme.pdb_mon_id 
_pdbx_nonpoly_scheme.auth_mon_id 
_pdbx_nonpoly_scheme.pdb_strand_id 
_pdbx_nonpoly_scheme.pdb_ins_code 
C 2 HOH 1  106 2   HOH HOH A . 
C 2 HOH 2  107 3   HOH HOH A . 
C 2 HOH 3  108 4   HOH HOH A . 
C 2 HOH 4  109 5   HOH HOH A . 
C 2 HOH 5  110 6   HOH HOH A . 
C 2 HOH 6  111 7   HOH HOH A . 
C 2 HOH 7  112 9   HOH HOH A . 
C 2 HOH 8  113 12  HOH HOH A . 
C 2 HOH 9  114 17  HOH HOH A . 
C 2 HOH 10 115 20  HOH HOH A . 
C 2 HOH 11 116 21  HOH HOH A . 
C 2 HOH 12 117 26  HOH HOH A . 
C 2 HOH 13 118 27  HOH HOH A . 
C 2 HOH 14 119 28  HOH HOH A . 
C 2 HOH 15 120 31  HOH HOH A . 
C 2 HOH 16 121 32  HOH HOH A . 
C 2 HOH 17 122 35  HOH HOH A . 
C 2 HOH 18 123 38  HOH HOH A . 
C 2 HOH 19 124 44  HOH HOH A . 
C 2 HOH 20 125 46  HOH HOH A . 
C 2 HOH 21 126 47  HOH HOH A . 
C 2 HOH 22 127 48  HOH HOH A . 
C 2 HOH 23 128 50  HOH HOH A . 
C 2 HOH 24 129 55  HOH HOH A . 
C 2 HOH 25 130 56  HOH HOH A . 
C 2 HOH 26 131 64  HOH HOH A . 
C 2 HOH 27 132 66  HOH HOH A . 
C 2 HOH 28 133 70  HOH HOH A . 
C 2 HOH 29 134 73  HOH HOH A . 
C 2 HOH 30 135 75  HOH HOH A . 
C 2 HOH 31 136 81  HOH HOH A . 
C 2 HOH 32 137 82  HOH HOH A . 
C 2 HOH 33 138 84  HOH HOH A . 
C 2 HOH 34 139 86  HOH HOH A . 
C 2 HOH 35 140 87  HOH HOH A . 
C 2 HOH 36 141 88  HOH HOH A . 
C 2 HOH 37 142 89  HOH HOH A . 
C 2 HOH 38 143 91  HOH HOH A . 
C 2 HOH 39 144 93  HOH HOH A . 
C 2 HOH 40 145 94  HOH HOH A . 
C 2 HOH 41 146 95  HOH HOH A . 
C 2 HOH 42 147 96  HOH HOH A . 
C 2 HOH 43 148 97  HOH HOH A . 
C 2 HOH 44 149 98  HOH HOH A . 
C 2 HOH 45 150 100 HOH HOH A . 
C 2 HOH 46 151 102 HOH HOH A . 
C 2 HOH 47 152 103 HOH HOH A . 
C 2 HOH 48 153 104 HOH HOH A . 
C 2 HOH 49 154 105 HOH HOH A . 
C 2 HOH 50 155 106 HOH HOH A . 
C 2 HOH 51 156 107 HOH HOH A . 
C 2 HOH 52 157 112 HOH HOH A . 
C 2 HOH 53 158 114 HOH HOH A . 
C 2 HOH 54 159 115 HOH HOH A . 
C 2 HOH 55 160 118 HOH HOH A . 
C 2 HOH 56 161 120 HOH HOH A . 
C 2 HOH 57 162 123 HOH HOH A . 
C 2 HOH 58 163 125 HOH HOH A . 
C 2 HOH 59 164 126 HOH HOH A . 
C 2 HOH 60 165 127 HOH HOH A . 
C 2 HOH 61 166 128 HOH HOH A . 
C 2 HOH 62 167 129 HOH HOH A . 
C 2 HOH 63 168 131 HOH HOH A . 
C 2 HOH 64 169 135 HOH HOH A . 
C 2 HOH 65 170 140 HOH HOH A . 
D 2 HOH 1  106 1   HOH HOH B . 
D 2 HOH 2  107 8   HOH HOH B . 
D 2 HOH 3  108 10  HOH HOH B . 
D 2 HOH 4  109 11  HOH HOH B . 
D 2 HOH 5  110 13  HOH HOH B . 
D 2 HOH 6  111 14  HOH HOH B . 
D 2 HOH 7  112 15  HOH HOH B . 
D 2 HOH 8  113 16  HOH HOH B . 
D 2 HOH 9  114 18  HOH HOH B . 
D 2 HOH 10 115 19  HOH HOH B . 
D 2 HOH 11 116 22  HOH HOH B . 
D 2 HOH 12 117 23  HOH HOH B . 
D 2 HOH 13 118 24  HOH HOH B . 
D 2 HOH 14 119 25  HOH HOH B . 
D 2 HOH 15 120 29  HOH HOH B . 
D 2 HOH 16 121 30  HOH HOH B . 
D 2 HOH 17 122 33  HOH HOH B . 
D 2 HOH 18 123 34  HOH HOH B . 
D 2 HOH 19 124 36  HOH HOH B . 
D 2 HOH 20 125 37  HOH HOH B . 
D 2 HOH 21 126 39  HOH HOH B . 
D 2 HOH 22 127 40  HOH HOH B . 
D 2 HOH 23 128 41  HOH HOH B . 
D 2 HOH 24 129 42  HOH HOH B . 
D 2 HOH 25 130 43  HOH HOH B . 
D 2 HOH 26 131 45  HOH HOH B . 
D 2 HOH 27 132 49  HOH HOH B . 
D 2 HOH 28 133 51  HOH HOH B . 
D 2 HOH 29 134 52  HOH HOH B . 
D 2 HOH 30 135 53  HOH HOH B . 
D 2 HOH 31 136 54  HOH HOH B . 
D 2 HOH 32 137 57  HOH HOH B . 
D 2 HOH 33 138 58  HOH HOH B . 
D 2 HOH 34 139 59  HOH HOH B . 
D 2 HOH 35 140 60  HOH HOH B . 
D 2 HOH 36 141 61  HOH HOH B . 
D 2 HOH 37 142 62  HOH HOH B . 
D 2 HOH 38 143 63  HOH HOH B . 
D 2 HOH 39 144 65  HOH HOH B . 
D 2 HOH 40 145 67  HOH HOH B . 
D 2 HOH 41 146 68  HOH HOH B . 
D 2 HOH 42 147 69  HOH HOH B . 
D 2 HOH 43 148 71  HOH HOH B . 
D 2 HOH 44 149 72  HOH HOH B . 
D 2 HOH 45 150 74  HOH HOH B . 
D 2 HOH 46 151 76  HOH HOH B . 
D 2 HOH 47 152 77  HOH HOH B . 
D 2 HOH 48 153 78  HOH HOH B . 
D 2 HOH 49 154 79  HOH HOH B . 
D 2 HOH 50 155 80  HOH HOH B . 
D 2 HOH 51 156 83  HOH HOH B . 
D 2 HOH 52 157 85  HOH HOH B . 
D 2 HOH 53 158 90  HOH HOH B . 
D 2 HOH 54 159 92  HOH HOH B . 
D 2 HOH 55 160 99  HOH HOH B . 
D 2 HOH 56 161 101 HOH HOH B . 
D 2 HOH 57 162 108 HOH HOH B . 
D 2 HOH 58 163 109 HOH HOH B . 
D 2 HOH 59 164 110 HOH HOH B . 
D 2 HOH 60 165 111 HOH HOH B . 
D 2 HOH 61 166 113 HOH HOH B . 
D 2 HOH 62 167 116 HOH HOH B . 
D 2 HOH 63 168 117 HOH HOH B . 
D 2 HOH 64 169 119 HOH HOH B . 
D 2 HOH 65 170 121 HOH HOH B . 
D 2 HOH 66 171 122 HOH HOH B . 
D 2 HOH 67 172 124 HOH HOH B . 
D 2 HOH 68 173 130 HOH HOH B . 
D 2 HOH 69 174 132 HOH HOH B . 
D 2 HOH 70 175 133 HOH HOH B . 
D 2 HOH 71 176 134 HOH HOH B . 
D 2 HOH 72 177 136 HOH HOH B . 
D 2 HOH 73 178 137 HOH HOH B . 
D 2 HOH 74 179 138 HOH HOH B . 
D 2 HOH 75 180 139 HOH HOH B . 
# 
loop_
_software.name 
_software.classification 
_software.version 
_software.citation_id 
_software.pdbx_ordinal 
DENZO     'data reduction' . ? 1 
SCALEPACK 'data scaling'   . ? 2 
X-PLOR    'model building' . ? 3 
X-PLOR    refinement       . ? 4 
X-PLOR    phasing          . ? 5 
# 
_cell.entry_id           1KPT 
_cell.length_a           26.140 
_cell.length_b           63.760 
_cell.length_c           53.620 
_cell.angle_alpha        90.00 
_cell.angle_beta         92.20 
_cell.angle_gamma        90.00 
_cell.Z_PDB              4 
_cell.pdbx_unique_axis   ? 
# 
_symmetry.entry_id                         1KPT 
_symmetry.space_group_name_H-M             'P 1 21 1' 
_symmetry.pdbx_full_space_group_name_H-M   ? 
_symmetry.cell_setting                     ? 
_symmetry.Int_Tables_number                4 
# 
_exptl.entry_id          1KPT 
_exptl.method            'X-RAY DIFFRACTION' 
_exptl.crystals_number   1 
# 
_exptl_crystal.id                    1 
_exptl_crystal.density_meas          ? 
_exptl_crystal.density_Matthews      2.02 
_exptl_crystal.density_percent_sol   39.01 
_exptl_crystal.description           ? 
# 
_diffrn.id                     1 
_diffrn.ambient_temp           ? 
_diffrn.ambient_temp_details   ? 
_diffrn.crystal_id             1 
# 
_diffrn_detector.diffrn_id              1 
_diffrn_detector.detector               'IMAGE PLATE' 
_diffrn_detector.type                   'RIGAKU RAXIS' 
_diffrn_detector.pdbx_collection_date   1994-02-21 
_diffrn_detector.details                ? 
# 
_diffrn_radiation.diffrn_id                        1 
_diffrn_radiation.wavelength_id                    1 
_diffrn_radiation.pdbx_monochromatic_or_laue_m_l   M 
_diffrn_radiation.monochromator                    ? 
_diffrn_radiation.pdbx_diffrn_protocol             ? 
_diffrn_radiation.pdbx_scattering_type             x-ray 
# 
_diffrn_radiation_wavelength.id           1 
_diffrn_radiation_wavelength.wavelength   1.5418 
_diffrn_radiation_wavelength.wt           1.0 
# 
_diffrn_source.diffrn_id                   1 
_diffrn_source.source                      ? 
_diffrn_source.type                        ? 
_diffrn_source.pdbx_synchrotron_site       ? 
_diffrn_source.pdbx_synchrotron_beamline   ? 
_diffrn_source.pdbx_wavelength             ? 
_diffrn_source.pdbx_wavelength_list        1.5418 
# 
_reflns.entry_id                     1KPT 
_reflns.observed_criterion_sigma_I   3. 
_reflns.observed_criterion_sigma_F   ? 
_reflns.d_resolution_low             30. 
_reflns.d_resolution_high            1.7 
_reflns.number_obs                   15905 
_reflns.number_all                   ? 
_reflns.percent_possible_obs         88.7 
_reflns.pdbx_Rmerge_I_obs            0.052 
_reflns.pdbx_Rsym_value              ? 
_reflns.pdbx_netI_over_sigmaI        ? 
_reflns.B_iso_Wilson_estimate        ? 
_reflns.pdbx_redundancy              3. 
_reflns.pdbx_diffrn_id               1 
_reflns.pdbx_ordinal                 1 
# 
_refine.entry_id                                 1KPT 
_refine.ls_number_reflns_obs                     14697 
_refine.ls_number_reflns_all                     ? 
_refine.pdbx_ls_sigma_I                          ? 
_refine.pdbx_ls_sigma_F                          2.0 
_refine.pdbx_data_cutoff_high_absF               ? 
_refine.pdbx_data_cutoff_low_absF                ? 
_refine.pdbx_data_cutoff_high_rms_absF           ? 
_refine.ls_d_res_low                             6.0 
_refine.ls_d_res_high                            1.75 
_refine.ls_percent_reflns_obs                    84.7 
_refine.ls_R_factor_obs                          0.174 
_refine.ls_R_factor_all                          ? 
_refine.ls_R_factor_R_work                       0.174 
_refine.ls_R_factor_R_free                       0.216 
_refine.ls_R_factor_R_free_error                 ? 
_refine.ls_R_factor_R_free_error_details         ? 
_refine.ls_percent_reflns_R_free                 5.0 
_refine.ls_number_reflns_R_free                  ? 
_refine.ls_number_parameters                     ? 
_refine.ls_number_restraints                     ? 
_refine.occupancy_min                            ? 
_refine.occupancy_max                            ? 
_refine.B_iso_mean                               16.82 
_refine.aniso_B[1][1]                            ? 
_refine.aniso_B[2][2]                            ? 
_refine.aniso_B[3][3]                            ? 
_refine.aniso_B[1][2]                            ? 
_refine.aniso_B[1][3]                            ? 
_refine.aniso_B[2][3]                            ? 
_refine.solvent_model_details                    ? 
_refine.solvent_model_param_ksol                 ? 
_refine.solvent_model_param_bsol                 ? 
_refine.pdbx_ls_cross_valid_method               ? 
_refine.details                                  ? 
_refine.pdbx_starting_model                      ? 
_refine.pdbx_method_to_determine_struct          ? 
_refine.pdbx_isotropic_thermal_model             ? 
_refine.pdbx_stereochemistry_target_values       ? 
_refine.pdbx_stereochem_target_val_spec_case     ? 
_refine.pdbx_R_Free_selection_details            ? 
_refine.pdbx_overall_ESU_R                       ? 
_refine.pdbx_overall_ESU_R_Free                  ? 
_refine.overall_SU_ML                            ? 
_refine.overall_SU_B                             ? 
_refine.pdbx_refine_id                           'X-RAY DIFFRACTION' 
_refine.pdbx_diffrn_id                           1 
_refine.pdbx_TLS_residual_ADP_flag               ? 
_refine.correlation_coeff_Fo_to_Fc               ? 
_refine.correlation_coeff_Fo_to_Fc_free          ? 
_refine.pdbx_solvent_vdw_probe_radii             ? 
_refine.pdbx_solvent_ion_probe_radii             ? 
_refine.pdbx_solvent_shrinkage_radii             ? 
_refine.pdbx_overall_phase_error                 ? 
_refine.overall_SU_R_Cruickshank_DPI             ? 
_refine.pdbx_overall_SU_R_free_Cruickshank_DPI   ? 
_refine.pdbx_overall_SU_R_Blow_DPI               ? 
_refine.pdbx_overall_SU_R_free_Blow_DPI          ? 
# 
_refine_analyze.entry_id                        1KPT 
_refine_analyze.Luzzati_coordinate_error_obs    0.2 
_refine_analyze.Luzzati_sigma_a_obs             ? 
_refine_analyze.Luzzati_d_res_low_obs           ? 
_refine_analyze.Luzzati_coordinate_error_free   ? 
_refine_analyze.Luzzati_sigma_a_free            ? 
_refine_analyze.Luzzati_d_res_low_free          ? 
_refine_analyze.number_disordered_residues      ? 
_refine_analyze.occupancy_sum_hydrogen          ? 
_refine_analyze.occupancy_sum_non_hydrogen      ? 
_refine_analyze.pdbx_refine_id                  'X-RAY DIFFRACTION' 
# 
_refine_hist.pdbx_refine_id                   'X-RAY DIFFRACTION' 
_refine_hist.cycle_id                         LAST 
_refine_hist.pdbx_number_atoms_protein        1593 
_refine_hist.pdbx_number_atoms_nucleic_acid   0 
_refine_hist.pdbx_number_atoms_ligand         0 
_refine_hist.number_atoms_solvent             140 
_refine_hist.number_atoms_total               1733 
_refine_hist.d_res_high                       1.75 
_refine_hist.d_res_low                        6.0 
# 
loop_
_refine_ls_restr.type 
_refine_ls_restr.dev_ideal 
_refine_ls_restr.dev_ideal_target 
_refine_ls_restr.weight 
_refine_ls_restr.number 
_refine_ls_restr.pdbx_refine_id 
_refine_ls_restr.pdbx_restraint_function 
x_bond_d                0.007 ? ? ? 'X-RAY DIFFRACTION' ? 
x_bond_d_na             ?     ? ? ? 'X-RAY DIFFRACTION' ? 
x_bond_d_prot           ?     ? ? ? 'X-RAY DIFFRACTION' ? 
x_angle_d               ?     ? ? ? 'X-RAY DIFFRACTION' ? 
x_angle_d_na            ?     ? ? ? 'X-RAY DIFFRACTION' ? 
x_angle_d_prot          ?     ? ? ? 'X-RAY DIFFRACTION' ? 
x_angle_deg             1.323 ? ? ? 'X-RAY DIFFRACTION' ? 
x_angle_deg_na          ?     ? ? ? 'X-RAY DIFFRACTION' ? 
x_angle_deg_prot        ?     ? ? ? 'X-RAY DIFFRACTION' ? 
x_dihedral_angle_d      ?     ? ? ? 'X-RAY DIFFRACTION' ? 
x_dihedral_angle_d_na   ?     ? ? ? 'X-RAY DIFFRACTION' ? 
x_dihedral_angle_d_prot ?     ? ? ? 'X-RAY DIFFRACTION' ? 
x_improper_angle_d      ?     ? ? ? 'X-RAY DIFFRACTION' ? 
x_improper_angle_d_na   ?     ? ? ? 'X-RAY DIFFRACTION' ? 
x_improper_angle_d_prot ?     ? ? ? 'X-RAY DIFFRACTION' ? 
x_mcbond_it             ?     ? ? ? 'X-RAY DIFFRACTION' ? 
x_mcangle_it            ?     ? ? ? 'X-RAY DIFFRACTION' ? 
x_scbond_it             ?     ? ? ? 'X-RAY DIFFRACTION' ? 
x_scangle_it            ?     ? ? ? 'X-RAY DIFFRACTION' ? 
# 
_struct_ncs_oper.id             1 
_struct_ncs_oper.code           given 
_struct_ncs_oper.details        ? 
_struct_ncs_oper.matrix[1][1]   -0.79852944 
_struct_ncs_oper.matrix[1][2]   -0.56187222 
_struct_ncs_oper.matrix[1][3]   -0.21597889 
_struct_ncs_oper.matrix[2][1]   -0.56187222 
_struct_ncs_oper.matrix[2][2]   0.56691710 
_struct_ncs_oper.matrix[2][3]   0.60242127 
_struct_ncs_oper.matrix[3][1]   -0.21597889 
_struct_ncs_oper.matrix[3][2]   0.60242127 
_struct_ncs_oper.matrix[3][3]   -0.76838766 
_struct_ncs_oper.vector[1]      -0.06731 
_struct_ncs_oper.vector[2]      0.00147 
_struct_ncs_oper.vector[3]      -0.07076 
# 
_struct.entry_id                  1KPT 
_struct.title                     
'STRUCTURE AND FUNCTION OF A VIRALLY ENCODED FUNGAL TOXIN FROM USTILAGO MAYDIS: A FUNGAL AND MAMMALIAN CALCIUM CHANNEL INHIBITOR' 
_struct.pdbx_model_details        ? 
_struct.pdbx_CASP_flag            ? 
_struct.pdbx_model_type_details   ? 
# 
_struct_keywords.entry_id        1KPT 
_struct_keywords.pdbx_keywords   TOXIN 
_struct_keywords.text            
'KILLER TOXIN, VIRALLY ENCODED, SINGLE SUBUNIT, ALPHA/BETA FAMILY, LEFT-HANDED CROSSOVER, USTILAGO MAYDIS, FUNGAL TOXIN, TOXIN' 
# 
loop_
_struct_asym.id 
_struct_asym.pdbx_blank_PDB_chainid_flag 
_struct_asym.pdbx_modified 
_struct_asym.entity_id 
_struct_asym.details 
A N N 1 ? 
B N N 1 ? 
C N N 2 ? 
D N N 2 ? 
# 
_struct_ref.id                         1 
_struct_ref.db_name                    UNP 
_struct_ref.db_code                    KP4T_UMV4 
_struct_ref.entity_id                  1 
_struct_ref.pdbx_db_accession          Q90121 
_struct_ref.pdbx_align_begin           1 
_struct_ref.pdbx_seq_one_letter_code   
;MQIINVVYSFLFAAAMLPVVHSLGINCRGSSQCGLSGGNLMVRIRDQACGNQGQTWCPGERRAKVCGTGNSISAYVQSTN
NCISGTEACRHLTNLVNHGCRVCGSDPLYAGNDVSRGQLTVNYVNSC
;
_struct_ref.pdbx_db_isoform            ? 
# 
loop_
_struct_ref_seq.align_id 
_struct_ref_seq.ref_id 
_struct_ref_seq.pdbx_PDB_id_code 
_struct_ref_seq.pdbx_strand_id 
_struct_ref_seq.seq_align_beg 
_struct_ref_seq.pdbx_seq_align_beg_ins_code 
_struct_ref_seq.seq_align_end 
_struct_ref_seq.pdbx_seq_align_end_ins_code 
_struct_ref_seq.pdbx_db_accession 
_struct_ref_seq.db_align_beg 
_struct_ref_seq.pdbx_db_align_beg_ins_code 
_struct_ref_seq.db_align_end 
_struct_ref_seq.pdbx_db_align_end_ins_code 
_struct_ref_seq.pdbx_auth_seq_align_beg 
_struct_ref_seq.pdbx_auth_seq_align_end 
1 1 1KPT A 1 ? 105 ? Q90121 23 ? 127 ? 1 105 
2 1 1KPT B 1 ? 105 ? Q90121 23 ? 127 ? 1 105 
# 
_pdbx_struct_assembly.id                   1 
_pdbx_struct_assembly.details              author_defined_assembly 
_pdbx_struct_assembly.method_details       ? 
_pdbx_struct_assembly.oligomeric_details   dimeric 
_pdbx_struct_assembly.oligomeric_count     2 
# 
_pdbx_struct_assembly_gen.assembly_id       1 
_pdbx_struct_assembly_gen.oper_expression   1 
_pdbx_struct_assembly_gen.asym_id_list      A,B,C,D 
# 
_pdbx_struct_oper_list.id                   1 
_pdbx_struct_oper_list.type                 'identity operation' 
_pdbx_struct_oper_list.name                 1_555 
_pdbx_struct_oper_list.symmetry_operation   x,y,z 
_pdbx_struct_oper_list.matrix[1][1]         1.0000000000 
_pdbx_struct_oper_list.matrix[1][2]         0.0000000000 
_pdbx_struct_oper_list.matrix[1][3]         0.0000000000 
_pdbx_struct_oper_list.vector[1]            0.0000000000 
_pdbx_struct_oper_list.matrix[2][1]         0.0000000000 
_pdbx_struct_oper_list.matrix[2][2]         1.0000000000 
_pdbx_struct_oper_list.matrix[2][3]         0.0000000000 
_pdbx_struct_oper_list.vector[2]            0.0000000000 
_pdbx_struct_oper_list.matrix[3][1]         0.0000000000 
_pdbx_struct_oper_list.matrix[3][2]         0.0000000000 
_pdbx_struct_oper_list.matrix[3][3]         1.0000000000 
_pdbx_struct_oper_list.vector[3]            0.0000000000 
# 
_struct_biol.id   1 
# 
loop_
_struct_conf.conf_type_id 
_struct_conf.id 
_struct_conf.pdbx_PDB_helix_id 
_struct_conf.beg_label_comp_id 
_struct_conf.beg_label_asym_id 
_struct_conf.beg_label_seq_id 
_struct_conf.pdbx_beg_PDB_ins_code 
_struct_conf.end_label_comp_id 
_struct_conf.end_label_asym_id 
_struct_conf.end_label_seq_id 
_struct_conf.pdbx_end_PDB_ins_code 
_struct_conf.beg_auth_comp_id 
_struct_conf.beg_auth_asym_id 
_struct_conf.beg_auth_seq_id 
_struct_conf.end_auth_comp_id 
_struct_conf.end_auth_asym_id 
_struct_conf.end_auth_seq_id 
_struct_conf.pdbx_PDB_helix_class 
_struct_conf.details 
_struct_conf.pdbx_PDB_helix_length 
HELX_P HELX_P1 H1 SER A 8  ? LEU A 13 ? SER A 8  LEU A 13 1 ? 6  
HELX_P HELX_P2 H2 ASN A 17 ? ASN A 29 ? ASN A 17 ASN A 29 1 ? 13 
HELX_P HELX_P3 H3 GLY A 63 ? HIS A 76 ? GLY A 63 HIS A 76 1 ? 14 
HELX_P HELX_P4 H4 SER B 8  ? LEU B 13 ? SER B 8  LEU B 13 1 ? 6  
HELX_P HELX_P5 H5 ASN B 17 ? ASN B 29 ? ASN B 17 ASN B 29 1 ? 13 
HELX_P HELX_P6 H6 GLY B 63 ? HIS B 76 ? GLY B 63 HIS B 76 1 ? 14 
# 
_struct_conf_type.id          HELX_P 
_struct_conf_type.criteria    ? 
_struct_conf_type.reference   ? 
# 
loop_
_struct_conn.id 
_struct_conn.conn_type_id 
_struct_conn.pdbx_leaving_atom_flag 
_struct_conn.pdbx_PDB_id 
_struct_conn.ptnr1_label_asym_id 
_struct_conn.ptnr1_label_comp_id 
_struct_conn.ptnr1_label_seq_id 
_struct_conn.ptnr1_label_atom_id 
_struct_conn.pdbx_ptnr1_label_alt_id 
_struct_conn.pdbx_ptnr1_PDB_ins_code 
_struct_conn.pdbx_ptnr1_standard_comp_id 
_struct_conn.ptnr1_symmetry 
_struct_conn.ptnr2_label_asym_id 
_struct_conn.ptnr2_label_comp_id 
_struct_conn.ptnr2_label_seq_id 
_struct_conn.ptnr2_label_atom_id 
_struct_conn.pdbx_ptnr2_label_alt_id 
_struct_conn.pdbx_ptnr2_PDB_ins_code 
_struct_conn.ptnr1_auth_asym_id 
_struct_conn.ptnr1_auth_comp_id 
_struct_conn.ptnr1_auth_seq_id 
_struct_conn.ptnr2_auth_asym_id 
_struct_conn.ptnr2_auth_comp_id 
_struct_conn.ptnr2_auth_seq_id 
_struct_conn.ptnr2_symmetry 
_struct_conn.pdbx_ptnr3_label_atom_id 
_struct_conn.pdbx_ptnr3_label_seq_id 
_struct_conn.pdbx_ptnr3_label_comp_id 
_struct_conn.pdbx_ptnr3_label_asym_id 
_struct_conn.pdbx_ptnr3_label_alt_id 
_struct_conn.pdbx_ptnr3_PDB_ins_code 
_struct_conn.details 
_struct_conn.pdbx_dist_value 
_struct_conn.pdbx_value_order 
_struct_conn.pdbx_role 
disulf1  disulf ? ? A CYS 5  SG ? ? ? 1_555 A CYS 78  SG ? ? A CYS 5  A CYS 78  1_555 ? ? ? ? ? ? ? 2.038 ? ? 
disulf2  disulf ? ? A CYS 11 SG ? ? ? 1_555 A CYS 81  SG ? ? A CYS 11 A CYS 81  1_555 ? ? ? ? ? ? ? 2.032 ? ? 
disulf3  disulf ? ? A CYS 27 SG ? ? ? 1_555 A CYS 67  SG ? ? A CYS 27 A CYS 67  1_555 ? ? ? ? ? ? ? 2.020 ? ? 
disulf4  disulf ? ? A CYS 35 SG ? ? ? 1_555 A CYS 60  SG ? ? A CYS 35 A CYS 60  1_555 ? ? ? ? ? ? ? 2.012 ? ? 
disulf5  disulf ? ? A CYS 44 SG ? ? ? 1_555 A CYS 105 SG ? ? A CYS 44 A CYS 105 1_555 ? ? ? ? ? ? ? 2.033 ? ? 
disulf6  disulf ? ? B CYS 5  SG ? ? ? 1_555 B CYS 78  SG ? ? B CYS 5  B CYS 78  1_555 ? ? ? ? ? ? ? 2.038 ? ? 
disulf7  disulf ? ? B CYS 11 SG ? ? ? 1_555 B CYS 81  SG ? ? B CYS 11 B CYS 81  1_555 ? ? ? ? ? ? ? 2.040 ? ? 
disulf8  disulf ? ? B CYS 27 SG ? ? ? 1_555 B CYS 67  SG ? ? B CYS 27 B CYS 67  1_555 ? ? ? ? ? ? ? 2.030 ? ? 
disulf9  disulf ? ? B CYS 35 SG ? ? ? 1_555 B CYS 60  SG ? ? B CYS 35 B CYS 60  1_555 ? ? ? ? ? ? ? 2.023 ? ? 
disulf10 disulf ? ? B CYS 44 SG ? ? ? 1_555 B CYS 105 SG ? ? B CYS 44 B CYS 105 1_555 ? ? ? ? ? ? ? 2.020 ? ? 
# 
_struct_conn_type.id          disulf 
_struct_conn_type.criteria    ? 
_struct_conn_type.reference   ? 
# 
loop_
_pdbx_modification_feature.ordinal 
_pdbx_modification_feature.label_comp_id 
_pdbx_modification_feature.label_asym_id 
_pdbx_modification_feature.label_seq_id 
_pdbx_modification_feature.label_alt_id 
_pdbx_modification_feature.modified_residue_label_comp_id 
_pdbx_modification_feature.modified_residue_label_asym_id 
_pdbx_modification_feature.modified_residue_label_seq_id 
_pdbx_modification_feature.modified_residue_label_alt_id 
_pdbx_modification_feature.auth_comp_id 
_pdbx_modification_feature.auth_asym_id 
_pdbx_modification_feature.auth_seq_id 
_pdbx_modification_feature.PDB_ins_code 
_pdbx_modification_feature.symmetry 
_pdbx_modification_feature.modified_residue_auth_comp_id 
_pdbx_modification_feature.modified_residue_auth_asym_id 
_pdbx_modification_feature.modified_residue_auth_seq_id 
_pdbx_modification_feature.modified_residue_PDB_ins_code 
_pdbx_modification_feature.modified_residue_symmetry 
_pdbx_modification_feature.comp_id_linking_atom 
_pdbx_modification_feature.modified_residue_id_linking_atom 
_pdbx_modification_feature.modified_residue_id 
_pdbx_modification_feature.ref_pcm_id 
_pdbx_modification_feature.ref_comp_id 
_pdbx_modification_feature.type 
_pdbx_modification_feature.category 
1  CYS A 5  ? CYS A 78  ? CYS A 5  ? 1_555 CYS A 78  ? 1_555 SG SG . . . None 'Disulfide bridge' 
2  CYS A 11 ? CYS A 81  ? CYS A 11 ? 1_555 CYS A 81  ? 1_555 SG SG . . . None 'Disulfide bridge' 
3  CYS A 27 ? CYS A 67  ? CYS A 27 ? 1_555 CYS A 67  ? 1_555 SG SG . . . None 'Disulfide bridge' 
4  CYS A 35 ? CYS A 60  ? CYS A 35 ? 1_555 CYS A 60  ? 1_555 SG SG . . . None 'Disulfide bridge' 
5  CYS A 44 ? CYS A 105 ? CYS A 44 ? 1_555 CYS A 105 ? 1_555 SG SG . . . None 'Disulfide bridge' 
6  CYS B 5  ? CYS B 78  ? CYS B 5  ? 1_555 CYS B 78  ? 1_555 SG SG . . . None 'Disulfide bridge' 
7  CYS B 11 ? CYS B 81  ? CYS B 11 ? 1_555 CYS B 81  ? 1_555 SG SG . . . None 'Disulfide bridge' 
8  CYS B 27 ? CYS B 67  ? CYS B 27 ? 1_555 CYS B 67  ? 1_555 SG SG . . . None 'Disulfide bridge' 
9  CYS B 35 ? CYS B 60  ? CYS B 35 ? 1_555 CYS B 60  ? 1_555 SG SG . . . None 'Disulfide bridge' 
10 CYS B 44 ? CYS B 105 ? CYS B 44 ? 1_555 CYS B 105 ? 1_555 SG SG . . . None 'Disulfide bridge' 
# 
loop_
_struct_sheet.id 
_struct_sheet.type 
_struct_sheet.number_strands 
_struct_sheet.details 
B1 ? 5 ? 
B2 ? 2 ? 
B3 ? 5 ? 
B4 ? 2 ? 
# 
loop_
_struct_sheet_order.sheet_id 
_struct_sheet_order.range_id_1 
_struct_sheet_order.range_id_2 
_struct_sheet_order.offset 
_struct_sheet_order.sense 
B1 1 2 ? anti-parallel 
B1 2 3 ? anti-parallel 
B1 3 4 ? anti-parallel 
B1 4 5 ? anti-parallel 
B2 1 2 ? anti-parallel 
B3 1 2 ? anti-parallel 
B3 2 3 ? anti-parallel 
B3 3 4 ? anti-parallel 
B3 4 5 ? anti-parallel 
B4 1 2 ? anti-parallel 
# 
loop_
_struct_sheet_range.sheet_id 
_struct_sheet_range.id 
_struct_sheet_range.beg_label_comp_id 
_struct_sheet_range.beg_label_asym_id 
_struct_sheet_range.beg_label_seq_id 
_struct_sheet_range.pdbx_beg_PDB_ins_code 
_struct_sheet_range.end_label_comp_id 
_struct_sheet_range.end_label_asym_id 
_struct_sheet_range.end_label_seq_id 
_struct_sheet_range.pdbx_end_PDB_ins_code 
_struct_sheet_range.beg_auth_comp_id 
_struct_sheet_range.beg_auth_asym_id 
_struct_sheet_range.beg_auth_seq_id 
_struct_sheet_range.end_auth_comp_id 
_struct_sheet_range.end_auth_asym_id 
_struct_sheet_range.end_auth_seq_id 
B1 1 ILE A 3  ? ASN A 4   ? ILE A 3  ASN A 4   
B1 2 CYS A 81 ? ASP A 84  ? CYS A 81 ASP A 84  
B1 3 GLN A 96 ? TYR A 101 ? GLN A 96 TYR A 101 
B1 4 ASN A 48 ? GLN A 55  ? ASN A 48 GLN A 55  
B1 5 ALA A 41 ? VAL A 43  ? ALA A 41 VAL A 43  
B2 1 GLN A 32 ? TRP A 34  ? GLN A 32 TRP A 34  
B2 2 CYS A 60 ? SER A 62  ? CYS A 60 SER A 62  
B3 1 ILE B 3  ? ASN B 4   ? ILE B 3  ASN B 4   
B3 2 CYS B 81 ? ASP B 84  ? CYS B 81 ASP B 84  
B3 3 GLN B 96 ? TYR B 101 ? GLN B 96 TYR B 101 
B3 4 ASN B 48 ? GLN B 55  ? ASN B 48 GLN B 55  
B3 5 ALA B 41 ? VAL B 43  ? ALA B 41 VAL B 43  
B4 1 GLN B 32 ? TRP B 34  ? GLN B 32 TRP B 34  
B4 2 CYS B 60 ? SER B 62  ? CYS B 60 SER B 62  
# 
loop_
_pdbx_struct_sheet_hbond.sheet_id 
_pdbx_struct_sheet_hbond.range_id_1 
_pdbx_struct_sheet_hbond.range_id_2 
_pdbx_struct_sheet_hbond.range_1_label_atom_id 
_pdbx_struct_sheet_hbond.range_1_label_comp_id 
_pdbx_struct_sheet_hbond.range_1_label_asym_id 
_pdbx_struct_sheet_hbond.range_1_label_seq_id 
_pdbx_struct_sheet_hbond.range_1_PDB_ins_code 
_pdbx_struct_sheet_hbond.range_1_auth_atom_id 
_pdbx_struct_sheet_hbond.range_1_auth_comp_id 
_pdbx_struct_sheet_hbond.range_1_auth_asym_id 
_pdbx_struct_sheet_hbond.range_1_auth_seq_id 
_pdbx_struct_sheet_hbond.range_2_label_atom_id 
_pdbx_struct_sheet_hbond.range_2_label_comp_id 
_pdbx_struct_sheet_hbond.range_2_label_asym_id 
_pdbx_struct_sheet_hbond.range_2_label_seq_id 
_pdbx_struct_sheet_hbond.range_2_PDB_ins_code 
_pdbx_struct_sheet_hbond.range_2_auth_atom_id 
_pdbx_struct_sheet_hbond.range_2_auth_comp_id 
_pdbx_struct_sheet_hbond.range_2_auth_asym_id 
_pdbx_struct_sheet_hbond.range_2_auth_seq_id 
B1 1 2 N ASN A 4  ? N ASN A 4  O SER A 83 ? O SER A 83 
B1 2 3 N GLY A 82 ? N GLY A 82 O VAL A 99 ? O VAL A 99 
B1 3 4 N THR A 98 ? N THR A 98 O TYR A 53 ? O TYR A 53 
B1 4 5 N ALA A 52 ? N ALA A 52 O ALA A 41 ? O ALA A 41 
B2 1 2 O TRP A 34 ? O TRP A 34 N ILE A 61 ? N ILE A 61 
B3 1 2 N ASN B 4  ? N ASN B 4  O SER B 83 ? O SER B 83 
B3 2 3 N GLY B 82 ? N GLY B 82 O VAL B 99 ? O VAL B 99 
B3 3 4 N THR B 98 ? N THR B 98 O TYR B 53 ? O TYR B 53 
B3 4 5 N ALA B 52 ? N ALA B 52 O ALA B 41 ? O ALA B 41 
B4 1 2 O TRP B 34 ? O TRP B 34 N ILE B 61 ? N ILE B 61 
# 
_pdbx_entry_details.entry_id                   1KPT 
_pdbx_entry_details.compound_details           ? 
_pdbx_entry_details.source_details             ? 
_pdbx_entry_details.nonpolymer_details         ? 
_pdbx_entry_details.sequence_details           ? 
_pdbx_entry_details.has_ligand_of_interest     ? 
_pdbx_entry_details.has_protein_modification   Y 
# 
_pdbx_validate_rmsd_bond.id                        1 
_pdbx_validate_rmsd_bond.PDB_model_num             1 
_pdbx_validate_rmsd_bond.auth_atom_id_1            C 
_pdbx_validate_rmsd_bond.auth_asym_id_1            A 
_pdbx_validate_rmsd_bond.auth_comp_id_1            CYS 
_pdbx_validate_rmsd_bond.auth_seq_id_1             105 
_pdbx_validate_rmsd_bond.PDB_ins_code_1            ? 
_pdbx_validate_rmsd_bond.label_alt_id_1            ? 
_pdbx_validate_rmsd_bond.auth_atom_id_2            O 
_pdbx_validate_rmsd_bond.auth_asym_id_2            A 
_pdbx_validate_rmsd_bond.auth_comp_id_2            CYS 
_pdbx_validate_rmsd_bond.auth_seq_id_2             105 
_pdbx_validate_rmsd_bond.PDB_ins_code_2            ? 
_pdbx_validate_rmsd_bond.label_alt_id_2            B 
_pdbx_validate_rmsd_bond.bond_value                1.107 
_pdbx_validate_rmsd_bond.bond_target_value         1.229 
_pdbx_validate_rmsd_bond.bond_deviation            -0.122 
_pdbx_validate_rmsd_bond.bond_standard_deviation   0.019 
_pdbx_validate_rmsd_bond.linker_flag               N 
# 
loop_
_pdbx_validate_torsion.id 
_pdbx_validate_torsion.PDB_model_num 
_pdbx_validate_torsion.auth_comp_id 
_pdbx_validate_torsion.auth_asym_id 
_pdbx_validate_torsion.auth_seq_id 
_pdbx_validate_torsion.PDB_ins_code 
_pdbx_validate_torsion.label_alt_id 
_pdbx_validate_torsion.phi 
_pdbx_validate_torsion.psi 
1 1 ASN A 103 ? ? -82.02  34.05  
2 1 VAL B 80  ? ? -132.87 -49.84 
3 1 ASN B 103 ? ? -75.17  28.09  
# 
loop_
_chem_comp_atom.comp_id 
_chem_comp_atom.atom_id 
_chem_comp_atom.type_symbol 
_chem_comp_atom.pdbx_aromatic_flag 
_chem_comp_atom.pdbx_stereo_config 
_chem_comp_atom.pdbx_ordinal 
ALA N    N N N 1   
ALA CA   C N S 2   
ALA C    C N N 3   
ALA O    O N N 4   
ALA CB   C N N 5   
ALA OXT  O N N 6   
ALA H    H N N 7   
ALA H2   H N N 8   
ALA HA   H N N 9   
ALA HB1  H N N 10  
ALA HB2  H N N 11  
ALA HB3  H N N 12  
ALA HXT  H N N 13  
ARG N    N N N 14  
ARG CA   C N S 15  
ARG C    C N N 16  
ARG O    O N N 17  
ARG CB   C N N 18  
ARG CG   C N N 19  
ARG CD   C N N 20  
ARG NE   N N N 21  
ARG CZ   C N N 22  
ARG NH1  N N N 23  
ARG NH2  N N N 24  
ARG OXT  O N N 25  
ARG H    H N N 26  
ARG H2   H N N 27  
ARG HA   H N N 28  
ARG HB2  H N N 29  
ARG HB3  H N N 30  
ARG HG2  H N N 31  
ARG HG3  H N N 32  
ARG HD2  H N N 33  
ARG HD3  H N N 34  
ARG HE   H N N 35  
ARG HH11 H N N 36  
ARG HH12 H N N 37  
ARG HH21 H N N 38  
ARG HH22 H N N 39  
ARG HXT  H N N 40  
ASN N    N N N 41  
ASN CA   C N S 42  
ASN C    C N N 43  
ASN O    O N N 44  
ASN CB   C N N 45  
ASN CG   C N N 46  
ASN OD1  O N N 47  
ASN ND2  N N N 48  
ASN OXT  O N N 49  
ASN H    H N N 50  
ASN H2   H N N 51  
ASN HA   H N N 52  
ASN HB2  H N N 53  
ASN HB3  H N N 54  
ASN HD21 H N N 55  
ASN HD22 H N N 56  
ASN HXT  H N N 57  
ASP N    N N N 58  
ASP CA   C N S 59  
ASP C    C N N 60  
ASP O    O N N 61  
ASP CB   C N N 62  
ASP CG   C N N 63  
ASP OD1  O N N 64  
ASP OD2  O N N 65  
ASP OXT  O N N 66  
ASP H    H N N 67  
ASP H2   H N N 68  
ASP HA   H N N 69  
ASP HB2  H N N 70  
ASP HB3  H N N 71  
ASP HD2  H N N 72  
ASP HXT  H N N 73  
CYS N    N N N 74  
CYS CA   C N R 75  
CYS C    C N N 76  
CYS O    O N N 77  
CYS CB   C N N 78  
CYS SG   S N N 79  
CYS OXT  O N N 80  
CYS H    H N N 81  
CYS H2   H N N 82  
CYS HA   H N N 83  
CYS HB2  H N N 84  
CYS HB3  H N N 85  
CYS HG   H N N 86  
CYS HXT  H N N 87  
GLN N    N N N 88  
GLN CA   C N S 89  
GLN C    C N N 90  
GLN O    O N N 91  
GLN CB   C N N 92  
GLN CG   C N N 93  
GLN CD   C N N 94  
GLN OE1  O N N 95  
GLN NE2  N N N 96  
GLN OXT  O N N 97  
GLN H    H N N 98  
GLN H2   H N N 99  
GLN HA   H N N 100 
GLN HB2  H N N 101 
GLN HB3  H N N 102 
GLN HG2  H N N 103 
GLN HG3  H N N 104 
GLN HE21 H N N 105 
GLN HE22 H N N 106 
GLN HXT  H N N 107 
GLU N    N N N 108 
GLU CA   C N S 109 
GLU C    C N N 110 
GLU O    O N N 111 
GLU CB   C N N 112 
GLU CG   C N N 113 
GLU CD   C N N 114 
GLU OE1  O N N 115 
GLU OE2  O N N 116 
GLU OXT  O N N 117 
GLU H    H N N 118 
GLU H2   H N N 119 
GLU HA   H N N 120 
GLU HB2  H N N 121 
GLU HB3  H N N 122 
GLU HG2  H N N 123 
GLU HG3  H N N 124 
GLU HE2  H N N 125 
GLU HXT  H N N 126 
GLY N    N N N 127 
GLY CA   C N N 128 
GLY C    C N N 129 
GLY O    O N N 130 
GLY OXT  O N N 131 
GLY H    H N N 132 
GLY H2   H N N 133 
GLY HA2  H N N 134 
GLY HA3  H N N 135 
GLY HXT  H N N 136 
HIS N    N N N 137 
HIS CA   C N S 138 
HIS C    C N N 139 
HIS O    O N N 140 
HIS CB   C N N 141 
HIS CG   C Y N 142 
HIS ND1  N Y N 143 
HIS CD2  C Y N 144 
HIS CE1  C Y N 145 
HIS NE2  N Y N 146 
HIS OXT  O N N 147 
HIS H    H N N 148 
HIS H2   H N N 149 
HIS HA   H N N 150 
HIS HB2  H N N 151 
HIS HB3  H N N 152 
HIS HD1  H N N 153 
HIS HD2  H N N 154 
HIS HE1  H N N 155 
HIS HE2  H N N 156 
HIS HXT  H N N 157 
HOH O    O N N 158 
HOH H1   H N N 159 
HOH H2   H N N 160 
ILE N    N N N 161 
ILE CA   C N S 162 
ILE C    C N N 163 
ILE O    O N N 164 
ILE CB   C N S 165 
ILE CG1  C N N 166 
ILE CG2  C N N 167 
ILE CD1  C N N 168 
ILE OXT  O N N 169 
ILE H    H N N 170 
ILE H2   H N N 171 
ILE HA   H N N 172 
ILE HB   H N N 173 
ILE HG12 H N N 174 
ILE HG13 H N N 175 
ILE HG21 H N N 176 
ILE HG22 H N N 177 
ILE HG23 H N N 178 
ILE HD11 H N N 179 
ILE HD12 H N N 180 
ILE HD13 H N N 181 
ILE HXT  H N N 182 
LEU N    N N N 183 
LEU CA   C N S 184 
LEU C    C N N 185 
LEU O    O N N 186 
LEU CB   C N N 187 
LEU CG   C N N 188 
LEU CD1  C N N 189 
LEU CD2  C N N 190 
LEU OXT  O N N 191 
LEU H    H N N 192 
LEU H2   H N N 193 
LEU HA   H N N 194 
LEU HB2  H N N 195 
LEU HB3  H N N 196 
LEU HG   H N N 197 
LEU HD11 H N N 198 
LEU HD12 H N N 199 
LEU HD13 H N N 200 
LEU HD21 H N N 201 
LEU HD22 H N N 202 
LEU HD23 H N N 203 
LEU HXT  H N N 204 
LYS N    N N N 205 
LYS CA   C N S 206 
LYS C    C N N 207 
LYS O    O N N 208 
LYS CB   C N N 209 
LYS CG   C N N 210 
LYS CD   C N N 211 
LYS CE   C N N 212 
LYS NZ   N N N 213 
LYS OXT  O N N 214 
LYS H    H N N 215 
LYS H2   H N N 216 
LYS HA   H N N 217 
LYS HB2  H N N 218 
LYS HB3  H N N 219 
LYS HG2  H N N 220 
LYS HG3  H N N 221 
LYS HD2  H N N 222 
LYS HD3  H N N 223 
LYS HE2  H N N 224 
LYS HE3  H N N 225 
LYS HZ1  H N N 226 
LYS HZ2  H N N 227 
LYS HZ3  H N N 228 
LYS HXT  H N N 229 
MET N    N N N 230 
MET CA   C N S 231 
MET C    C N N 232 
MET O    O N N 233 
MET CB   C N N 234 
MET CG   C N N 235 
MET SD   S N N 236 
MET CE   C N N 237 
MET OXT  O N N 238 
MET H    H N N 239 
MET H2   H N N 240 
MET HA   H N N 241 
MET HB2  H N N 242 
MET HB3  H N N 243 
MET HG2  H N N 244 
MET HG3  H N N 245 
MET HE1  H N N 246 
MET HE2  H N N 247 
MET HE3  H N N 248 
MET HXT  H N N 249 
PRO N    N N N 250 
PRO CA   C N S 251 
PRO C    C N N 252 
PRO O    O N N 253 
PRO CB   C N N 254 
PRO CG   C N N 255 
PRO CD   C N N 256 
PRO OXT  O N N 257 
PRO H    H N N 258 
PRO HA   H N N 259 
PRO HB2  H N N 260 
PRO HB3  H N N 261 
PRO HG2  H N N 262 
PRO HG3  H N N 263 
PRO HD2  H N N 264 
PRO HD3  H N N 265 
PRO HXT  H N N 266 
SER N    N N N 267 
SER CA   C N S 268 
SER C    C N N 269 
SER O    O N N 270 
SER CB   C N N 271 
SER OG   O N N 272 
SER OXT  O N N 273 
SER H    H N N 274 
SER H2   H N N 275 
SER HA   H N N 276 
SER HB2  H N N 277 
SER HB3  H N N 278 
SER HG   H N N 279 
SER HXT  H N N 280 
THR N    N N N 281 
THR CA   C N S 282 
THR C    C N N 283 
THR O    O N N 284 
THR CB   C N R 285 
THR OG1  O N N 286 
THR CG2  C N N 287 
THR OXT  O N N 288 
THR H    H N N 289 
THR H2   H N N 290 
THR HA   H N N 291 
THR HB   H N N 292 
THR HG1  H N N 293 
THR HG21 H N N 294 
THR HG22 H N N 295 
THR HG23 H N N 296 
THR HXT  H N N 297 
TRP N    N N N 298 
TRP CA   C N S 299 
TRP C    C N N 300 
TRP O    O N N 301 
TRP CB   C N N 302 
TRP CG   C Y N 303 
TRP CD1  C Y N 304 
TRP CD2  C Y N 305 
TRP NE1  N Y N 306 
TRP CE2  C Y N 307 
TRP CE3  C Y N 308 
TRP CZ2  C Y N 309 
TRP CZ3  C Y N 310 
TRP CH2  C Y N 311 
TRP OXT  O N N 312 
TRP H    H N N 313 
TRP H2   H N N 314 
TRP HA   H N N 315 
TRP HB2  H N N 316 
TRP HB3  H N N 317 
TRP HD1  H N N 318 
TRP HE1  H N N 319 
TRP HE3  H N N 320 
TRP HZ2  H N N 321 
TRP HZ3  H N N 322 
TRP HH2  H N N 323 
TRP HXT  H N N 324 
TYR N    N N N 325 
TYR CA   C N S 326 
TYR C    C N N 327 
TYR O    O N N 328 
TYR CB   C N N 329 
TYR CG   C Y N 330 
TYR CD1  C Y N 331 
TYR CD2  C Y N 332 
TYR CE1  C Y N 333 
TYR CE2  C Y N 334 
TYR CZ   C Y N 335 
TYR OH   O N N 336 
TYR OXT  O N N 337 
TYR H    H N N 338 
TYR H2   H N N 339 
TYR HA   H N N 340 
TYR HB2  H N N 341 
TYR HB3  H N N 342 
TYR HD1  H N N 343 
TYR HD2  H N N 344 
TYR HE1  H N N 345 
TYR HE2  H N N 346 
TYR HH   H N N 347 
TYR HXT  H N N 348 
VAL N    N N N 349 
VAL CA   C N S 350 
VAL C    C N N 351 
VAL O    O N N 352 
VAL CB   C N N 353 
VAL CG1  C N N 354 
VAL CG2  C N N 355 
VAL OXT  O N N 356 
VAL H    H N N 357 
VAL H2   H N N 358 
VAL HA   H N N 359 
VAL HB   H N N 360 
VAL HG11 H N N 361 
VAL HG12 H N N 362 
VAL HG13 H N N 363 
VAL HG21 H N N 364 
VAL HG22 H N N 365 
VAL HG23 H N N 366 
VAL HXT  H N N 367 
# 
loop_
_chem_comp_bond.comp_id 
_chem_comp_bond.atom_id_1 
_chem_comp_bond.atom_id_2 
_chem_comp_bond.value_order 
_chem_comp_bond.pdbx_aromatic_flag 
_chem_comp_bond.pdbx_stereo_config 
_chem_comp_bond.pdbx_ordinal 
ALA N   CA   sing N N 1   
ALA N   H    sing N N 2   
ALA N   H2   sing N N 3   
ALA CA  C    sing N N 4   
ALA CA  CB   sing N N 5   
ALA CA  HA   sing N N 6   
ALA C   O    doub N N 7   
ALA C   OXT  sing N N 8   
ALA CB  HB1  sing N N 9   
ALA CB  HB2  sing N N 10  
ALA CB  HB3  sing N N 11  
ALA OXT HXT  sing N N 12  
ARG N   CA   sing N N 13  
ARG N   H    sing N N 14  
ARG N   H2   sing N N 15  
ARG CA  C    sing N N 16  
ARG CA  CB   sing N N 17  
ARG CA  HA   sing N N 18  
ARG C   O    doub N N 19  
ARG C   OXT  sing N N 20  
ARG CB  CG   sing N N 21  
ARG CB  HB2  sing N N 22  
ARG CB  HB3  sing N N 23  
ARG CG  CD   sing N N 24  
ARG CG  HG2  sing N N 25  
ARG CG  HG3  sing N N 26  
ARG CD  NE   sing N N 27  
ARG CD  HD2  sing N N 28  
ARG CD  HD3  sing N N 29  
ARG NE  CZ   sing N N 30  
ARG NE  HE   sing N N 31  
ARG CZ  NH1  sing N N 32  
ARG CZ  NH2  doub N N 33  
ARG NH1 HH11 sing N N 34  
ARG NH1 HH12 sing N N 35  
ARG NH2 HH21 sing N N 36  
ARG NH2 HH22 sing N N 37  
ARG OXT HXT  sing N N 38  
ASN N   CA   sing N N 39  
ASN N   H    sing N N 40  
ASN N   H2   sing N N 41  
ASN CA  C    sing N N 42  
ASN CA  CB   sing N N 43  
ASN CA  HA   sing N N 44  
ASN C   O    doub N N 45  
ASN C   OXT  sing N N 46  
ASN CB  CG   sing N N 47  
ASN CB  HB2  sing N N 48  
ASN CB  HB3  sing N N 49  
ASN CG  OD1  doub N N 50  
ASN CG  ND2  sing N N 51  
ASN ND2 HD21 sing N N 52  
ASN ND2 HD22 sing N N 53  
ASN OXT HXT  sing N N 54  
ASP N   CA   sing N N 55  
ASP N   H    sing N N 56  
ASP N   H2   sing N N 57  
ASP CA  C    sing N N 58  
ASP CA  CB   sing N N 59  
ASP CA  HA   sing N N 60  
ASP C   O    doub N N 61  
ASP C   OXT  sing N N 62  
ASP CB  CG   sing N N 63  
ASP CB  HB2  sing N N 64  
ASP CB  HB3  sing N N 65  
ASP CG  OD1  doub N N 66  
ASP CG  OD2  sing N N 67  
ASP OD2 HD2  sing N N 68  
ASP OXT HXT  sing N N 69  
CYS N   CA   sing N N 70  
CYS N   H    sing N N 71  
CYS N   H2   sing N N 72  
CYS CA  C    sing N N 73  
CYS CA  CB   sing N N 74  
CYS CA  HA   sing N N 75  
CYS C   O    doub N N 76  
CYS C   OXT  sing N N 77  
CYS CB  SG   sing N N 78  
CYS CB  HB2  sing N N 79  
CYS CB  HB3  sing N N 80  
CYS SG  HG   sing N N 81  
CYS OXT HXT  sing N N 82  
GLN N   CA   sing N N 83  
GLN N   H    sing N N 84  
GLN N   H2   sing N N 85  
GLN CA  C    sing N N 86  
GLN CA  CB   sing N N 87  
GLN CA  HA   sing N N 88  
GLN C   O    doub N N 89  
GLN C   OXT  sing N N 90  
GLN CB  CG   sing N N 91  
GLN CB  HB2  sing N N 92  
GLN CB  HB3  sing N N 93  
GLN CG  CD   sing N N 94  
GLN CG  HG2  sing N N 95  
GLN CG  HG3  sing N N 96  
GLN CD  OE1  doub N N 97  
GLN CD  NE2  sing N N 98  
GLN NE2 HE21 sing N N 99  
GLN NE2 HE22 sing N N 100 
GLN OXT HXT  sing N N 101 
GLU N   CA   sing N N 102 
GLU N   H    sing N N 103 
GLU N   H2   sing N N 104 
GLU CA  C    sing N N 105 
GLU CA  CB   sing N N 106 
GLU CA  HA   sing N N 107 
GLU C   O    doub N N 108 
GLU C   OXT  sing N N 109 
GLU CB  CG   sing N N 110 
GLU CB  HB2  sing N N 111 
GLU CB  HB3  sing N N 112 
GLU CG  CD   sing N N 113 
GLU CG  HG2  sing N N 114 
GLU CG  HG3  sing N N 115 
GLU CD  OE1  doub N N 116 
GLU CD  OE2  sing N N 117 
GLU OE2 HE2  sing N N 118 
GLU OXT HXT  sing N N 119 
GLY N   CA   sing N N 120 
GLY N   H    sing N N 121 
GLY N   H2   sing N N 122 
GLY CA  C    sing N N 123 
GLY CA  HA2  sing N N 124 
GLY CA  HA3  sing N N 125 
GLY C   O    doub N N 126 
GLY C   OXT  sing N N 127 
GLY OXT HXT  sing N N 128 
HIS N   CA   sing N N 129 
HIS N   H    sing N N 130 
HIS N   H2   sing N N 131 
HIS CA  C    sing N N 132 
HIS CA  CB   sing N N 133 
HIS CA  HA   sing N N 134 
HIS C   O    doub N N 135 
HIS C   OXT  sing N N 136 
HIS CB  CG   sing N N 137 
HIS CB  HB2  sing N N 138 
HIS CB  HB3  sing N N 139 
HIS CG  ND1  sing Y N 140 
HIS CG  CD2  doub Y N 141 
HIS ND1 CE1  doub Y N 142 
HIS ND1 HD1  sing N N 143 
HIS CD2 NE2  sing Y N 144 
HIS CD2 HD2  sing N N 145 
HIS CE1 NE2  sing Y N 146 
HIS CE1 HE1  sing N N 147 
HIS NE2 HE2  sing N N 148 
HIS OXT HXT  sing N N 149 
HOH O   H1   sing N N 150 
HOH O   H2   sing N N 151 
ILE N   CA   sing N N 152 
ILE N   H    sing N N 153 
ILE N   H2   sing N N 154 
ILE CA  C    sing N N 155 
ILE CA  CB   sing N N 156 
ILE CA  HA   sing N N 157 
ILE C   O    doub N N 158 
ILE C   OXT  sing N N 159 
ILE CB  CG1  sing N N 160 
ILE CB  CG2  sing N N 161 
ILE CB  HB   sing N N 162 
ILE CG1 CD1  sing N N 163 
ILE CG1 HG12 sing N N 164 
ILE CG1 HG13 sing N N 165 
ILE CG2 HG21 sing N N 166 
ILE CG2 HG22 sing N N 167 
ILE CG2 HG23 sing N N 168 
ILE CD1 HD11 sing N N 169 
ILE CD1 HD12 sing N N 170 
ILE CD1 HD13 sing N N 171 
ILE OXT HXT  sing N N 172 
LEU N   CA   sing N N 173 
LEU N   H    sing N N 174 
LEU N   H2   sing N N 175 
LEU CA  C    sing N N 176 
LEU CA  CB   sing N N 177 
LEU CA  HA   sing N N 178 
LEU C   O    doub N N 179 
LEU C   OXT  sing N N 180 
LEU CB  CG   sing N N 181 
LEU CB  HB2  sing N N 182 
LEU CB  HB3  sing N N 183 
LEU CG  CD1  sing N N 184 
LEU CG  CD2  sing N N 185 
LEU CG  HG   sing N N 186 
LEU CD1 HD11 sing N N 187 
LEU CD1 HD12 sing N N 188 
LEU CD1 HD13 sing N N 189 
LEU CD2 HD21 sing N N 190 
LEU CD2 HD22 sing N N 191 
LEU CD2 HD23 sing N N 192 
LEU OXT HXT  sing N N 193 
LYS N   CA   sing N N 194 
LYS N   H    sing N N 195 
LYS N   H2   sing N N 196 
LYS CA  C    sing N N 197 
LYS CA  CB   sing N N 198 
LYS CA  HA   sing N N 199 
LYS C   O    doub N N 200 
LYS C   OXT  sing N N 201 
LYS CB  CG   sing N N 202 
LYS CB  HB2  sing N N 203 
LYS CB  HB3  sing N N 204 
LYS CG  CD   sing N N 205 
LYS CG  HG2  sing N N 206 
LYS CG  HG3  sing N N 207 
LYS CD  CE   sing N N 208 
LYS CD  HD2  sing N N 209 
LYS CD  HD3  sing N N 210 
LYS CE  NZ   sing N N 211 
LYS CE  HE2  sing N N 212 
LYS CE  HE3  sing N N 213 
LYS NZ  HZ1  sing N N 214 
LYS NZ  HZ2  sing N N 215 
LYS NZ  HZ3  sing N N 216 
LYS OXT HXT  sing N N 217 
MET N   CA   sing N N 218 
MET N   H    sing N N 219 
MET N   H2   sing N N 220 
MET CA  C    sing N N 221 
MET CA  CB   sing N N 222 
MET CA  HA   sing N N 223 
MET C   O    doub N N 224 
MET C   OXT  sing N N 225 
MET CB  CG   sing N N 226 
MET CB  HB2  sing N N 227 
MET CB  HB3  sing N N 228 
MET CG  SD   sing N N 229 
MET CG  HG2  sing N N 230 
MET CG  HG3  sing N N 231 
MET SD  CE   sing N N 232 
MET CE  HE1  sing N N 233 
MET CE  HE2  sing N N 234 
MET CE  HE3  sing N N 235 
MET OXT HXT  sing N N 236 
PRO N   CA   sing N N 237 
PRO N   CD   sing N N 238 
PRO N   H    sing N N 239 
PRO CA  C    sing N N 240 
PRO CA  CB   sing N N 241 
PRO CA  HA   sing N N 242 
PRO C   O    doub N N 243 
PRO C   OXT  sing N N 244 
PRO CB  CG   sing N N 245 
PRO CB  HB2  sing N N 246 
PRO CB  HB3  sing N N 247 
PRO CG  CD   sing N N 248 
PRO CG  HG2  sing N N 249 
PRO CG  HG3  sing N N 250 
PRO CD  HD2  sing N N 251 
PRO CD  HD3  sing N N 252 
PRO OXT HXT  sing N N 253 
SER N   CA   sing N N 254 
SER N   H    sing N N 255 
SER N   H2   sing N N 256 
SER CA  C    sing N N 257 
SER CA  CB   sing N N 258 
SER CA  HA   sing N N 259 
SER C   O    doub N N 260 
SER C   OXT  sing N N 261 
SER CB  OG   sing N N 262 
SER CB  HB2  sing N N 263 
SER CB  HB3  sing N N 264 
SER OG  HG   sing N N 265 
SER OXT HXT  sing N N 266 
THR N   CA   sing N N 267 
THR N   H    sing N N 268 
THR N   H2   sing N N 269 
THR CA  C    sing N N 270 
THR CA  CB   sing N N 271 
THR CA  HA   sing N N 272 
THR C   O    doub N N 273 
THR C   OXT  sing N N 274 
THR CB  OG1  sing N N 275 
THR CB  CG2  sing N N 276 
THR CB  HB   sing N N 277 
THR OG1 HG1  sing N N 278 
THR CG2 HG21 sing N N 279 
THR CG2 HG22 sing N N 280 
THR CG2 HG23 sing N N 281 
THR OXT HXT  sing N N 282 
TRP N   CA   sing N N 283 
TRP N   H    sing N N 284 
TRP N   H2   sing N N 285 
TRP CA  C    sing N N 286 
TRP CA  CB   sing N N 287 
TRP CA  HA   sing N N 288 
TRP C   O    doub N N 289 
TRP C   OXT  sing N N 290 
TRP CB  CG   sing N N 291 
TRP CB  HB2  sing N N 292 
TRP CB  HB3  sing N N 293 
TRP CG  CD1  doub Y N 294 
TRP CG  CD2  sing Y N 295 
TRP CD1 NE1  sing Y N 296 
TRP CD1 HD1  sing N N 297 
TRP CD2 CE2  doub Y N 298 
TRP CD2 CE3  sing Y N 299 
TRP NE1 CE2  sing Y N 300 
TRP NE1 HE1  sing N N 301 
TRP CE2 CZ2  sing Y N 302 
TRP CE3 CZ3  doub Y N 303 
TRP CE3 HE3  sing N N 304 
TRP CZ2 CH2  doub Y N 305 
TRP CZ2 HZ2  sing N N 306 
TRP CZ3 CH2  sing Y N 307 
TRP CZ3 HZ3  sing N N 308 
TRP CH2 HH2  sing N N 309 
TRP OXT HXT  sing N N 310 
TYR N   CA   sing N N 311 
TYR N   H    sing N N 312 
TYR N   H2   sing N N 313 
TYR CA  C    sing N N 314 
TYR CA  CB   sing N N 315 
TYR CA  HA   sing N N 316 
TYR C   O    doub N N 317 
TYR C   OXT  sing N N 318 
TYR CB  CG   sing N N 319 
TYR CB  HB2  sing N N 320 
TYR CB  HB3  sing N N 321 
TYR CG  CD1  doub Y N 322 
TYR CG  CD2  sing Y N 323 
TYR CD1 CE1  sing Y N 324 
TYR CD1 HD1  sing N N 325 
TYR CD2 CE2  doub Y N 326 
TYR CD2 HD2  sing N N 327 
TYR CE1 CZ   doub Y N 328 
TYR CE1 HE1  sing N N 329 
TYR CE2 CZ   sing Y N 330 
TYR CE2 HE2  sing N N 331 
TYR CZ  OH   sing N N 332 
TYR OH  HH   sing N N 333 
TYR OXT HXT  sing N N 334 
VAL N   CA   sing N N 335 
VAL N   H    sing N N 336 
VAL N   H2   sing N N 337 
VAL CA  C    sing N N 338 
VAL CA  CB   sing N N 339 
VAL CA  HA   sing N N 340 
VAL C   O    doub N N 341 
VAL C   OXT  sing N N 342 
VAL CB  CG1  sing N N 343 
VAL CB  CG2  sing N N 344 
VAL CB  HB   sing N N 345 
VAL CG1 HG11 sing N N 346 
VAL CG1 HG12 sing N N 347 
VAL CG1 HG13 sing N N 348 
VAL CG2 HG21 sing N N 349 
VAL CG2 HG22 sing N N 350 
VAL CG2 HG23 sing N N 351 
VAL OXT HXT  sing N N 352 
# 
_atom_sites.entry_id                    1KPT 
_atom_sites.fract_transf_matrix[1][1]   -0.03066910 
_atom_sites.fract_transf_matrix[1][2]   -0.01617166 
_atom_sites.fract_transf_matrix[1][3]   0.01623472 
_atom_sites.fract_transf_matrix[2][1]   0.00045139 
_atom_sites.fract_transf_matrix[2][2]   0.01067261 
_atom_sites.fract_transf_matrix[2][3]   0.01148388 
_atom_sites.fract_transf_matrix[3][1]   -0.01172418 
_atom_sites.fract_transf_matrix[3][2]   0.01086439 
_atom_sites.fract_transf_matrix[3][3]   -0.00963605 
_atom_sites.fract_transf_vector[1]      1.293265 
_atom_sites.fract_transf_vector[2]      0.580261 
_atom_sites.fract_transf_vector[3]      0.775086 
# 
loop_
_atom_type.symbol 
C 
N 
O 
S 
# 
loop_
_atom_site.group_PDB 
_atom_site.id 
_atom_site.type_symbol 
_atom_site.label_atom_id 
_atom_site.label_alt_id 
_atom_site.label_comp_id 
_atom_site.label_asym_id 
_atom_site.label_entity_id 
_atom_site.label_seq_id 
_atom_site.pdbx_PDB_ins_code 
_atom_site.Cartn_x 
_atom_site.Cartn_y 
_atom_site.Cartn_z 
_atom_site.occupancy 
_atom_site.B_iso_or_equiv 
_atom_site.pdbx_formal_charge 
_atom_site.auth_seq_id 
_atom_site.auth_comp_id 
_atom_site.auth_asym_id 
_atom_site.auth_atom_id 
_atom_site.pdbx_PDB_model_num 
ATOM   1    N N   . LEU A 1 1   ? 3.756   12.648  6.065   1.00 21.97 ? 1   LEU A N   1 
ATOM   2    C CA  . LEU A 1 1   ? 3.573   11.242  5.609   1.00 20.16 ? 1   LEU A CA  1 
ATOM   3    C C   . LEU A 1 1   ? 2.712   10.523  6.631   1.00 18.73 ? 1   LEU A C   1 
ATOM   4    O O   . LEU A 1 1   ? 3.052   10.484  7.800   1.00 17.44 ? 1   LEU A O   1 
ATOM   5    C CB  . LEU A 1 1   ? 4.929   10.537  5.482   1.00 20.95 ? 1   LEU A CB  1 
ATOM   6    C CG  . LEU A 1 1   ? 4.923   9.075   5.004   1.00 22.84 ? 1   LEU A CG  1 
ATOM   7    C CD1 . LEU A 1 1   ? 4.192   8.897   3.674   1.00 22.52 ? 1   LEU A CD1 1 
ATOM   8    C CD2 . LEU A 1 1   ? 6.349   8.585   4.884   1.00 24.15 ? 1   LEU A CD2 1 
ATOM   9    N N   . GLY A 1 2   ? 1.575   10.006  6.187   1.00 19.25 ? 2   GLY A N   1 
ATOM   10   C CA  . GLY A 1 2   ? 0.679   9.290   7.079   1.00 14.94 ? 2   GLY A CA  1 
ATOM   11   C C   . GLY A 1 2   ? 0.778   7.815   6.755   1.00 13.35 ? 2   GLY A C   1 
ATOM   12   O O   . GLY A 1 2   ? 1.834   7.349   6.311   1.00 11.14 ? 2   GLY A O   1 
ATOM   13   N N   . ILE A 1 3   ? -0.337  7.103   6.903   1.00 11.82 ? 3   ILE A N   1 
ATOM   14   C CA  . ILE A 1 3   ? -0.392  5.669   6.638   1.00 10.91 ? 3   ILE A CA  1 
ATOM   15   C C   . ILE A 1 3   ? 0.137   5.373   5.241   1.00 11.03 ? 3   ILE A C   1 
ATOM   16   O O   . ILE A 1 3   ? -0.189  6.080   4.279   1.00 11.73 ? 3   ILE A O   1 
ATOM   17   C CB  . ILE A 1 3   ? -1.836  5.111   6.864   1.00 11.82 ? 3   ILE A CB  1 
ATOM   18   C CG1 . ILE A 1 3   ? -1.889  3.606   6.592   1.00 10.64 ? 3   ILE A CG1 1 
ATOM   19   C CG2 . ILE A 1 3   ? -2.857  5.871   6.024   1.00 11.07 ? 3   ILE A CG2 1 
ATOM   20   C CD1 . ILE A 1 3   ? -3.166  2.969   7.077   1.00 10.41 ? 3   ILE A CD1 1 
ATOM   21   N N   . ASN A 1 4   ? 0.967   4.348   5.122   1.00 9.17  ? 4   ASN A N   1 
ATOM   22   C CA  . ASN A 1 4   ? 1.568   4.019   3.831   1.00 9.05  ? 4   ASN A CA  1 
ATOM   23   C C   . ASN A 1 4   ? 2.034   2.573   3.784   1.00 7.74  ? 4   ASN A C   1 
ATOM   24   O O   . ASN A 1 4   ? 2.123   1.923   4.815   1.00 8.73  ? 4   ASN A O   1 
ATOM   25   C CB  . ASN A 1 4   ? 2.740   4.981   3.560   1.00 8.03  ? 4   ASN A CB  1 
ATOM   26   C CG  . ASN A 1 4   ? 3.917   4.763   4.510   1.00 9.14  ? 4   ASN A CG  1 
ATOM   27   O OD1 . ASN A 1 4   ? 4.713   3.844   4.318   1.00 9.20  ? 4   ASN A OD1 1 
ATOM   28   N ND2 . ASN A 1 4   ? 4.035   5.610   5.524   1.00 8.68  ? 4   ASN A ND2 1 
ATOM   29   N N   . CYS A 1 5   ? 2.338   2.065   2.594   1.00 6.79  ? 5   CYS A N   1 
ATOM   30   C CA  . CYS A 1 5   ? 2.790   0.683   2.470   1.00 7.80  ? 5   CYS A CA  1 
ATOM   31   C C   . CYS A 1 5   ? 4.269   0.606   2.101   1.00 6.67  ? 5   CYS A C   1 
ATOM   32   O O   . CYS A 1 5   ? 4.693   -0.346  1.478   1.00 7.35  ? 5   CYS A O   1 
ATOM   33   C CB  . CYS A 1 5   ? 1.981   -0.085  1.413   1.00 6.65  ? 5   CYS A CB  1 
ATOM   34   S SG  . CYS A 1 5   ? 0.164   -0.111  1.652   1.00 8.34  ? 5   CYS A SG  1 
ATOM   35   N N   . ARG A 1 6   ? 5.028   1.637   2.434   1.00 8.42  ? 6   ARG A N   1 
ATOM   36   C CA  . ARG A 1 6   ? 6.452   1.654   2.116   1.00 10.34 ? 6   ARG A CA  1 
ATOM   37   C C   . ARG A 1 6   ? 7.180   0.572   2.894   1.00 10.53 ? 6   ARG A C   1 
ATOM   38   O O   . ARG A 1 6   ? 6.837   0.281   4.039   1.00 10.20 ? 6   ARG A O   1 
ATOM   39   C CB  . ARG A 1 6   ? 7.054   3.017   2.471   1.00 9.36  ? 6   ARG A CB  1 
ATOM   40   C CG  . ARG A 1 6   ? 6.649   4.144   1.518   1.00 10.79 ? 6   ARG A CG  1 
ATOM   41   C CD  . ARG A 1 6   ? 7.253   5.466   1.960   1.00 13.61 ? 6   ARG A CD  1 
ATOM   42   N NE  . ARG A 1 6   ? 6.657   6.588   1.243   1.00 18.20 ? 6   ARG A NE  1 
ATOM   43   C CZ  . ARG A 1 6   ? 7.187   7.809   1.173   1.00 22.40 ? 6   ARG A CZ  1 
ATOM   44   N NH1 . ARG A 1 6   ? 8.346   8.084   1.777   1.00 20.42 ? 6   ARG A NH1 1 
ATOM   45   N NH2 . ARG A 1 6   ? 6.542   8.768   0.505   1.00 21.55 ? 6   ARG A NH2 1 
ATOM   46   N N   . GLY A 1 7   ? 8.219   0.018   2.295   1.00 11.57 ? 7   GLY A N   1 
ATOM   47   C CA  . GLY A 1 7   ? 8.999   -0.997  2.966   1.00 11.38 ? 7   GLY A CA  1 
ATOM   48   C C   . GLY A 1 7   ? 10.160  -1.427  2.096   1.00 12.32 ? 7   GLY A C   1 
ATOM   49   O O   . GLY A 1 7   ? 10.333  -0.955  0.969   1.00 10.95 ? 7   GLY A O   1 
ATOM   50   N N   . SER A 1 8   ? 10.974  -2.317  2.632   1.00 11.59 ? 8   SER A N   1 
ATOM   51   C CA  . SER A 1 8   ? 12.107  -2.840  1.898   1.00 13.37 ? 8   SER A CA  1 
ATOM   52   C C   . SER A 1 8   ? 11.630  -3.617  0.660   1.00 14.32 ? 8   SER A C   1 
ATOM   53   O O   . SER A 1 8   ? 10.547  -4.202  0.651   1.00 12.92 ? 8   SER A O   1 
ATOM   54   C CB  . SER A 1 8   ? 12.896  -3.763  2.825   1.00 15.25 ? 8   SER A CB  1 
ATOM   55   O OG  . SER A 1 8   ? 13.781  -4.587  2.094   1.00 19.29 ? 8   SER A OG  1 
ATOM   56   N N   . SER A 1 9   ? 12.435  -3.616  -0.395  1.00 14.74 ? 9   SER A N   1 
ATOM   57   C CA  . SER A 1 9   ? 12.112  -4.359  -1.606  1.00 16.35 ? 9   SER A CA  1 
ATOM   58   C C   . SER A 1 9   ? 11.815  -5.825  -1.291  1.00 16.54 ? 9   SER A C   1 
ATOM   59   O O   . SER A 1 9   ? 11.056  -6.471  -2.009  1.00 17.30 ? 9   SER A O   1 
ATOM   60   C CB  A SER A 1 9   ? 13.265  -4.278  -2.612  0.52 15.47 ? 9   SER A CB  1 
ATOM   61   C CB  B SER A 1 9   ? 13.283  -4.266  -2.583  0.42 16.91 ? 9   SER A CB  1 
ATOM   62   O OG  A SER A 1 9   ? 13.657  -2.934  -2.832  0.52 14.83 ? 9   SER A OG  1 
ATOM   63   O OG  B SER A 1 9   ? 14.516  -4.432  -1.901  0.42 18.94 ? 9   SER A OG  1 
ATOM   64   N N   . GLN A 1 10  ? 12.365  -6.347  -0.195  1.00 16.92 ? 10  GLN A N   1 
ATOM   65   C CA  . GLN A 1 10  ? 12.225  -7.743  0.224   1.00 20.94 ? 10  GLN A CA  1 
ATOM   66   C C   . GLN A 1 10  ? 10.750  -7.990  0.506   1.00 20.16 ? 10  GLN A C   1 
ATOM   67   O O   . GLN A 1 10  ? 10.258  -9.145  0.303   1.00 20.59 ? 10  GLN A O   1 
ATOM   68   C CB  . GLN A 1 10  ? 13.062  -7.987  1.482   1.00 24.26 ? 10  GLN A CB  1 
ATOM   69   C CG  . GLN A 1 10  ? 14.541  -7.646  1.300   1.00 31.28 ? 10  GLN A CG  1 
ATOM   70   C CD  . GLN A 1 10  ? 15.109  -8.153  -0.027  1.00 35.97 ? 10  GLN A CD  1 
ATOM   71   O OE1 . GLN A 1 10  ? 15.095  -9.356  -0.283  1.00 38.87 ? 10  GLN A OE1 1 
ATOM   72   N NE2 . GLN A 1 10  ? 15.614  -7.300  -0.899  1.00 20.00 ? 10  GLN A NE2 1 
ATOM   73   N N   . CYS A 1 11  ? 10.012  -7.001  0.968   1.00 17.07 ? 11  CYS A N   1 
ATOM   74   C CA  . CYS A 1 11  ? 8.595   -7.127  1.287   1.00 18.11 ? 11  CYS A CA  1 
ATOM   75   C C   . CYS A 1 11  ? 7.850   -7.698  0.100   1.00 21.20 ? 11  CYS A C   1 
ATOM   76   O O   . CYS A 1 11  ? 7.081   -8.652  0.239   1.00 23.49 ? 11  CYS A O   1 
ATOM   77   C CB  . CYS A 1 11  ? 8.018   -5.758  1.625   1.00 13.63 ? 11  CYS A CB  1 
ATOM   78   S SG  . CYS A 1 11  ? 8.722   -5.045  3.141   1.00 14.13 ? 11  CYS A SG  1 
ATOM   79   N N   . GLY A 1 12  ? 8.147   -7.155  -1.080  1.00 22.61 ? 12  GLY A N   1 
ATOM   80   C CA  . GLY A 1 12  ? 7.489   -7.590  -2.299  1.00 24.24 ? 12  GLY A CA  1 
ATOM   81   C C   . GLY A 1 12  ? 7.779   -9.009  -2.743  1.00 24.68 ? 12  GLY A C   1 
ATOM   82   O O   . GLY A 1 12  ? 7.011   -9.601  -3.493  1.00 25.59 ? 12  GLY A O   1 
ATOM   83   N N   . LEU A 1 13  ? 8.883   -9.564  -2.272  1.00 25.85 ? 13  LEU A N   1 
ATOM   84   C CA  . LEU A 1 13  ? 9.264   -10.916 -2.643  1.00 29.00 ? 13  LEU A CA  1 
ATOM   85   C C   . LEU A 1 13  ? 8.508   -11.941 -1.821  1.00 29.15 ? 13  LEU A C   1 
ATOM   86   O O   . LEU A 1 13  ? 8.261   -13.050 -2.287  1.00 31.27 ? 13  LEU A O   1 
ATOM   87   C CB  A LEU A 1 13  ? 10.772  -11.114 -2.461  0.45 28.75 ? 13  LEU A CB  1 
ATOM   88   C CB  B LEU A 1 13  ? 10.766  -11.129 -2.425  0.45 28.79 ? 13  LEU A CB  1 
ATOM   89   C CG  A LEU A 1 13  ? 11.675  -10.138 -3.217  0.45 29.60 ? 13  LEU A CG  1 
ATOM   90   C CG  B LEU A 1 13  ? 11.797  -10.615 -3.432  0.45 29.10 ? 13  LEU A CG  1 
ATOM   91   C CD1 A LEU A 1 13  ? 13.130  -10.454 -2.916  0.45 30.26 ? 13  LEU A CD1 1 
ATOM   92   C CD1 B LEU A 1 13  ? 11.657  -9.113  -3.639  0.45 29.08 ? 13  LEU A CD1 1 
ATOM   93   C CD2 A LEU A 1 13  ? 11.405  -10.218 -4.714  0.45 28.52 ? 13  LEU A CD2 1 
ATOM   94   C CD2 B LEU A 1 13  ? 13.195  -10.960 -2.937  0.45 29.72 ? 13  LEU A CD2 1 
ATOM   95   N N   . SER A 1 14  ? 8.168   -11.576 -0.590  1.00 28.79 ? 14  SER A N   1 
ATOM   96   C CA  . SER A 1 14  ? 7.466   -12.470 0.320   1.00 27.89 ? 14  SER A CA  1 
ATOM   97   C C   . SER A 1 14  ? 6.085   -12.812 -0.221  1.00 27.57 ? 14  SER A C   1 
ATOM   98   O O   . SER A 1 14  ? 5.418   -11.978 -0.828  1.00 26.43 ? 14  SER A O   1 
ATOM   99   C CB  . SER A 1 14  ? 7.342   -11.808 1.691   1.00 29.12 ? 14  SER A CB  1 
ATOM   100  O OG  . SER A 1 14  ? 8.583   -11.264 2.111   1.00 31.35 ? 14  SER A OG  1 
ATOM   101  N N   . GLY A 1 15  ? 5.653   -14.047 0.003   1.00 27.74 ? 15  GLY A N   1 
ATOM   102  C CA  . GLY A 1 15  ? 4.351   -14.456 -0.495  1.00 25.40 ? 15  GLY A CA  1 
ATOM   103  C C   . GLY A 1 15  ? 3.305   -14.467 0.592   1.00 23.53 ? 15  GLY A C   1 
ATOM   104  O O   . GLY A 1 15  ? 3.634   -14.485 1.780   1.00 23.51 ? 15  GLY A O   1 
ATOM   105  N N   . GLY A 1 16  ? 2.052   -14.381 0.179   1.00 22.99 ? 16  GLY A N   1 
ATOM   106  C CA  . GLY A 1 16  ? 0.949   -14.432 1.116   1.00 23.88 ? 16  GLY A CA  1 
ATOM   107  C C   . GLY A 1 16  ? 0.564   -13.105 1.727   1.00 23.65 ? 16  GLY A C   1 
ATOM   108  O O   . GLY A 1 16  ? 1.234   -12.090 1.516   1.00 21.20 ? 16  GLY A O   1 
ATOM   109  N N   . ASN A 1 17  ? -0.544  -13.087 2.462   1.00 20.80 ? 17  ASN A N   1 
ATOM   110  C CA  . ASN A 1 17  ? -0.930  -11.845 3.085   1.00 20.69 ? 17  ASN A CA  1 
ATOM   111  C C   . ASN A 1 17  ? -0.361  -11.897 4.480   1.00 19.87 ? 17  ASN A C   1 
ATOM   112  O O   . ASN A 1 17  ? -1.019  -12.320 5.454   1.00 17.58 ? 17  ASN A O   1 
ATOM   113  C CB  A ASN A 1 17  ? -2.454  -11.742 3.144   0.30 24.46 ? 17  ASN A CB  1 
ATOM   114  C CB  B ASN A 1 17  ? -2.433  -11.594 3.109   0.53 18.14 ? 17  ASN A CB  1 
ATOM   115  C CG  A ASN A 1 17  ? -3.098  -11.780 1.772   0.30 25.85 ? 17  ASN A CG  1 
ATOM   116  C CG  B ASN A 1 17  ? -2.756  -10.141 3.428   0.53 15.55 ? 17  ASN A CG  1 
ATOM   117  O OD1 A ASN A 1 17  ? -2.783  -10.966 0.907   0.30 27.87 ? 17  ASN A OD1 1 
ATOM   118  O OD1 B ASN A 1 17  ? -1.996  -9.463  4.119   0.53 7.53  ? 17  ASN A OD1 1 
ATOM   119  N ND2 A ASN A 1 17  ? -3.997  -12.727 1.570   0.30 26.05 ? 17  ASN A ND2 1 
ATOM   120  N ND2 B ASN A 1 17  ? -3.880  -9.656  2.921   0.53 16.12 ? 17  ASN A ND2 1 
ATOM   121  N N   . LEU A 1 18  ? 0.909   -11.535 4.549   1.00 15.41 ? 18  LEU A N   1 
ATOM   122  C CA  . LEU A 1 18  ? 1.611   -11.530 5.801   1.00 14.00 ? 18  LEU A CA  1 
ATOM   123  C C   . LEU A 1 18  ? 1.038   -10.487 6.739   1.00 12.65 ? 18  LEU A C   1 
ATOM   124  O O   . LEU A 1 18  ? 0.915   -10.762 7.932   1.00 10.75 ? 18  LEU A O   1 
ATOM   125  C CB  . LEU A 1 18  ? 3.112   -11.338 5.568   1.00 14.80 ? 18  LEU A CB  1 
ATOM   126  C CG  . LEU A 1 18  ? 3.759   -12.443 4.718   1.00 17.11 ? 18  LEU A CG  1 
ATOM   127  C CD1 . LEU A 1 18  ? 5.266   -12.268 4.699   1.00 16.03 ? 18  LEU A CD1 1 
ATOM   128  C CD2 . LEU A 1 18  ? 3.411   -13.822 5.278   1.00 18.59 ? 18  LEU A CD2 1 
ATOM   129  N N   . MET A 1 19  ? 0.617   -9.333  6.207   1.00 9.13  ? 19  MET A N   1 
ATOM   130  C CA  . MET A 1 19  ? 0.049   -8.270  7.044   1.00 9.62  ? 19  MET A CA  1 
ATOM   131  C C   . MET A 1 19  ? -1.143  -8.792  7.866   1.00 9.60  ? 19  MET A C   1 
ATOM   132  O O   . MET A 1 19  ? -1.266  -8.472  9.046   1.00 10.02 ? 19  MET A O   1 
ATOM   133  C CB  . MET A 1 19  ? -0.375  -7.050  6.204   1.00 8.87  ? 19  MET A CB  1 
ATOM   134  C CG  . MET A 1 19  ? -0.740  -5.823  7.029   1.00 6.74  ? 19  MET A CG  1 
ATOM   135  S SD  . MET A 1 19  ? 0.606   -5.148  8.109   1.00 9.65  ? 19  MET A SD  1 
ATOM   136  C CE  . MET A 1 19  ? 1.527   -4.070  6.859   1.00 9.37  ? 19  MET A CE  1 
ATOM   137  N N   . VAL A 1 20  ? -2.005  -9.594  7.244   1.00 11.36 ? 20  VAL A N   1 
ATOM   138  C CA  . VAL A 1 20  ? -3.165  -10.188 7.937   1.00 12.51 ? 20  VAL A CA  1 
ATOM   139  C C   . VAL A 1 20  ? -2.711  -11.131 9.066   1.00 11.31 ? 20  VAL A C   1 
ATOM   140  O O   . VAL A 1 20  ? -3.264  -11.106 10.168  1.00 10.39 ? 20  VAL A O   1 
ATOM   141  C CB  . VAL A 1 20  ? -4.083  -10.975 6.954   1.00 12.45 ? 20  VAL A CB  1 
ATOM   142  C CG1 . VAL A 1 20  ? -5.068  -11.861 7.724   1.00 11.34 ? 20  VAL A CG1 1 
ATOM   143  C CG2 . VAL A 1 20  ? -4.863  -9.993  6.074   1.00 12.25 ? 20  VAL A CG2 1 
ATOM   144  N N   . ARG A 1 21  ? -1.694  -11.944 8.801   1.00 9.78  ? 21  ARG A N   1 
ATOM   145  C CA  . ARG A 1 21  ? -1.205  -12.866 9.819   1.00 10.22 ? 21  ARG A CA  1 
ATOM   146  C C   . ARG A 1 21  ? -0.619  -12.115 11.012  1.00 10.31 ? 21  ARG A C   1 
ATOM   147  O O   . ARG A 1 21  ? -0.854  -12.474 12.170  1.00 8.90  ? 21  ARG A O   1 
ATOM   148  C CB  . ARG A 1 21  ? -0.175  -13.827 9.219   1.00 12.26 ? 21  ARG A CB  1 
ATOM   149  C CG  . ARG A 1 21  ? -0.787  -14.847 8.309   1.00 12.80 ? 21  ARG A CG  1 
ATOM   150  C CD  . ARG A 1 21  ? 0.251   -15.763 7.729   1.00 17.65 ? 21  ARG A CD  1 
ATOM   151  N NE  . ARG A 1 21  ? 1.025   -16.471 8.751   1.00 18.82 ? 21  ARG A NE  1 
ATOM   152  C CZ  . ARG A 1 21  ? 2.066   -17.257 8.490   1.00 19.19 ? 21  ARG A CZ  1 
ATOM   153  N NH1 . ARG A 1 21  ? 2.468   -17.460 7.243   1.00 19.51 ? 21  ARG A NH1 1 
ATOM   154  N NH2 . ARG A 1 21  ? 2.752   -17.783 9.491   1.00 21.09 ? 21  ARG A NH2 1 
ATOM   155  N N   . ILE A 1 22  ? 0.102   -11.033 10.732  1.00 9.14  ? 22  ILE A N   1 
ATOM   156  C CA  . ILE A 1 22  ? 0.714   -10.226 11.780  1.00 9.14  ? 22  ILE A CA  1 
ATOM   157  C C   . ILE A 1 22  ? -0.397  -9.530  12.573  1.00 9.58  ? 22  ILE A C   1 
ATOM   158  O O   . ILE A 1 22  ? -0.343  -9.439  13.801  1.00 9.15  ? 22  ILE A O   1 
ATOM   159  C CB  . ILE A 1 22  ? 1.718   -9.213  11.162  1.00 10.70 ? 22  ILE A CB  1 
ATOM   160  C CG1 . ILE A 1 22  ? 2.976   -9.954  10.701  1.00 11.70 ? 22  ILE A CG1 1 
ATOM   161  C CG2 . ILE A 1 22  ? 2.068   -8.103  12.142  1.00 11.11 ? 22  ILE A CG2 1 
ATOM   162  C CD1 . ILE A 1 22  ? 3.922   -9.087  9.874   1.00 14.13 ? 22  ILE A CD1 1 
ATOM   163  N N   . ARG A 1 23  ? -1.392  -9.017  11.868  1.00 8.14  ? 23  ARG A N   1 
ATOM   164  C CA  . ARG A 1 23  ? -2.516  -8.377  12.535  1.00 9.30  ? 23  ARG A CA  1 
ATOM   165  C C   . ARG A 1 23  ? -3.177  -9.407  13.474  1.00 8.07  ? 23  ARG A C   1 
ATOM   166  O O   . ARG A 1 23  ? -3.451  -9.104  14.625  1.00 8.58  ? 23  ARG A O   1 
ATOM   167  C CB  . ARG A 1 23  ? -3.532  -7.889  11.497  1.00 10.22 ? 23  ARG A CB  1 
ATOM   168  C CG  . ARG A 1 23  ? -4.746  -7.140  12.072  1.00 11.78 ? 23  ARG A CG  1 
ATOM   169  C CD  . ARG A 1 23  ? -5.902  -8.084  12.382  1.00 12.09 ? 23  ARG A CD  1 
ATOM   170  N NE  . ARG A 1 23  ? -6.397  -8.810  11.214  1.00 12.49 ? 23  ARG A NE  1 
ATOM   171  C CZ  . ARG A 1 23  ? -7.256  -8.305  10.337  1.00 13.86 ? 23  ARG A CZ  1 
ATOM   172  N NH1 . ARG A 1 23  ? -7.699  -7.061  10.481  1.00 14.73 ? 23  ARG A NH1 1 
ATOM   173  N NH2 . ARG A 1 23  ? -7.724  -9.060  9.358   1.00 13.21 ? 23  ARG A NH2 1 
ATOM   174  N N   . ASP A 1 24  ? -3.402  -10.618 12.973  1.00 8.35  ? 24  ASP A N   1 
ATOM   175  C CA  . ASP A 1 24  ? -4.036  -11.686 13.750  1.00 7.88  ? 24  ASP A CA  1 
ATOM   176  C C   . ASP A 1 24  ? -3.278  -11.971 15.031  1.00 9.25  ? 24  ASP A C   1 
ATOM   177  O O   . ASP A 1 24  ? -3.880  -12.133 16.097  1.00 9.60  ? 24  ASP A O   1 
ATOM   178  C CB  . ASP A 1 24  ? -4.186  -12.938 12.891  1.00 9.63  ? 24  ASP A CB  1 
ATOM   179  C CG  . ASP A 1 24  ? -5.292  -12.801 11.831  1.00 10.09 ? 24  ASP A CG  1 
ATOM   180  O OD1 . ASP A 1 24  ? -6.021  -11.783 11.830  1.00 11.15 ? 24  ASP A OD1 1 
ATOM   181  O OD2 . ASP A 1 24  ? -5.430  -13.706 10.992  1.00 12.04 ? 24  ASP A OD2 1 
ATOM   182  N N   . GLN A 1 25  ? -1.954  -11.993 14.956  1.00 10.44 ? 25  GLN A N   1 
ATOM   183  C CA  . GLN A 1 25  ? -1.151  -12.223 16.150  1.00 9.14  ? 25  GLN A CA  1 
ATOM   184  C C   . GLN A 1 25  ? -1.384  -11.115 17.180  1.00 10.10 ? 25  GLN A C   1 
ATOM   185  O O   . GLN A 1 25  ? -1.650  -11.387 18.350  1.00 12.97 ? 25  GLN A O   1 
ATOM   186  C CB  . GLN A 1 25  ? 0.352   -12.296 15.810  1.00 9.36  ? 25  GLN A CB  1 
ATOM   187  C CG  . GLN A 1 25  ? 0.760   -13.463 14.925  1.00 9.98  ? 25  GLN A CG  1 
ATOM   188  C CD  . GLN A 1 25  ? 2.256   -13.448 14.593  1.00 12.21 ? 25  GLN A CD  1 
ATOM   189  O OE1 . GLN A 1 25  ? 3.059   -12.830 15.294  1.00 11.73 ? 25  GLN A OE1 1 
ATOM   190  N NE2 . GLN A 1 25  ? 2.623   -14.111 13.515  1.00 13.94 ? 25  GLN A NE2 1 
ATOM   191  N N   . ALA A 1 26  ? -1.300  -9.863  16.750  1.00 8.90  ? 26  ALA A N   1 
ATOM   192  C CA  . ALA A 1 26  ? -1.470  -8.732  17.651  1.00 9.69  ? 26  ALA A CA  1 
ATOM   193  C C   . ALA A 1 26  ? -2.864  -8.665  18.275  1.00 10.80 ? 26  ALA A C   1 
ATOM   194  O O   . ALA A 1 26  ? -3.011  -8.372  19.465  1.00 12.40 ? 26  ALA A O   1 
ATOM   195  C CB  . ALA A 1 26  ? -1.178  -7.425  16.903  1.00 9.04  ? 26  ALA A CB  1 
ATOM   196  N N   . CYS A 1 27  ? -3.878  -8.912  17.456  1.00 9.16  ? 27  CYS A N   1 
ATOM   197  C CA  . CYS A 1 27  ? -5.268  -8.844  17.901  1.00 10.29 ? 27  CYS A CA  1 
ATOM   198  C C   . CYS A 1 27  ? -5.668  -10.015 18.790  1.00 11.38 ? 27  CYS A C   1 
ATOM   199  O O   . CYS A 1 27  ? -6.601  -9.909  19.589  1.00 11.76 ? 27  CYS A O   1 
ATOM   200  C CB  . CYS A 1 27  ? -6.198  -8.702  16.690  1.00 8.21  ? 27  CYS A CB  1 
ATOM   201  S SG  . CYS A 1 27  ? -5.990  -7.112  15.786  1.00 9.23  ? 27  CYS A SG  1 
ATOM   202  N N   . GLY A 1 28  ? -4.915  -11.103 18.692  1.00 13.55 ? 28  GLY A N   1 
ATOM   203  C CA  . GLY A 1 28  ? -5.184  -12.272 19.511  1.00 14.73 ? 28  GLY A CA  1 
ATOM   204  C C   . GLY A 1 28  ? -4.507  -12.180 20.870  1.00 16.78 ? 28  GLY A C   1 
ATOM   205  O O   . GLY A 1 28  ? -4.765  -13.000 21.747  1.00 18.25 ? 28  GLY A O   1 
ATOM   206  N N   . ASN A 1 29  ? -3.655  -11.177 21.065  1.00 16.11 ? 29  ASN A N   1 
ATOM   207  C CA  . ASN A 1 29  ? -2.942  -11.003 22.320  1.00 15.28 ? 29  ASN A CA  1 
ATOM   208  C C   . ASN A 1 29  ? -2.854  -9.524  22.667  1.00 16.18 ? 29  ASN A C   1 
ATOM   209  O O   . ASN A 1 29  ? -1.760  -8.952  22.811  1.00 15.48 ? 29  ASN A O   1 
ATOM   210  C CB  . ASN A 1 29  ? -1.542  -11.589 22.200  1.00 21.93 ? 29  ASN A CB  1 
ATOM   211  C CG  . ASN A 1 29  ? -0.791  -11.588 23.525  1.00 28.16 ? 29  ASN A CG  1 
ATOM   212  O OD1 . ASN A 1 29  ? -1.350  -11.243 24.577  1.00 30.54 ? 29  ASN A OD1 1 
ATOM   213  N ND2 . ASN A 1 29  ? 0.489   -11.949 23.480  1.00 30.19 ? 29  ASN A ND2 1 
ATOM   214  N N   . GLN A 1 30  ? -4.012  -8.922  22.906  1.00 13.47 ? 30  GLN A N   1 
ATOM   215  C CA  . GLN A 1 30  ? -4.075  -7.500  23.187  1.00 12.53 ? 30  GLN A CA  1 
ATOM   216  C C   . GLN A 1 30  ? -3.584  -7.090  24.555  1.00 13.81 ? 30  GLN A C   1 
ATOM   217  O O   . GLN A 1 30  ? -3.456  -5.900  24.842  1.00 14.92 ? 30  GLN A O   1 
ATOM   218  C CB  . GLN A 1 30  ? -5.484  -6.960  22.931  1.00 13.40 ? 30  GLN A CB  1 
ATOM   219  C CG  . GLN A 1 30  ? -5.953  -7.195  21.505  1.00 12.26 ? 30  GLN A CG  1 
ATOM   220  C CD  . GLN A 1 30  ? -7.400  -6.816  21.287  1.00 12.37 ? 30  GLN A CD  1 
ATOM   221  O OE1 . GLN A 1 30  ? -7.850  -5.770  21.736  1.00 12.78 ? 30  GLN A OE1 1 
ATOM   222  N NE2 . GLN A 1 30  ? -8.134  -7.666  20.592  1.00 11.93 ? 30  GLN A NE2 1 
ATOM   223  N N   . GLY A 1 31  ? -3.257  -8.062  25.381  1.00 13.06 ? 31  GLY A N   1 
ATOM   224  C CA  . GLY A 1 31  ? -2.790  -7.740  26.709  1.00 15.28 ? 31  GLY A CA  1 
ATOM   225  C C   . GLY A 1 31  ? -1.383  -7.184  26.793  1.00 17.69 ? 31  GLY A C   1 
ATOM   226  O O   . GLY A 1 31  ? -1.073  -6.439  27.724  1.00 19.09 ? 31  GLY A O   1 
ATOM   227  N N   . GLN A 1 32  ? -0.528  -7.538  25.839  1.00 20.19 ? 32  GLN A N   1 
ATOM   228  C CA  . GLN A 1 32  ? 0.863   -7.074  25.853  1.00 23.17 ? 32  GLN A CA  1 
ATOM   229  C C   . GLN A 1 32  ? 1.054   -5.606  25.460  1.00 24.31 ? 32  GLN A C   1 
ATOM   230  O O   . GLN A 1 32  ? 0.298   -5.072  24.652  1.00 26.75 ? 32  GLN A O   1 
ATOM   231  C CB  . GLN A 1 32  ? 1.728   -7.959  24.949  1.00 26.53 ? 32  GLN A CB  1 
ATOM   232  C CG  . GLN A 1 32  ? 1.282   -7.978  23.506  1.00 32.51 ? 32  GLN A CG  1 
ATOM   233  C CD  . GLN A 1 32  ? 2.064   -8.959  22.653  1.00 35.45 ? 32  GLN A CD  1 
ATOM   234  O OE1 . GLN A 1 32  ? 3.094   -9.490  23.073  1.00 38.39 ? 32  GLN A OE1 1 
ATOM   235  N NE2 . GLN A 1 32  ? 1.577   -9.205  21.446  1.00 37.34 ? 32  GLN A NE2 1 
ATOM   236  N N   . THR A 1 33  ? 2.006   -4.927  26.084  1.00 22.48 ? 33  THR A N   1 
ATOM   237  C CA  . THR A 1 33  ? 2.266   -3.547  25.711  1.00 22.87 ? 33  THR A CA  1 
ATOM   238  C C   . THR A 1 33  ? 3.420   -3.563  24.695  1.00 20.80 ? 33  THR A C   1 
ATOM   239  O O   . THR A 1 33  ? 4.256   -4.481  24.697  1.00 17.14 ? 33  THR A O   1 
ATOM   240  C CB  A THR A 1 33  ? 2.547   -2.644  26.927  0.36 24.12 ? 33  THR A CB  1 
ATOM   241  C CB  B THR A 1 33  ? 2.682   -2.711  26.953  0.44 23.48 ? 33  THR A CB  1 
ATOM   242  O OG1 A THR A 1 33  ? 3.743   -3.074  27.590  0.36 24.88 ? 33  THR A OG1 1 
ATOM   243  O OG1 B THR A 1 33  ? 1.641   -2.770  27.938  0.44 25.33 ? 33  THR A OG1 1 
ATOM   244  C CG2 A THR A 1 33  ? 1.390   -2.721  27.911  0.36 25.10 ? 33  THR A CG2 1 
ATOM   245  C CG2 B THR A 1 33  ? 2.931   -1.262  26.575  0.44 23.30 ? 33  THR A CG2 1 
ATOM   246  N N   . TRP A 1 34  ? 3.373   -2.630  23.749  1.00 17.34 ? 34  TRP A N   1 
ATOM   247  C CA  . TRP A 1 34  ? 4.389   -2.537  22.711  1.00 15.38 ? 34  TRP A CA  1 
ATOM   248  C C   . TRP A 1 34  ? 5.289   -1.321  22.948  1.00 15.17 ? 34  TRP A C   1 
ATOM   249  O O   . TRP A 1 34  ? 4.824   -0.182  22.913  1.00 14.65 ? 34  TRP A O   1 
ATOM   250  C CB  . TRP A 1 34  ? 3.726   -2.416  21.332  1.00 13.80 ? 34  TRP A CB  1 
ATOM   251  C CG  . TRP A 1 34  ? 3.006   -3.653  20.856  1.00 13.18 ? 34  TRP A CG  1 
ATOM   252  C CD1 . TRP A 1 34  ? 2.067   -4.382  21.543  1.00 13.50 ? 34  TRP A CD1 1 
ATOM   253  C CD2 . TRP A 1 34  ? 3.161   -4.296  19.581  1.00 13.37 ? 34  TRP A CD2 1 
ATOM   254  N NE1 . TRP A 1 34  ? 1.634   -5.438  20.770  1.00 14.61 ? 34  TRP A NE1 1 
ATOM   255  C CE2 . TRP A 1 34  ? 2.288   -5.414  19.564  1.00 13.33 ? 34  TRP A CE2 1 
ATOM   256  C CE3 . TRP A 1 34  ? 3.950   -4.046  18.448  1.00 13.33 ? 34  TRP A CE3 1 
ATOM   257  C CZ2 . TRP A 1 34  ? 2.176   -6.269  18.450  1.00 11.45 ? 34  TRP A CZ2 1 
ATOM   258  C CZ3 . TRP A 1 34  ? 3.838   -4.897  17.343  1.00 11.07 ? 34  TRP A CZ3 1 
ATOM   259  C CH2 . TRP A 1 34  ? 2.958   -5.997  17.359  1.00 12.83 ? 34  TRP A CH2 1 
ATOM   260  N N   . CYS A 1 35  ? 6.550   -1.558  23.275  1.00 12.90 ? 35  CYS A N   1 
ATOM   261  C CA  . CYS A 1 35  ? 7.466   -0.450  23.476  1.00 14.29 ? 35  CYS A CA  1 
ATOM   262  C C   . CYS A 1 35  ? 8.348   -0.321  22.222  1.00 15.05 ? 35  CYS A C   1 
ATOM   263  O O   . CYS A 1 35  ? 8.491   -1.293  21.460  1.00 14.98 ? 35  CYS A O   1 
ATOM   264  C CB  . CYS A 1 35  ? 8.274   -0.632  24.767  1.00 15.60 ? 35  CYS A CB  1 
ATOM   265  S SG  . CYS A 1 35  ? 7.287   -0.309  26.266  1.00 15.99 ? 35  CYS A SG  1 
ATOM   266  N N   . PRO A 1 36  ? 8.976   0.854   22.007  1.00 15.00 ? 36  PRO A N   1 
ATOM   267  C CA  . PRO A 1 36  ? 9.822   1.071   20.829  1.00 13.82 ? 36  PRO A CA  1 
ATOM   268  C C   . PRO A 1 36  ? 10.838  -0.032  20.567  1.00 13.75 ? 36  PRO A C   1 
ATOM   269  O O   . PRO A 1 36  ? 11.547  -0.482  21.476  1.00 11.99 ? 36  PRO A O   1 
ATOM   270  C CB  . PRO A 1 36  ? 10.507  2.404   21.140  1.00 14.72 ? 36  PRO A CB  1 
ATOM   271  C CG  . PRO A 1 36  ? 9.513   3.098   21.994  1.00 16.35 ? 36  PRO A CG  1 
ATOM   272  C CD  . PRO A 1 36  ? 9.094   1.991   22.929  1.00 14.62 ? 36  PRO A CD  1 
ATOM   273  N N   . GLY A 1 37  ? 10.847  -0.519  19.332  1.00 13.56 ? 37  GLY A N   1 
ATOM   274  C CA  . GLY A 1 37  ? 11.798  -1.547  18.953  1.00 14.59 ? 37  GLY A CA  1 
ATOM   275  C C   . GLY A 1 37  ? 11.436  -2.998  19.217  1.00 15.40 ? 37  GLY A C   1 
ATOM   276  O O   . GLY A 1 37  ? 12.087  -3.900  18.682  1.00 16.14 ? 37  GLY A O   1 
ATOM   277  N N   . GLU A 1 38  ? 10.421  -3.242  20.041  1.00 12.64 ? 38  GLU A N   1 
ATOM   278  C CA  . GLU A 1 38  ? 10.025  -4.612  20.325  1.00 13.86 ? 38  GLU A CA  1 
ATOM   279  C C   . GLU A 1 38  ? 9.216   -5.210  19.171  1.00 13.11 ? 38  GLU A C   1 
ATOM   280  O O   . GLU A 1 38  ? 8.146   -4.700  18.824  1.00 13.79 ? 38  GLU A O   1 
ATOM   281  C CB  . GLU A 1 38  ? 9.229   -4.675  21.629  1.00 15.04 ? 38  GLU A CB  1 
ATOM   282  C CG  . GLU A 1 38  ? 10.011  -4.167  22.828  1.00 18.03 ? 38  GLU A CG  1 
ATOM   283  C CD  . GLU A 1 38  ? 9.174   -4.036  24.090  1.00 21.05 ? 38  GLU A CD  1 
ATOM   284  O OE1 . GLU A 1 38  ? 7.923   -4.069  24.007  1.00 19.59 ? 38  GLU A OE1 1 
ATOM   285  O OE2 . GLU A 1 38  ? 9.787   -3.880  25.173  1.00 23.71 ? 38  GLU A OE2 1 
ATOM   286  N N   . ARG A 1 39  ? 9.725   -6.293  18.592  1.00 12.12 ? 39  ARG A N   1 
ATOM   287  C CA  . ARG A 1 39  ? 9.074   -6.966  17.479  1.00 11.63 ? 39  ARG A CA  1 
ATOM   288  C C   . ARG A 1 39  ? 8.128   -8.008  18.057  1.00 13.49 ? 39  ARG A C   1 
ATOM   289  O O   . ARG A 1 39  ? 8.421   -9.202  18.098  1.00 12.82 ? 39  ARG A O   1 
ATOM   290  C CB  . ARG A 1 39  ? 10.123  -7.578  16.539  1.00 11.13 ? 39  ARG A CB  1 
ATOM   291  C CG  . ARG A 1 39  ? 11.097  -6.506  15.992  1.00 12.59 ? 39  ARG A CG  1 
ATOM   292  C CD  . ARG A 1 39  ? 12.136  -7.048  14.996  1.00 15.13 ? 39  ARG A CD  1 
ATOM   293  N NE  . ARG A 1 39  ? 13.133  -7.917  15.615  1.00 14.97 ? 39  ARG A NE  1 
ATOM   294  C CZ  . ARG A 1 39  ? 13.215  -9.230  15.407  1.00 16.05 ? 39  ARG A CZ  1 
ATOM   295  N NH1 . ARG A 1 39  ? 12.370  -9.816  14.594  1.00 16.54 ? 39  ARG A NH1 1 
ATOM   296  N NH2 . ARG A 1 39  ? 14.107  -9.972  16.039  1.00 19.05 ? 39  ARG A NH2 1 
ATOM   297  N N   . ARG A 1 40  ? 6.974   -7.501  18.483  1.00 14.95 ? 40  ARG A N   1 
ATOM   298  C CA  . ARG A 1 40  ? 5.916   -8.265  19.125  1.00 16.45 ? 40  ARG A CA  1 
ATOM   299  C C   . ARG A 1 40  ? 5.086   -9.183  18.244  1.00 15.65 ? 40  ARG A C   1 
ATOM   300  O O   . ARG A 1 40  ? 4.443   -10.085 18.761  1.00 17.49 ? 40  ARG A O   1 
ATOM   301  C CB  . ARG A 1 40  ? 5.014   -7.308  19.890  1.00 19.57 ? 40  ARG A CB  1 
ATOM   302  C CG  . ARG A 1 40  ? 5.731   -6.506  20.949  1.00 23.64 ? 40  ARG A CG  1 
ATOM   303  C CD  . ARG A 1 40  ? 5.717   -7.286  22.222  1.00 28.52 ? 40  ARG A CD  1 
ATOM   304  N NE  . ARG A 1 40  ? 6.402   -6.615  23.318  1.00 32.52 ? 40  ARG A NE  1 
ATOM   305  C CZ  . ARG A 1 40  ? 6.362   -7.046  24.574  1.00 34.55 ? 40  ARG A CZ  1 
ATOM   306  N NH1 . ARG A 1 40  ? 5.659   -8.130  24.866  1.00 35.41 ? 40  ARG A NH1 1 
ATOM   307  N NH2 . ARG A 1 40  ? 7.054   -6.427  25.528  1.00 35.13 ? 40  ARG A NH2 1 
ATOM   308  N N   . ALA A 1 41  ? 5.047   -8.934  16.937  1.00 11.95 ? 41  ALA A N   1 
ATOM   309  C CA  . ALA A 1 41  ? 4.322   -9.810  16.008  1.00 11.74 ? 41  ALA A CA  1 
ATOM   310  C C   . ALA A 1 41  ? 5.237   -9.950  14.797  1.00 11.95 ? 41  ALA A C   1 
ATOM   311  O O   . ALA A 1 41  ? 5.864   -8.969  14.383  1.00 13.59 ? 41  ALA A O   1 
ATOM   312  C CB  . ALA A 1 41  ? 2.987   -9.204  15.604  1.00 10.37 ? 41  ALA A CB  1 
ATOM   313  N N   . LYS A 1 42  ? 5.335   -11.152 14.238  1.00 12.54 ? 42  LYS A N   1 
ATOM   314  C CA  . LYS A 1 42  ? 6.220   -11.378 13.100  1.00 13.91 ? 42  LYS A CA  1 
ATOM   315  C C   . LYS A 1 42  ? 6.005   -12.740 12.463  1.00 14.39 ? 42  LYS A C   1 
ATOM   316  O O   . LYS A 1 42  ? 5.478   -13.657 13.091  1.00 14.87 ? 42  LYS A O   1 
ATOM   317  C CB  . LYS A 1 42  ? 7.688   -11.290 13.561  1.00 13.07 ? 42  LYS A CB  1 
ATOM   318  C CG  . LYS A 1 42  ? 8.154   -12.496 14.375  1.00 15.81 ? 42  LYS A CG  1 
ATOM   319  C CD  . LYS A 1 42  ? 9.493   -12.263 15.051  1.00 16.40 ? 42  LYS A CD  1 
ATOM   320  C CE  . LYS A 1 42  ? 9.887   -13.470 15.866  1.00 19.40 ? 42  LYS A CE  1 
ATOM   321  N NZ  . LYS A 1 42  ? 10.847  -13.128 16.956  1.00 20.84 ? 42  LYS A NZ  1 
ATOM   322  N N   . VAL A 1 43  ? 6.380   -12.851 11.195  1.00 14.38 ? 43  VAL A N   1 
ATOM   323  C CA  . VAL A 1 43  ? 6.317   -14.110 10.454  1.00 12.53 ? 43  VAL A CA  1 
ATOM   324  C C   . VAL A 1 43  ? 7.752   -14.290 9.928   1.00 14.79 ? 43  VAL A C   1 
ATOM   325  O O   . VAL A 1 43  ? 8.275   -13.438 9.189   1.00 12.33 ? 43  VAL A O   1 
ATOM   326  C CB  . VAL A 1 43  ? 5.325   -14.044 9.265   1.00 15.46 ? 43  VAL A CB  1 
ATOM   327  C CG1 . VAL A 1 43  ? 5.436   -15.311 8.413   1.00 14.38 ? 43  VAL A CG1 1 
ATOM   328  C CG2 . VAL A 1 43  ? 3.887   -13.867 9.790   1.00 13.87 ? 43  VAL A CG2 1 
ATOM   329  N N   . CYS A 1 44  ? 8.426   -15.306 10.448  1.00 14.66 ? 44  CYS A N   1 
ATOM   330  C CA  . CYS A 1 44  ? 9.799   -15.613 10.065  1.00 15.95 ? 44  CYS A CA  1 
ATOM   331  C C   . CYS A 1 44  ? 9.981   -16.531 8.871   1.00 17.80 ? 44  CYS A C   1 
ATOM   332  O O   . CYS A 1 44  ? 9.134   -17.372 8.566   1.00 20.30 ? 44  CYS A O   1 
ATOM   333  C CB  . CYS A 1 44  ? 10.526  -16.243 11.243  1.00 15.53 ? 44  CYS A CB  1 
ATOM   334  S SG  . CYS A 1 44  ? 10.633  -15.197 12.704  1.00 16.67 ? 44  CYS A SG  1 
ATOM   335  N N   . GLY A 1 45  ? 11.089  -16.313 8.180   1.00 18.70 ? 45  GLY A N   1 
ATOM   336  C CA  . GLY A 1 45  ? 11.487  -17.150 7.070   1.00 19.19 ? 45  GLY A CA  1 
ATOM   337  C C   . GLY A 1 45  ? 12.765  -17.784 7.617   1.00 21.09 ? 45  GLY A C   1 
ATOM   338  O O   . GLY A 1 45  ? 12.922  -17.937 8.843   1.00 19.85 ? 45  GLY A O   1 
ATOM   339  N N   . THR A 1 46  ? 13.693  -18.153 6.742   1.00 21.23 ? 46  THR A N   1 
ATOM   340  C CA  . THR A 1 46  ? 14.939  -18.734 7.214   1.00 20.31 ? 46  THR A CA  1 
ATOM   341  C C   . THR A 1 46  ? 15.980  -17.632 7.352   1.00 18.79 ? 46  THR A C   1 
ATOM   342  O O   . THR A 1 46  ? 16.470  -17.099 6.355   1.00 19.39 ? 46  THR A O   1 
ATOM   343  C CB  . THR A 1 46  ? 15.452  -19.842 6.284   1.00 22.12 ? 46  THR A CB  1 
ATOM   344  O OG1 . THR A 1 46  ? 14.502  -20.917 6.259   1.00 24.30 ? 46  THR A OG1 1 
ATOM   345  C CG2 . THR A 1 46  ? 16.793  -20.379 6.789   1.00 22.21 ? 46  THR A CG2 1 
ATOM   346  N N   . GLY A 1 47  ? 16.251  -17.247 8.594   1.00 16.12 ? 47  GLY A N   1 
ATOM   347  C CA  . GLY A 1 47  ? 17.232  -16.224 8.869   1.00 15.19 ? 47  GLY A CA  1 
ATOM   348  C C   . GLY A 1 47  ? 16.750  -14.803 8.749   1.00 17.12 ? 47  GLY A C   1 
ATOM   349  O O   . GLY A 1 47  ? 17.559  -13.875 8.810   1.00 17.81 ? 47  GLY A O   1 
ATOM   350  N N   . ASN A 1 48  ? 15.438  -14.616 8.593   1.00 17.40 ? 48  ASN A N   1 
ATOM   351  C CA  . ASN A 1 48  ? 14.859  -13.280 8.456   1.00 16.68 ? 48  ASN A CA  1 
ATOM   352  C C   . ASN A 1 48  ? 13.378  -13.286 8.811   1.00 16.96 ? 48  ASN A C   1 
ATOM   353  O O   . ASN A 1 48  ? 12.819  -14.341 9.113   1.00 14.65 ? 48  ASN A O   1 
ATOM   354  C CB  . ASN A 1 48  ? 15.039  -12.772 7.026   1.00 18.33 ? 48  ASN A CB  1 
ATOM   355  C CG  . ASN A 1 48  ? 14.464  -13.714 6.005   1.00 20.79 ? 48  ASN A CG  1 
ATOM   356  O OD1 . ASN A 1 48  ? 13.338  -14.203 6.138   1.00 22.30 ? 48  ASN A OD1 1 
ATOM   357  N ND2 . ASN A 1 48  ? 15.235  -13.992 4.979   1.00 23.57 ? 48  ASN A ND2 1 
ATOM   358  N N   . SER A 1 49  ? 12.752  -12.112 8.775   1.00 15.66 ? 49  SER A N   1 
ATOM   359  C CA  . SER A 1 49  ? 11.334  -12.003 9.089   1.00 14.08 ? 49  SER A CA  1 
ATOM   360  C C   . SER A 1 49  ? 10.710  -10.689 8.628   1.00 13.67 ? 49  SER A C   1 
ATOM   361  O O   . SER A 1 49  ? 11.405  -9.767  8.175   1.00 10.48 ? 49  SER A O   1 
ATOM   362  C CB  . SER A 1 49  ? 11.134  -12.092 10.610  1.00 13.16 ? 49  SER A CB  1 
ATOM   363  O OG  . SER A 1 49  ? 11.639  -10.929 11.268  1.00 11.44 ? 49  SER A OG  1 
ATOM   364  N N   . ILE A 1 50  ? 9.376   -10.677 8.668   1.00 13.70 ? 50  ILE A N   1 
ATOM   365  C CA  . ILE A 1 50  ? 8.568   -9.488  8.416   1.00 12.37 ? 50  ILE A CA  1 
ATOM   366  C C   . ILE A 1 50  ? 8.077   -9.269  9.862   1.00 10.32 ? 50  ILE A C   1 
ATOM   367  O O   . ILE A 1 50  ? 7.391   -10.134 10.422  1.00 12.39 ? 50  ILE A O   1 
ATOM   368  C CB  . ILE A 1 50  ? 7.345   -9.750  7.503   1.00 12.28 ? 50  ILE A CB  1 
ATOM   369  C CG1 . ILE A 1 50  ? 7.776   -10.233 6.109   1.00 13.55 ? 50  ILE A CG1 1 
ATOM   370  C CG2 . ILE A 1 50  ? 6.517   -8.477  7.413   1.00 11.81 ? 50  ILE A CG2 1 
ATOM   371  C CD1 . ILE A 1 50  ? 8.728   -9.298  5.366   1.00 14.14 ? 50  ILE A CD1 1 
ATOM   372  N N   . SER A 1 51  ? 8.519   -8.187  10.489  1.00 7.54  ? 51  SER A N   1 
ATOM   373  C CA  . SER A 1 51  ? 8.187   -7.892  11.873  1.00 9.48  ? 51  SER A CA  1 
ATOM   374  C C   . SER A 1 51  ? 7.483   -6.550  12.044  1.00 11.83 ? 51  SER A C   1 
ATOM   375  O O   . SER A 1 51  ? 7.675   -5.613  11.242  1.00 10.66 ? 51  SER A O   1 
ATOM   376  C CB  . SER A 1 51  ? 9.462   -7.878  12.737  1.00 10.78 ? 51  SER A CB  1 
ATOM   377  O OG  . SER A 1 51  ? 10.148  -9.126  12.734  1.00 11.31 ? 51  SER A OG  1 
ATOM   378  N N   . ALA A 1 52  ? 6.685   -6.452  13.104  1.00 10.89 ? 52  ALA A N   1 
ATOM   379  C CA  . ALA A 1 52  ? 5.962   -5.226  13.440  1.00 9.65  ? 52  ALA A CA  1 
ATOM   380  C C   . ALA A 1 52  ? 6.615   -4.672  14.709  1.00 9.29  ? 52  ALA A C   1 
ATOM   381  O O   . ALA A 1 52  ? 6.933   -5.429  15.634  1.00 10.55 ? 52  ALA A O   1 
ATOM   382  C CB  . ALA A 1 52  ? 4.482   -5.537  13.688  1.00 9.10  ? 52  ALA A CB  1 
ATOM   383  N N   . TYR A 1 53  ? 6.780   -3.360  14.772  1.00 5.97  ? 53  TYR A N   1 
ATOM   384  C CA  . TYR A 1 53  ? 7.402   -2.715  15.916  1.00 7.80  ? 53  TYR A CA  1 
ATOM   385  C C   . TYR A 1 53  ? 7.138   -1.230  15.905  1.00 9.08  ? 53  TYR A C   1 
ATOM   386  O O   . TYR A 1 53  ? 6.972   -0.623  14.840  1.00 10.17 ? 53  TYR A O   1 
ATOM   387  C CB  . TYR A 1 53  ? 8.927   -2.943  15.928  1.00 8.32  ? 53  TYR A CB  1 
ATOM   388  C CG  . TYR A 1 53  ? 9.615   -2.568  14.631  1.00 7.83  ? 53  TYR A CG  1 
ATOM   389  C CD1 . TYR A 1 53  ? 9.739   -3.492  13.591  1.00 7.45  ? 53  TYR A CD1 1 
ATOM   390  C CD2 . TYR A 1 53  ? 10.165  -1.299  14.457  1.00 10.09 ? 53  TYR A CD2 1 
ATOM   391  C CE1 . TYR A 1 53  ? 10.403  -3.162  12.403  1.00 10.31 ? 53  TYR A CE1 1 
ATOM   392  C CE2 . TYR A 1 53  ? 10.828  -0.959  13.283  1.00 10.26 ? 53  TYR A CE2 1 
ATOM   393  C CZ  . TYR A 1 53  ? 10.948  -1.888  12.263  1.00 10.16 ? 53  TYR A CZ  1 
ATOM   394  O OH  . TYR A 1 53  ? 11.612  -1.534  11.105  1.00 11.79 ? 53  TYR A OH  1 
ATOM   395  N N   . VAL A 1 54  ? 7.062   -0.657  17.099  1.00 9.79  ? 54  VAL A N   1 
ATOM   396  C CA  . VAL A 1 54  ? 6.842   0.764   17.270  1.00 10.51 ? 54  VAL A CA  1 
ATOM   397  C C   . VAL A 1 54  ? 8.192   1.445   17.063  1.00 13.20 ? 54  VAL A C   1 
ATOM   398  O O   . VAL A 1 54  ? 9.243   0.889   17.430  1.00 13.09 ? 54  VAL A O   1 
ATOM   399  C CB  . VAL A 1 54  ? 6.332   1.066   18.701  1.00 11.05 ? 54  VAL A CB  1 
ATOM   400  C CG1 . VAL A 1 54  ? 6.378   2.563   18.998  1.00 12.64 ? 54  VAL A CG1 1 
ATOM   401  C CG2 . VAL A 1 54  ? 4.909   0.562   18.854  1.00 12.20 ? 54  VAL A CG2 1 
ATOM   402  N N   . GLN A 1 55  ? 8.162   2.609   16.415  1.00 14.59 ? 55  GLN A N   1 
ATOM   403  C CA  . GLN A 1 55  ? 9.362   3.415   16.192  1.00 14.83 ? 55  GLN A CA  1 
ATOM   404  C C   . GLN A 1 55  ? 8.984   4.887   16.035  1.00 14.60 ? 55  GLN A C   1 
ATOM   405  O O   . GLN A 1 55  ? 7.802   5.229   15.945  1.00 13.95 ? 55  GLN A O   1 
ATOM   406  C CB  . GLN A 1 55  ? 10.190  2.904   15.004  1.00 13.16 ? 55  GLN A CB  1 
ATOM   407  C CG  . GLN A 1 55  ? 9.563   3.052   13.639  1.00 14.15 ? 55  GLN A CG  1 
ATOM   408  C CD  . GLN A 1 55  ? 10.528  2.693   12.518  1.00 14.12 ? 55  GLN A CD  1 
ATOM   409  O OE1 . GLN A 1 55  ? 10.115  2.353   11.397  1.00 15.48 ? 55  GLN A OE1 1 
ATOM   410  N NE2 . GLN A 1 55  ? 11.817  2.755   12.809  1.00 12.65 ? 55  GLN A NE2 1 
ATOM   411  N N   . SER A 1 56  ? 9.992   5.755   16.131  1.00 16.23 ? 56  SER A N   1 
ATOM   412  C CA  . SER A 1 56  ? 9.837   7.211   16.005  1.00 15.31 ? 56  SER A CA  1 
ATOM   413  C C   . SER A 1 56  ? 9.188   7.898   17.192  1.00 15.49 ? 56  SER A C   1 
ATOM   414  O O   . SER A 1 56  ? 8.653   8.998   17.074  1.00 16.15 ? 56  SER A O   1 
ATOM   415  C CB  . SER A 1 56  ? 9.102   7.574   14.716  1.00 14.44 ? 56  SER A CB  1 
ATOM   416  O OG  . SER A 1 56  ? 9.671   6.869   13.631  1.00 15.93 ? 56  SER A OG  1 
ATOM   417  N N   . THR A 1 57  ? 9.233   7.250   18.348  1.00 16.69 ? 57  THR A N   1 
ATOM   418  C CA  . THR A 1 57  ? 8.678   7.839   19.559  1.00 17.34 ? 57  THR A CA  1 
ATOM   419  C C   . THR A 1 57  ? 9.281   7.102   20.743  1.00 17.72 ? 57  THR A C   1 
ATOM   420  O O   . THR A 1 57  ? 9.872   6.038   20.568  1.00 19.11 ? 57  THR A O   1 
ATOM   421  C CB  . THR A 1 57  ? 7.114   7.758   19.609  1.00 15.75 ? 57  THR A CB  1 
ATOM   422  O OG1 . THR A 1 57  ? 6.650   8.256   20.876  1.00 17.07 ? 57  THR A OG1 1 
ATOM   423  C CG2 . THR A 1 57  ? 6.626   6.320   19.434  1.00 15.72 ? 57  THR A CG2 1 
ATOM   424  N N   . ASN A 1 58  ? 9.156   7.711   21.919  1.00 18.41 ? 58  ASN A N   1 
ATOM   425  C CA  . ASN A 1 58  ? 9.635   7.169   23.189  1.00 20.73 ? 58  ASN A CA  1 
ATOM   426  C C   . ASN A 1 58  ? 8.509   6.403   23.871  1.00 19.68 ? 58  ASN A C   1 
ATOM   427  O O   . ASN A 1 58  ? 8.739   5.675   24.824  1.00 20.86 ? 58  ASN A O   1 
ATOM   428  C CB  A ASN A 1 58  ? 10.133  8.305   24.092  0.32 23.63 ? 58  ASN A CB  1 
ATOM   429  C CB  B ASN A 1 58  ? 10.016  8.292   24.167  0.50 21.86 ? 58  ASN A CB  1 
ATOM   430  C CG  A ASN A 1 58  ? 9.140   9.450   24.200  0.32 26.16 ? 58  ASN A CG  1 
ATOM   431  C CG  B ASN A 1 58  ? 11.271  9.035   23.774  0.50 23.23 ? 58  ASN A CG  1 
ATOM   432  O OD1 A ASN A 1 58  ? 8.133   9.475   23.488  0.32 28.89 ? 58  ASN A OD1 1 
ATOM   433  O OD1 B ASN A 1 58  ? 12.207  8.455   23.230  0.50 24.13 ? 58  ASN A OD1 1 
ATOM   434  N ND2 A ASN A 1 58  ? 9.424   10.399  25.073  0.32 28.32 ? 58  ASN A ND2 1 
ATOM   435  N ND2 B ASN A 1 58  ? 11.302  10.329  24.063  0.50 23.96 ? 58  ASN A ND2 1 
ATOM   436  N N   . ASN A 1 59  ? 7.278   6.672   23.480  1.00 17.79 ? 59  ASN A N   1 
ATOM   437  C CA  . ASN A 1 59  ? 6.148   6.005   24.108  1.00 18.74 ? 59  ASN A CA  1 
ATOM   438  C C   . ASN A 1 59  ? 5.947   4.562   23.737  1.00 17.46 ? 59  ASN A C   1 
ATOM   439  O O   . ASN A 1 59  ? 6.405   4.096   22.698  1.00 17.14 ? 59  ASN A O   1 
ATOM   440  C CB  . ASN A 1 59  ? 4.853   6.734   23.795  1.00 19.79 ? 59  ASN A CB  1 
ATOM   441  C CG  . ASN A 1 59  ? 4.893   8.159   24.215  1.00 20.77 ? 59  ASN A CG  1 
ATOM   442  O OD1 . ASN A 1 59  ? 5.262   8.466   25.337  1.00 21.61 ? 59  ASN A OD1 1 
ATOM   443  N ND2 . ASN A 1 59  ? 4.542   9.051   23.304  1.00 22.00 ? 59  ASN A ND2 1 
ATOM   444  N N   . CYS A 1 60  ? 5.181   3.887   24.580  1.00 16.71 ? 60  CYS A N   1 
ATOM   445  C CA  . CYS A 1 60  ? 4.815   2.495   24.378  1.00 16.24 ? 60  CYS A CA  1 
ATOM   446  C C   . CYS A 1 60  ? 3.314   2.570   24.146  1.00 14.87 ? 60  CYS A C   1 
ATOM   447  O O   . CYS A 1 60  ? 2.681   3.547   24.555  1.00 14.38 ? 60  CYS A O   1 
ATOM   448  C CB  . CYS A 1 60  ? 5.084   1.676   25.651  1.00 15.43 ? 60  CYS A CB  1 
ATOM   449  S SG  . CYS A 1 60  ? 6.822   1.648   26.202  1.00 16.09 ? 60  CYS A SG  1 
ATOM   450  N N   . ILE A 1 61  ? 2.753   1.591   23.451  1.00 14.54 ? 61  ILE A N   1 
ATOM   451  C CA  . ILE A 1 61  ? 1.304   1.569   23.235  1.00 14.65 ? 61  ILE A CA  1 
ATOM   452  C C   . ILE A 1 61  ? 0.729   0.233   23.735  1.00 14.99 ? 61  ILE A C   1 
ATOM   453  O O   . ILE A 1 61  ? 1.460   -0.752  23.907  1.00 14.54 ? 61  ILE A O   1 
ATOM   454  C CB  . ILE A 1 61  ? 0.918   1.762   21.748  1.00 14.62 ? 61  ILE A CB  1 
ATOM   455  C CG1 . ILE A 1 61  ? 1.485   0.611   20.905  1.00 14.28 ? 61  ILE A CG1 1 
ATOM   456  C CG2 . ILE A 1 61  ? 1.353   3.157   21.264  1.00 14.29 ? 61  ILE A CG2 1 
ATOM   457  C CD1 . ILE A 1 61  ? 1.049   0.593   19.448  1.00 14.88 ? 61  ILE A CD1 1 
ATOM   458  N N   . SER A 1 62  ? -0.579  0.209   23.975  1.00 15.26 ? 62  SER A N   1 
ATOM   459  C CA  . SER A 1 62  ? -1.258  -0.993  24.448  1.00 14.59 ? 62  SER A CA  1 
ATOM   460  C C   . SER A 1 62  ? -1.431  -1.958  23.292  1.00 13.74 ? 62  SER A C   1 
ATOM   461  O O   . SER A 1 62  ? -1.428  -1.544  22.126  1.00 14.13 ? 62  SER A O   1 
ATOM   462  C CB  . SER A 1 62  ? -2.638  -0.629  25.012  1.00 17.47 ? 62  SER A CB  1 
ATOM   463  O OG  . SER A 1 62  ? -3.581  -0.374  23.975  1.00 19.78 ? 62  SER A OG  1 
ATOM   464  N N   . GLY A 1 63  ? -1.641  -3.231  23.611  1.00 11.18 ? 63  GLY A N   1 
ATOM   465  C CA  . GLY A 1 63  ? -1.831  -4.239  22.582  1.00 9.42  ? 63  GLY A CA  1 
ATOM   466  C C   . GLY A 1 63  ? -3.097  -3.982  21.798  1.00 10.62 ? 63  GLY A C   1 
ATOM   467  O O   . GLY A 1 63  ? -3.217  -4.377  20.639  1.00 11.91 ? 63  GLY A O   1 
ATOM   468  N N   . THR A 1 64  ? -4.078  -3.372  22.451  1.00 11.15 ? 64  THR A N   1 
ATOM   469  C CA  . THR A 1 64  ? -5.330  -3.035  21.786  1.00 14.08 ? 64  THR A CA  1 
ATOM   470  C C   . THR A 1 64  ? -5.028  -2.018  20.681  1.00 11.38 ? 64  THR A C   1 
ATOM   471  O O   . THR A 1 64  ? -5.521  -2.140  19.566  1.00 10.55 ? 64  THR A O   1 
ATOM   472  C CB  . THR A 1 64  ? -6.353  -2.439  22.792  1.00 15.99 ? 64  THR A CB  1 
ATOM   473  O OG1 . THR A 1 64  ? -6.575  -3.374  23.849  1.00 20.24 ? 64  THR A OG1 1 
ATOM   474  C CG2 . THR A 1 64  ? -7.697  -2.184  22.117  1.00 19.49 ? 64  THR A CG2 1 
ATOM   475  N N   . GLU A 1 65  ? -4.167  -1.046  20.976  1.00 13.58 ? 65  GLU A N   1 
ATOM   476  C CA  . GLU A 1 65  ? -3.826  -0.036  19.986  1.00 16.29 ? 65  GLU A CA  1 
ATOM   477  C C   . GLU A 1 65  ? -3.010  -0.627  18.839  1.00 13.48 ? 65  GLU A C   1 
ATOM   478  O O   . GLU A 1 65  ? -3.215  -0.259  17.679  1.00 12.58 ? 65  GLU A O   1 
ATOM   479  C CB  A GLU A 1 65  ? -3.076  1.135   20.624  0.28 19.61 ? 65  GLU A CB  1 
ATOM   480  C CB  B GLU A 1 65  ? -3.084  1.126   20.659  0.47 18.43 ? 65  GLU A CB  1 
ATOM   481  C CG  A GLU A 1 65  ? -3.846  1.862   21.721  0.28 24.17 ? 65  GLU A CG  1 
ATOM   482  C CG  B GLU A 1 65  ? -3.843  1.700   21.852  0.47 21.51 ? 65  GLU A CG  1 
ATOM   483  C CD  A GLU A 1 65  ? -5.022  2.693   21.206  0.28 27.24 ? 65  GLU A CD  1 
ATOM   484  C CD  B GLU A 1 65  ? -3.056  2.749   22.627  0.47 23.60 ? 65  GLU A CD  1 
ATOM   485  O OE1 A GLU A 1 65  ? -5.219  2.794   19.974  0.28 28.02 ? 65  GLU A OE1 1 
ATOM   486  O OE1 B GLU A 1 65  ? -1.868  2.519   22.927  0.47 23.62 ? 65  GLU A OE1 1 
ATOM   487  O OE2 A GLU A 1 65  ? -5.751  3.256   22.051  0.28 30.37 ? 65  GLU A OE2 1 
ATOM   488  O OE2 B GLU A 1 65  ? -3.638  3.805   22.953  0.47 25.20 ? 65  GLU A OE2 1 
ATOM   489  N N   . ALA A 1 66  ? -2.097  -1.547  19.152  1.00 11.82 ? 66  ALA A N   1 
ATOM   490  C CA  . ALA A 1 66  ? -1.290  -2.186  18.116  1.00 11.64 ? 66  ALA A CA  1 
ATOM   491  C C   . ALA A 1 66  ? -2.225  -2.937  17.158  1.00 11.89 ? 66  ALA A C   1 
ATOM   492  O O   . ALA A 1 66  ? -2.037  -2.898  15.944  1.00 11.94 ? 66  ALA A O   1 
ATOM   493  C CB  . ALA A 1 66  ? -0.278  -3.138  18.744  1.00 9.44  ? 66  ALA A CB  1 
ATOM   494  N N   . CYS A 1 67  ? -3.256  -3.581  17.707  1.00 9.74  ? 67  CYS A N   1 
ATOM   495  C CA  . CYS A 1 67  ? -4.242  -4.328  16.926  1.00 8.79  ? 67  CYS A CA  1 
ATOM   496  C C   . CYS A 1 67  ? -4.970  -3.386  15.964  1.00 8.92  ? 67  CYS A C   1 
ATOM   497  O O   . CYS A 1 67  ? -5.185  -3.715  14.791  1.00 8.76  ? 67  CYS A O   1 
ATOM   498  C CB  . CYS A 1 67  ? -5.264  -5.000  17.870  1.00 7.15  ? 67  CYS A CB  1 
ATOM   499  S SG  . CYS A 1 67  ? -6.725  -5.713  17.043  1.00 7.62  ? 67  CYS A SG  1 
ATOM   500  N N   . ARG A 1 68  ? -5.346  -2.220  16.482  1.00 9.68  ? 68  ARG A N   1 
ATOM   501  C CA  . ARG A 1 68  ? -6.050  -1.217  15.697  1.00 12.06 ? 68  ARG A CA  1 
ATOM   502  C C   . ARG A 1 68  ? -5.189  -0.737  14.530  1.00 11.20 ? 68  ARG A C   1 
ATOM   503  O O   . ARG A 1 68  ? -5.631  -0.727  13.384  1.00 10.57 ? 68  ARG A O   1 
ATOM   504  C CB  . ARG A 1 68  ? -6.438  -0.031  16.584  1.00 15.42 ? 68  ARG A CB  1 
ATOM   505  C CG  . ARG A 1 68  ? -7.175  1.082   15.840  1.00 21.21 ? 68  ARG A CG  1 
ATOM   506  C CD  . ARG A 1 68  ? -7.731  2.138   16.801  1.00 25.03 ? 68  ARG A CD  1 
ATOM   507  N NE  . ARG A 1 68  ? -6.700  3.038   17.314  1.00 29.91 ? 68  ARG A NE  1 
ATOM   508  C CZ  . ARG A 1 68  ? -6.003  3.892   16.562  1.00 33.40 ? 68  ARG A CZ  1 
ATOM   509  N NH1 . ARG A 1 68  ? -6.206  3.974   15.242  1.00 32.64 ? 68  ARG A NH1 1 
ATOM   510  N NH2 . ARG A 1 68  ? -5.125  4.705   17.141  1.00 35.71 ? 68  ARG A NH2 1 
ATOM   511  N N   . HIS A 1 69  ? -3.942  -0.371  14.819  1.00 10.48 ? 69  HIS A N   1 
ATOM   512  C CA  . HIS A 1 69  ? -3.039  0.100   13.763  1.00 9.84  ? 69  HIS A CA  1 
ATOM   513  C C   . HIS A 1 69  ? -2.784  -0.965  12.708  1.00 9.98  ? 69  HIS A C   1 
ATOM   514  O O   . HIS A 1 69  ? -2.769  -0.658  11.515  1.00 10.43 ? 69  HIS A O   1 
ATOM   515  C CB  . HIS A 1 69  ? -1.717  0.614   14.353  1.00 9.63  ? 69  HIS A CB  1 
ATOM   516  C CG  . HIS A 1 69  ? -1.879  1.848   15.179  1.00 9.37  ? 69  HIS A CG  1 
ATOM   517  N ND1 . HIS A 1 69  ? -2.363  3.029   14.662  1.00 10.19 ? 69  HIS A ND1 1 
ATOM   518  C CD2 . HIS A 1 69  ? -1.665  2.073   16.499  1.00 10.10 ? 69  HIS A CD2 1 
ATOM   519  C CE1 . HIS A 1 69  ? -2.441  3.933   15.623  1.00 10.91 ? 69  HIS A CE1 1 
ATOM   520  N NE2 . HIS A 1 69  ? -2.021  3.379   16.746  1.00 10.94 ? 69  HIS A NE2 1 
ATOM   521  N N   . LEU A 1 70  ? -2.579  -2.218  13.125  1.00 8.44  ? 70  LEU A N   1 
ATOM   522  C CA  . LEU A 1 70  ? -2.351  -3.278  12.144  1.00 9.74  ? 70  LEU A CA  1 
ATOM   523  C C   . LEU A 1 70  ? -3.597  -3.527  11.284  1.00 9.38  ? 70  LEU A C   1 
ATOM   524  O O   . LEU A 1 70  ? -3.501  -3.887  10.103  1.00 8.81  ? 70  LEU A O   1 
ATOM   525  C CB  . LEU A 1 70  ? -1.866  -4.552  12.824  1.00 9.92  ? 70  LEU A CB  1 
ATOM   526  C CG  . LEU A 1 70  ? -0.411  -4.418  13.285  1.00 10.43 ? 70  LEU A CG  1 
ATOM   527  C CD1 . LEU A 1 70  ? -0.068  -5.531  14.251  1.00 11.11 ? 70  LEU A CD1 1 
ATOM   528  C CD2 . LEU A 1 70  ? 0.497   -4.466  12.069  1.00 10.80 ? 70  LEU A CD2 1 
ATOM   529  N N   . THR A 1 71  ? -4.774  -3.332  11.874  1.00 9.11  ? 71  THR A N   1 
ATOM   530  C CA  . THR A 1 71  ? -6.016  -3.482  11.114  1.00 9.27  ? 71  THR A CA  1 
ATOM   531  C C   . THR A 1 71  ? -6.083  -2.348  10.073  1.00 7.54  ? 71  THR A C   1 
ATOM   532  O O   . THR A 1 71  ? -6.526  -2.554  8.935   1.00 8.07  ? 71  THR A O   1 
ATOM   533  C CB  . THR A 1 71  ? -7.238  -3.413  12.048  1.00 10.52 ? 71  THR A CB  1 
ATOM   534  O OG1 . THR A 1 71  ? -7.240  -4.576  12.897  1.00 10.87 ? 71  THR A OG1 1 
ATOM   535  C CG2 . THR A 1 71  ? -8.544  -3.354  11.242  1.00 9.50  ? 71  THR A CG2 1 
ATOM   536  N N   . ASN A 1 72  ? -5.652  -1.153  10.476  1.00 6.98  ? 72  ASN A N   1 
ATOM   537  C CA  . ASN A 1 72  ? -5.641  -0.007  9.570   1.00 8.41  ? 72  ASN A CA  1 
ATOM   538  C C   . ASN A 1 72  ? -4.783  -0.334  8.357   1.00 8.98  ? 72  ASN A C   1 
ATOM   539  O O   . ASN A 1 72  ? -5.162  -0.033  7.234   1.00 9.73  ? 72  ASN A O   1 
ATOM   540  C CB  . ASN A 1 72  ? -5.085  1.253   10.241  1.00 8.70  ? 72  ASN A CB  1 
ATOM   541  C CG  . ASN A 1 72  ? -6.064  1.910   11.198  1.00 9.70  ? 72  ASN A CG  1 
ATOM   542  O OD1 . ASN A 1 72  ? -5.666  2.734   12.033  1.00 12.04 ? 72  ASN A OD1 1 
ATOM   543  N ND2 . ASN A 1 72  ? -7.338  1.578   11.076  1.00 10.05 ? 72  ASN A ND2 1 
ATOM   544  N N   . LEU A 1 73  ? -3.628  -0.955  8.585   1.00 7.52  ? 73  LEU A N   1 
ATOM   545  C CA  . LEU A 1 73  ? -2.739  -1.333  7.493   1.00 6.67  ? 73  LEU A CA  1 
ATOM   546  C C   . LEU A 1 73  ? -3.370  -2.367  6.574   1.00 7.04  ? 73  LEU A C   1 
ATOM   547  O O   . LEU A 1 73  ? -3.239  -2.277  5.356   1.00 8.55  ? 73  LEU A O   1 
ATOM   548  C CB  . LEU A 1 73  ? -1.391  -1.827  8.044   1.00 7.17  ? 73  LEU A CB  1 
ATOM   549  C CG  . LEU A 1 73  ? -0.499  -0.679  8.561   1.00 8.67  ? 73  LEU A CG  1 
ATOM   550  C CD1 . LEU A 1 73  ? 0.696   -1.191  9.372   1.00 7.02  ? 73  LEU A CD1 1 
ATOM   551  C CD2 . LEU A 1 73  ? -0.002  0.131   7.341   1.00 11.60 ? 73  LEU A CD2 1 
ATOM   552  N N   . VAL A 1 74  ? -4.054  -3.355  7.147   1.00 7.17  ? 74  VAL A N   1 
ATOM   553  C CA  . VAL A 1 74  ? -4.737  -4.367  6.340   1.00 8.66  ? 74  VAL A CA  1 
ATOM   554  C C   . VAL A 1 74  ? -5.807  -3.688  5.471   1.00 8.54  ? 74  VAL A C   1 
ATOM   555  O O   . VAL A 1 74  ? -5.851  -3.894  4.252   1.00 10.54 ? 74  VAL A O   1 
ATOM   556  C CB  . VAL A 1 74  ? -5.406  -5.468  7.233   1.00 7.31  ? 74  VAL A CB  1 
ATOM   557  C CG1 . VAL A 1 74  ? -6.417  -6.297  6.415   1.00 7.80  ? 74  VAL A CG1 1 
ATOM   558  C CG2 . VAL A 1 74  ? -4.325  -6.391  7.796   1.00 6.91  ? 74  VAL A CG2 1 
ATOM   559  N N   . ASN A 1 75  ? -6.591  -2.804  6.079   1.00 8.25  ? 75  ASN A N   1 
ATOM   560  C CA  . ASN A 1 75  ? -7.658  -2.113  5.358   1.00 9.12  ? 75  ASN A CA  1 
ATOM   561  C C   . ASN A 1 75  ? -7.153  -1.129  4.301   1.00 10.43 ? 75  ASN A C   1 
ATOM   562  O O   . ASN A 1 75  ? -7.866  -0.795  3.355   1.00 9.95  ? 75  ASN A O   1 
ATOM   563  C CB  . ASN A 1 75  ? -8.576  -1.416  6.347   1.00 10.96 ? 75  ASN A CB  1 
ATOM   564  C CG  . ASN A 1 75  ? -9.313  -2.408  7.253   1.00 13.63 ? 75  ASN A CG  1 
ATOM   565  O OD1 . ASN A 1 75  ? -9.348  -3.614  6.981   1.00 14.08 ? 75  ASN A OD1 1 
ATOM   566  N ND2 . ASN A 1 75  ? -9.896  -1.903  8.335   1.00 14.19 ? 75  ASN A ND2 1 
ATOM   567  N N   . HIS A 1 76  ? -5.913  -0.684  4.460   1.00 9.80  ? 76  HIS A N   1 
ATOM   568  C CA  . HIS A 1 76  ? -5.297  0.248   3.523   1.00 9.61  ? 76  HIS A CA  1 
ATOM   569  C C   . HIS A 1 76  ? -4.837  -0.459  2.265   1.00 9.12  ? 76  HIS A C   1 
ATOM   570  O O   . HIS A 1 76  ? -4.542  0.183   1.249   1.00 10.36 ? 76  HIS A O   1 
ATOM   571  C CB  . HIS A 1 76  ? -4.101  0.940   4.174   1.00 9.03  ? 76  HIS A CB  1 
ATOM   572  C CG  . HIS A 1 76  ? -3.761  2.253   3.540   1.00 9.71  ? 76  HIS A CG  1 
ATOM   573  N ND1 . HIS A 1 76  ? -2.567  2.481   2.892   1.00 12.71 ? 76  HIS A ND1 1 
ATOM   574  C CD2 . HIS A 1 76  ? -4.471  3.401   3.438   1.00 7.52  ? 76  HIS A CD2 1 
ATOM   575  C CE1 . HIS A 1 76  ? -2.558  3.717   2.415   1.00 9.17  ? 76  HIS A CE1 1 
ATOM   576  N NE2 . HIS A 1 76  ? -3.701  4.291   2.732   1.00 12.09 ? 76  HIS A NE2 1 
ATOM   577  N N   . GLY A 1 77  ? -4.726  -1.778  2.334   1.00 7.58  ? 77  GLY A N   1 
ATOM   578  C CA  . GLY A 1 77  ? -4.296  -2.528  1.170   1.00 7.97  ? 77  GLY A CA  1 
ATOM   579  C C   . GLY A 1 77  ? -2.849  -2.983  1.221   1.00 7.57  ? 77  GLY A C   1 
ATOM   580  O O   . GLY A 1 77  ? -2.352  -3.530  0.240   1.00 7.63  ? 77  GLY A O   1 
ATOM   581  N N   . CYS A 1 78  ? -2.165  -2.752  2.343   1.00 8.67  ? 78  CYS A N   1 
ATOM   582  C CA  . CYS A 1 78  ? -0.763  -3.181  2.473   1.00 9.50  ? 78  CYS A CA  1 
ATOM   583  C C   . CYS A 1 78  ? -0.696  -4.689  2.702   1.00 10.24 ? 78  CYS A C   1 
ATOM   584  O O   . CYS A 1 78  ? -1.046  -5.167  3.774   1.00 12.73 ? 78  CYS A O   1 
ATOM   585  C CB  . CYS A 1 78  ? -0.055  -2.465  3.620   1.00 8.86  ? 78  CYS A CB  1 
ATOM   586  S SG  . CYS A 1 78  ? -0.108  -0.649  3.599   1.00 8.40  ? 78  CYS A SG  1 
ATOM   587  N N   . ARG A 1 79  ? -0.218  -5.431  1.712   1.00 9.89  ? 79  ARG A N   1 
ATOM   588  C CA  . ARG A 1 79  ? -0.137  -6.878  1.828   1.00 11.39 ? 79  ARG A CA  1 
ATOM   589  C C   . ARG A 1 79  ? 0.947   -7.430  2.740   1.00 12.23 ? 79  ARG A C   1 
ATOM   590  O O   . ARG A 1 79  ? 0.723   -8.449  3.389   1.00 11.43 ? 79  ARG A O   1 
ATOM   591  C CB  . ARG A 1 79  ? 0.011   -7.525  0.454   1.00 13.49 ? 79  ARG A CB  1 
ATOM   592  C CG  . ARG A 1 79  ? 0.049   -9.063  0.498   1.00 16.26 ? 79  ARG A CG  1 
ATOM   593  C CD  . ARG A 1 79  ? 0.185   -9.686  -0.899  1.00 19.37 ? 79  ARG A CD  1 
ATOM   594  N NE  . ARG A 1 79  ? 1.442   -9.348  -1.565  1.00 21.44 ? 79  ARG A NE  1 
ATOM   595  C CZ  . ARG A 1 79  ? 2.585   -10.018 -1.410  1.00 23.28 ? 79  ARG A CZ  1 
ATOM   596  N NH1 . ARG A 1 79  ? 2.653   -11.076 -0.611  1.00 21.60 ? 79  ARG A NH1 1 
ATOM   597  N NH2 . ARG A 1 79  ? 3.679   -9.610  -2.029  1.00 24.53 ? 79  ARG A NH2 1 
ATOM   598  N N   . VAL A 1 80  ? 2.121   -6.788  2.775   1.00 10.99 ? 80  VAL A N   1 
ATOM   599  C CA  . VAL A 1 80  ? 3.242   -7.282  3.579   1.00 10.10 ? 80  VAL A CA  1 
ATOM   600  C C   . VAL A 1 80  ? 3.895   -6.266  4.523   1.00 9.75  ? 80  VAL A C   1 
ATOM   601  O O   . VAL A 1 80  ? 4.183   -6.586  5.678   1.00 10.96 ? 80  VAL A O   1 
ATOM   602  C CB  . VAL A 1 80  ? 4.371   -7.866  2.669   1.00 11.02 ? 80  VAL A CB  1 
ATOM   603  C CG1 . VAL A 1 80  ? 5.436   -8.542  3.503   1.00 10.05 ? 80  VAL A CG1 1 
ATOM   604  C CG2 . VAL A 1 80  ? 3.814   -8.831  1.656   1.00 13.03 ? 80  VAL A CG2 1 
ATOM   605  N N   . CYS A 1 81  ? 4.136   -5.045  4.043   1.00 9.00  ? 81  CYS A N   1 
ATOM   606  C CA  . CYS A 1 81  ? 4.790   -4.032  4.867   1.00 6.85  ? 81  CYS A CA  1 
ATOM   607  C C   . CYS A 1 81  ? 4.070   -2.715  4.749   1.00 7.88  ? 81  CYS A C   1 
ATOM   608  O O   . CYS A 1 81  ? 3.298   -2.522  3.815   1.00 10.42 ? 81  CYS A O   1 
ATOM   609  C CB  . CYS A 1 81  ? 6.249   -3.836  4.432   1.00 9.39  ? 81  CYS A CB  1 
ATOM   610  S SG  . CYS A 1 81  ? 7.253   -5.346  4.512   1.00 11.09 ? 81  CYS A SG  1 
ATOM   611  N N   . GLY A 1 82  ? 4.338   -1.819  5.692   1.00 9.75  ? 82  GLY A N   1 
ATOM   612  C CA  . GLY A 1 82  ? 3.714   -0.504  5.708   1.00 9.64  ? 82  GLY A CA  1 
ATOM   613  C C   . GLY A 1 82  ? 3.773   0.063   7.110   1.00 9.90  ? 82  GLY A C   1 
ATOM   614  O O   . GLY A 1 82  ? 4.166   -0.634  8.042   1.00 12.49 ? 82  GLY A O   1 
ATOM   615  N N   . SER A 1 83  ? 3.366   1.308   7.287   1.00 6.97  ? 83  SER A N   1 
ATOM   616  C CA  . SER A 1 83  ? 3.410   1.925   8.598   1.00 8.02  ? 83  SER A CA  1 
ATOM   617  C C   . SER A 1 83  ? 2.177   2.779   8.812   1.00 8.26  ? 83  SER A C   1 
ATOM   618  O O   . SER A 1 83  ? 1.630   3.336   7.862   1.00 8.41  ? 83  SER A O   1 
ATOM   619  C CB  . SER A 1 83  ? 4.647   2.820   8.733   1.00 7.32  ? 83  SER A CB  1 
ATOM   620  O OG  . SER A 1 83  ? 5.851   2.077   8.608   1.00 8.75  ? 83  SER A OG  1 
ATOM   621  N N   . ASP A 1 84  ? 1.749   2.873   10.066  1.00 8.64  ? 84  ASP A N   1 
ATOM   622  C CA  . ASP A 1 84  ? 0.599   3.671   10.446  1.00 10.36 ? 84  ASP A CA  1 
ATOM   623  C C   . ASP A 1 84  ? 0.996   4.631   11.557  1.00 10.89 ? 84  ASP A C   1 
ATOM   624  O O   . ASP A 1 84  ? 1.597   4.223   12.552  1.00 11.36 ? 84  ASP A O   1 
ATOM   625  C CB  . ASP A 1 84  ? -0.535  2.770   10.953  1.00 12.10 ? 84  ASP A CB  1 
ATOM   626  C CG  . ASP A 1 84  ? -1.869  3.497   11.016  1.00 14.29 ? 84  ASP A CG  1 
ATOM   627  O OD1 . ASP A 1 84  ? -2.051  4.452   10.222  1.00 13.34 ? 84  ASP A OD1 1 
ATOM   628  O OD2 . ASP A 1 84  ? -2.728  3.117   11.843  1.00 10.12 ? 84  ASP A OD2 1 
ATOM   629  N N   . PRO A 1 85  ? 0.725   5.933   11.384  1.00 11.05 ? 85  PRO A N   1 
ATOM   630  C CA  . PRO A 1 85  ? 1.095   6.864   12.458  1.00 10.97 ? 85  PRO A CA  1 
ATOM   631  C C   . PRO A 1 85  ? 0.298   6.520   13.721  1.00 12.62 ? 85  PRO A C   1 
ATOM   632  O O   . PRO A 1 85  ? -0.836  6.044   13.630  1.00 13.60 ? 85  PRO A O   1 
ATOM   633  C CB  . PRO A 1 85  ? 0.720   8.231   11.872  1.00 11.85 ? 85  PRO A CB  1 
ATOM   634  C CG  . PRO A 1 85  ? -0.297  7.919   10.817  1.00 11.81 ? 85  PRO A CG  1 
ATOM   635  C CD  . PRO A 1 85  ? 0.225   6.654   10.203  1.00 11.65 ? 85  PRO A CD  1 
ATOM   636  N N   . LEU A 1 86  ? 0.907   6.684   14.886  1.00 14.32 ? 86  LEU A N   1 
ATOM   637  C CA  . LEU A 1 86  ? 0.235   6.360   16.143  1.00 18.47 ? 86  LEU A CA  1 
ATOM   638  C C   . LEU A 1 86  ? -0.742  7.436   16.614  1.00 21.36 ? 86  LEU A C   1 
ATOM   639  O O   . LEU A 1 86  ? -1.784  7.145   17.195  1.00 20.32 ? 86  LEU A O   1 
ATOM   640  C CB  . LEU A 1 86  ? 1.268   6.149   17.252  1.00 17.21 ? 86  LEU A CB  1 
ATOM   641  C CG  . LEU A 1 86  ? 2.264   5.000   17.104  1.00 17.75 ? 86  LEU A CG  1 
ATOM   642  C CD1 . LEU A 1 86  ? 3.169   4.957   18.343  1.00 17.57 ? 86  LEU A CD1 1 
ATOM   643  C CD2 . LEU A 1 86  ? 1.507   3.666   16.910  1.00 17.12 ? 86  LEU A CD2 1 
ATOM   644  N N   . TYR A 1 87  ? -0.390  8.681   16.346  1.00 24.35 ? 87  TYR A N   1 
ATOM   645  C CA  . TYR A 1 87  ? -1.175  9.790   16.815  1.00 28.80 ? 87  TYR A CA  1 
ATOM   646  C C   . TYR A 1 87  ? -1.999  10.470  15.748  1.00 31.68 ? 87  TYR A C   1 
ATOM   647  O O   . TYR A 1 87  ? -1.597  10.552  14.577  1.00 30.29 ? 87  TYR A O   1 
ATOM   648  C CB  . TYR A 1 87  ? -0.253  10.747  17.570  1.00 29.66 ? 87  TYR A CB  1 
ATOM   649  C CG  . TYR A 1 87  ? 0.568   9.990   18.596  1.00 31.17 ? 87  TYR A CG  1 
ATOM   650  C CD1 . TYR A 1 87  ? -0.045  9.398   19.706  1.00 31.84 ? 87  TYR A CD1 1 
ATOM   651  C CD2 . TYR A 1 87  ? 1.934   9.781   18.411  1.00 31.25 ? 87  TYR A CD2 1 
ATOM   652  C CE1 . TYR A 1 87  ? 0.677   8.613   20.600  1.00 31.63 ? 87  TYR A CE1 1 
ATOM   653  C CE2 . TYR A 1 87  ? 2.668   8.994   19.304  1.00 32.60 ? 87  TYR A CE2 1 
ATOM   654  C CZ  . TYR A 1 87  ? 2.026   8.418   20.393  1.00 31.91 ? 87  TYR A CZ  1 
ATOM   655  O OH  . TYR A 1 87  ? 2.739   7.643   21.266  1.00 33.10 ? 87  TYR A OH  1 
ATOM   656  N N   . ALA A 1 88  ? -3.175  10.922  16.177  1.00 34.28 ? 88  ALA A N   1 
ATOM   657  C CA  . ALA A 1 88  ? -4.153  11.568  15.319  1.00 37.29 ? 88  ALA A CA  1 
ATOM   658  C C   . ALA A 1 88  ? -3.593  12.711  14.486  1.00 37.78 ? 88  ALA A C   1 
ATOM   659  O O   . ALA A 1 88  ? -2.770  13.499  14.961  1.00 37.72 ? 88  ALA A O   1 
ATOM   660  C CB  . ALA A 1 88  ? -5.342  12.044  16.152  1.00 39.04 ? 88  ALA A CB  1 
ATOM   661  N N   . GLY A 1 89  ? -4.023  12.755  13.228  1.00 38.96 ? 89  GLY A N   1 
ATOM   662  C CA  . GLY A 1 89  ? -3.606  13.786  12.300  1.00 41.71 ? 89  GLY A CA  1 
ATOM   663  C C   . GLY A 1 89  ? -2.125  14.091  12.326  1.00 43.14 ? 89  GLY A C   1 
ATOM   664  O O   . GLY A 1 89  ? -1.707  15.212  12.037  1.00 44.67 ? 89  GLY A O   1 
ATOM   665  N N   . ASN A 1 90  ? -1.321  13.063  12.577  1.00 44.24 ? 90  ASN A N   1 
ATOM   666  C CA  . ASN A 1 90  ? 0.118   13.236  12.631  1.00 43.06 ? 90  ASN A CA  1 
ATOM   667  C C   . ASN A 1 90  ? 0.914   12.539  11.526  1.00 41.48 ? 90  ASN A C   1 
ATOM   668  O O   . ASN A 1 90  ? 0.401   11.724  10.745  1.00 37.78 ? 90  ASN A O   1 
ATOM   669  C CB  . ASN A 1 90  ? 0.664   12.842  14.010  1.00 44.22 ? 90  ASN A CB  1 
ATOM   670  C CG  . ASN A 1 90  ? 0.722   14.019  14.971  1.00 45.48 ? 90  ASN A CG  1 
ATOM   671  O OD1 . ASN A 1 90  ? 1.712   14.760  15.011  1.00 44.98 ? 90  ASN A OD1 1 
ATOM   672  N ND2 . ASN A 1 90  ? -0.333  14.188  15.761  1.00 45.36 ? 90  ASN A ND2 1 
ATOM   673  N N   . ASP A 1 91  ? 2.159   12.977  11.418  1.00 39.84 ? 91  ASP A N   1 
ATOM   674  C CA  . ASP A 1 91  ? 3.096   12.442  10.467  1.00 38.81 ? 91  ASP A CA  1 
ATOM   675  C C   . ASP A 1 91  ? 3.674   11.225  11.197  1.00 36.10 ? 91  ASP A C   1 
ATOM   676  O O   . ASP A 1 91  ? 3.786   11.225  12.437  1.00 36.51 ? 91  ASP A O   1 
ATOM   677  C CB  . ASP A 1 91  ? 4.187   13.503  10.212  1.00 41.12 ? 91  ASP A CB  1 
ATOM   678  C CG  . ASP A 1 91  ? 5.229   13.083  9.155   1.00 43.11 ? 91  ASP A CG  1 
ATOM   679  O OD1 . ASP A 1 91  ? 5.112   12.025  8.510   1.00 45.44 ? 91  ASP A OD1 1 
ATOM   680  O OD2 . ASP A 1 91  ? 6.197   13.842  8.964   1.00 46.27 ? 91  ASP A OD2 1 
ATOM   681  N N   . VAL A 1 92  ? 4.016   10.183  10.446  1.00 30.05 ? 92  VAL A N   1 
ATOM   682  C CA  . VAL A 1 92  ? 4.621   9.008   11.039  1.00 26.27 ? 92  VAL A CA  1 
ATOM   683  C C   . VAL A 1 92  ? 5.863   9.444   11.813  1.00 26.90 ? 92  VAL A C   1 
ATOM   684  O O   . VAL A 1 92  ? 6.332   8.730   12.680  1.00 25.44 ? 92  VAL A O   1 
ATOM   685  C CB  . VAL A 1 92  ? 5.011   7.972   9.973   1.00 25.46 ? 92  VAL A CB  1 
ATOM   686  C CG1 . VAL A 1 92  ? 3.767   7.306   9.406   1.00 23.79 ? 92  VAL A CG1 1 
ATOM   687  C CG2 . VAL A 1 92  ? 5.833   8.618   8.866   1.00 23.81 ? 92  VAL A CG2 1 
ATOM   688  N N   . SER A 1 93  ? 6.354   10.649  11.521  1.00 29.46 ? 93  SER A N   1 
ATOM   689  C CA  . SER A 1 93  ? 7.540   11.218  12.176  1.00 31.21 ? 93  SER A CA  1 
ATOM   690  C C   . SER A 1 93  ? 7.387   11.351  13.687  1.00 30.70 ? 93  SER A C   1 
ATOM   691  O O   . SER A 1 93  ? 8.387   11.402  14.415  1.00 32.70 ? 93  SER A O   1 
ATOM   692  C CB  . SER A 1 93  ? 7.887   12.597  11.580  1.00 31.71 ? 93  SER A CB  1 
ATOM   693  O OG  . SER A 1 93  ? 6.901   13.582  11.888  1.00 31.67 ? 93  SER A OG  1 
ATOM   694  N N   . ARG A 1 94  ? 6.142   11.451  14.149  1.00 30.87 ? 94  ARG A N   1 
ATOM   695  C CA  . ARG A 1 94  ? 5.879   11.570  15.577  1.00 30.83 ? 94  ARG A CA  1 
ATOM   696  C C   . ARG A 1 94  ? 5.510   10.254  16.259  1.00 26.38 ? 94  ARG A C   1 
ATOM   697  O O   . ARG A 1 94  ? 5.025   10.250  17.394  1.00 25.20 ? 94  ARG A O   1 
ATOM   698  C CB  . ARG A 1 94  ? 4.832   12.648  15.870  1.00 35.03 ? 94  ARG A CB  1 
ATOM   699  C CG  . ARG A 1 94  ? 5.473   13.987  16.226  1.00 40.18 ? 94  ARG A CG  1 
ATOM   700  C CD  . ARG A 1 94  ? 6.421   14.415  15.117  1.00 44.52 ? 94  ARG A CD  1 
ATOM   701  N NE  . ARG A 1 94  ? 7.292   15.524  15.488  1.00 48.13 ? 94  ARG A NE  1 
ATOM   702  C CZ  . ARG A 1 94  ? 8.212   16.041  14.675  1.00 50.96 ? 94  ARG A CZ  1 
ATOM   703  N NH1 . ARG A 1 94  ? 8.376   15.546  13.452  1.00 52.42 ? 94  ARG A NH1 1 
ATOM   704  N NH2 . ARG A 1 94  ? 8.963   17.059  15.075  1.00 51.80 ? 94  ARG A NH2 1 
ATOM   705  N N   . GLY A 1 95  ? 5.772   9.147   15.574  1.00 20.86 ? 95  GLY A N   1 
ATOM   706  C CA  . GLY A 1 95  ? 5.480   7.846   16.141  1.00 16.52 ? 95  GLY A CA  1 
ATOM   707  C C   . GLY A 1 95  ? 4.690   7.035   15.146  1.00 13.51 ? 95  GLY A C   1 
ATOM   708  O O   . GLY A 1 95  ? 3.688   7.507   14.625  1.00 13.17 ? 95  GLY A O   1 
ATOM   709  N N   . GLN A 1 96  ? 5.108   5.798   14.917  1.00 11.71 ? 96  GLN A N   1 
ATOM   710  C CA  . GLN A 1 96  ? 4.423   4.944   13.959  1.00 12.24 ? 96  GLN A CA  1 
ATOM   711  C C   . GLN A 1 96  ? 4.580   3.476   14.313  1.00 12.55 ? 96  GLN A C   1 
ATOM   712  O O   . GLN A 1 96  ? 5.512   3.094   15.036  1.00 12.24 ? 96  GLN A O   1 
ATOM   713  C CB  . GLN A 1 96  ? 5.033   5.169   12.565  1.00 10.95 ? 96  GLN A CB  1 
ATOM   714  C CG  . GLN A 1 96  ? 6.541   4.903   12.536  1.00 11.02 ? 96  GLN A CG  1 
ATOM   715  C CD  . GLN A 1 96  ? 7.198   5.178   11.191  1.00 12.50 ? 96  GLN A CD  1 
ATOM   716  O OE1 . GLN A 1 96  ? 6.699   4.763   10.149  1.00 13.54 ? 96  GLN A OE1 1 
ATOM   717  N NE2 . GLN A 1 96  ? 8.348   5.831   11.218  1.00 11.34 ? 96  GLN A NE2 1 
ATOM   718  N N   . LEU A 1 97  ? 3.646   2.650   13.848  1.00 12.43 ? 97  LEU A N   1 
ATOM   719  C CA  . LEU A 1 97  ? 3.785   1.222   14.060  1.00 13.14 ? 97  LEU A CA  1 
ATOM   720  C C   . LEU A 1 97  ? 4.192   0.800   12.658  1.00 11.56 ? 97  LEU A C   1 
ATOM   721  O O   . LEU A 1 97  ? 3.459   1.036   11.698  1.00 10.29 ? 97  LEU A O   1 
ATOM   722  C CB  A LEU A 1 97  ? 2.450   0.564   14.441  0.37 14.63 ? 97  LEU A CB  1 
ATOM   723  C CB  B LEU A 1 97  ? 2.469   0.561   14.481  0.47 14.20 ? 97  LEU A CB  1 
ATOM   724  C CG  A LEU A 1 97  ? 2.505   -0.961  14.640  0.37 15.59 ? 97  LEU A CG  1 
ATOM   725  C CG  B LEU A 1 97  ? 2.638   -0.823  15.129  0.47 15.29 ? 97  LEU A CG  1 
ATOM   726  C CD1 A LEU A 1 97  ? 3.479   -1.303  15.754  0.37 14.72 ? 97  LEU A CD1 1 
ATOM   727  C CD1 B LEU A 1 97  ? 1.392   -1.188  15.918  0.47 15.51 ? 97  LEU A CD1 1 
ATOM   728  C CD2 A LEU A 1 97  ? 1.123   -1.504  14.966  0.37 16.93 ? 97  LEU A CD2 1 
ATOM   729  C CD2 B LEU A 1 97  ? 2.940   -1.882  14.077  0.47 14.67 ? 97  LEU A CD2 1 
ATOM   730  N N   . THR A 1 98  ? 5.373   0.203   12.550  1.00 9.95  ? 98  THR A N   1 
ATOM   731  C CA  . THR A 1 98  ? 5.923   -0.206  11.276  1.00 8.79  ? 98  THR A CA  1 
ATOM   732  C C   . THR A 1 98  ? 6.025   -1.704  11.163  1.00 7.73  ? 98  THR A C   1 
ATOM   733  O O   . THR A 1 98  ? 6.296   -2.391  12.132  1.00 8.57  ? 98  THR A O   1 
ATOM   734  C CB  . THR A 1 98  ? 7.365   0.400   11.104  1.00 9.03  ? 98  THR A CB  1 
ATOM   735  O OG1 . THR A 1 98  ? 7.278   1.824   11.120  1.00 9.68  ? 98  THR A OG1 1 
ATOM   736  C CG2 . THR A 1 98  ? 8.041   -0.070  9.805   1.00 7.99  ? 98  THR A CG2 1 
ATOM   737  N N   . VAL A 1 99  ? 5.748   -2.197  9.968   1.00 6.93  ? 99  VAL A N   1 
ATOM   738  C CA  . VAL A 1 99  ? 5.880   -3.599  9.647   1.00 8.81  ? 99  VAL A CA  1 
ATOM   739  C C   . VAL A 1 99  ? 6.868   -3.584  8.481   1.00 8.54  ? 99  VAL A C   1 
ATOM   740  O O   . VAL A 1 99  ? 6.585   -3.016  7.415   1.00 7.73  ? 99  VAL A O   1 
ATOM   741  C CB  . VAL A 1 99  ? 4.548   -4.214  9.212   1.00 7.68  ? 99  VAL A CB  1 
ATOM   742  C CG1 . VAL A 1 99  ? 4.743   -5.699  8.871   1.00 6.13  ? 99  VAL A CG1 1 
ATOM   743  C CG2 . VAL A 1 99  ? 3.519   -4.033  10.338  1.00 7.45  ? 99  VAL A CG2 1 
ATOM   744  N N   . ASN A 1 100 ? 8.027   -4.191  8.679   1.00 9.65  ? 100 ASN A N   1 
ATOM   745  C CA  . ASN A 1 100 ? 9.045   -4.193  7.631   1.00 10.75 ? 100 ASN A CA  1 
ATOM   746  C C   . ASN A 1 100 ? 9.919   -5.426  7.749   1.00 11.99 ? 100 ASN A C   1 
ATOM   747  O O   . ASN A 1 100 ? 9.907   -6.137  8.770   1.00 11.27 ? 100 ASN A O   1 
ATOM   748  C CB  . ASN A 1 100 ? 9.920   -2.919  7.784   1.00 11.08 ? 100 ASN A CB  1 
ATOM   749  C CG  . ASN A 1 100 ? 10.754  -2.579  6.523   1.00 11.04 ? 100 ASN A CG  1 
ATOM   750  O OD1 . ASN A 1 100 ? 10.601  -3.180  5.452   1.00 10.50 ? 100 ASN A OD1 1 
ATOM   751  N ND2 . ASN A 1 100 ? 11.636  -1.595  6.668   1.00 10.37 ? 100 ASN A ND2 1 
ATOM   752  N N   . TYR A 1 101 ? 10.645  -5.697  6.676   1.00 13.39 ? 101 TYR A N   1 
ATOM   753  C CA  . TYR A 1 101 ? 11.583  -6.802  6.620   1.00 15.09 ? 101 TYR A CA  1 
ATOM   754  C C   . TYR A 1 101 ? 12.712  -6.541  7.643   1.00 15.84 ? 101 TYR A C   1 
ATOM   755  O O   . TYR A 1 101 ? 13.139  -5.390  7.830   1.00 13.92 ? 101 TYR A O   1 
ATOM   756  C CB  . TYR A 1 101 ? 12.184  -6.865  5.214   1.00 16.83 ? 101 TYR A CB  1 
ATOM   757  C CG  . TYR A 1 101 ? 13.240  -7.924  5.043   1.00 18.25 ? 101 TYR A CG  1 
ATOM   758  C CD1 . TYR A 1 101 ? 12.898  -9.234  4.696   1.00 19.58 ? 101 TYR A CD1 1 
ATOM   759  C CD2 . TYR A 1 101 ? 14.592  -7.611  5.171   1.00 19.41 ? 101 TYR A CD2 1 
ATOM   760  C CE1 . TYR A 1 101 ? 13.880  -10.200 4.470   1.00 19.37 ? 101 TYR A CE1 1 
ATOM   761  C CE2 . TYR A 1 101 ? 15.580  -8.575  4.951   1.00 19.78 ? 101 TYR A CE2 1 
ATOM   762  C CZ  . TYR A 1 101 ? 15.217  -9.860  4.596   1.00 20.85 ? 101 TYR A CZ  1 
ATOM   763  O OH  . TYR A 1 101 ? 16.193  -10.805 4.336   1.00 21.96 ? 101 TYR A OH  1 
ATOM   764  N N   . VAL A 1 102 ? 13.186  -7.606  8.289   1.00 14.51 ? 102 VAL A N   1 
ATOM   765  C CA  . VAL A 1 102 ? 14.268  -7.532  9.270   1.00 14.82 ? 102 VAL A CA  1 
ATOM   766  C C   . VAL A 1 102 ? 15.161  -8.739  8.960   1.00 15.71 ? 102 VAL A C   1 
ATOM   767  O O   . VAL A 1 102 ? 14.669  -9.815  8.620   1.00 15.64 ? 102 VAL A O   1 
ATOM   768  C CB  . VAL A 1 102 ? 13.734  -7.567  10.737  1.00 15.60 ? 102 VAL A CB  1 
ATOM   769  C CG1 . VAL A 1 102 ? 14.887  -7.618  11.731  1.00 16.22 ? 102 VAL A CG1 1 
ATOM   770  C CG2 . VAL A 1 102 ? 12.900  -6.323  11.023  1.00 15.51 ? 102 VAL A CG2 1 
ATOM   771  N N   . ASN A 1 103 ? 16.470  -8.558  9.047   1.00 18.77 ? 103 ASN A N   1 
ATOM   772  C CA  . ASN A 1 103 ? 17.411  -9.633  8.723   1.00 21.06 ? 103 ASN A CA  1 
ATOM   773  C C   . ASN A 1 103 ? 17.640  -10.629 9.843   1.00 22.20 ? 103 ASN A C   1 
ATOM   774  O O   . ASN A 1 103 ? 18.744  -11.162 9.972   1.00 21.82 ? 103 ASN A O   1 
ATOM   775  C CB  A ASN A 1 103 ? 18.755  -9.028  8.295   0.43 23.33 ? 103 ASN A CB  1 
ATOM   776  C CB  B ASN A 1 103 ? 18.752  -9.057  8.280   0.45 23.11 ? 103 ASN A CB  1 
ATOM   777  C CG  A ASN A 1 103 ? 19.350  -8.105  9.352   0.43 25.09 ? 103 ASN A CG  1 
ATOM   778  C CG  B ASN A 1 103 ? 18.626  -8.190  7.054   0.45 25.13 ? 103 ASN A CG  1 
ATOM   779  O OD1 A ASN A 1 103 ? 18.690  -7.777  10.342  0.43 25.96 ? 103 ASN A OD1 1 
ATOM   780  O OD1 B ASN A 1 103 ? 18.461  -6.978  7.158   0.45 27.64 ? 103 ASN A OD1 1 
ATOM   781  N ND2 A ASN A 1 103 ? 20.575  -7.671  9.132   0.43 27.03 ? 103 ASN A ND2 1 
ATOM   782  N ND2 B ASN A 1 103 ? 18.666  -8.809  5.884   0.45 26.25 ? 103 ASN A ND2 1 
ATOM   783  N N   . SER A 1 104 ? 16.608  -10.901 10.632  1.00 20.41 ? 104 SER A N   1 
ATOM   784  C CA  . SER A 1 104 ? 16.735  -11.846 11.717  1.00 19.94 ? 104 SER A CA  1 
ATOM   785  C C   . SER A 1 104 ? 15.329  -12.228 12.117  1.00 19.78 ? 104 SER A C   1 
ATOM   786  O O   . SER A 1 104 ? 14.345  -11.578 11.692  1.00 16.92 ? 104 SER A O   1 
ATOM   787  C CB  A SER A 1 104 ? 17.486  -11.205 12.905  0.61 19.08 ? 104 SER A CB  1 
ATOM   788  C CB  B SER A 1 104 ? 17.390  -11.176 12.930  0.51 19.87 ? 104 SER A CB  1 
ATOM   789  O OG  A SER A 1 104 ? 16.899  -9.980  13.292  0.61 19.09 ? 104 SER A OG  1 
ATOM   790  O OG  B SER A 1 104 ? 17.590  -12.135 13.946  0.51 21.59 ? 104 SER A OG  1 
ATOM   791  N N   . CYS A 1 105 ? 15.189  -13.394 12.732  0.48 19.25 ? 105 CYS A N   1 
ATOM   792  C CA  . CYS A 1 105 ? 13.921  -13.857 13.268  0.48 19.04 ? 105 CYS A CA  1 
ATOM   793  C C   . CYS A 1 105 ? 13.995  -13.673 14.793  0.48 19.78 ? 105 CYS A C   1 
ATOM   794  O O   A CYS A 1 105 ? 14.920  -14.241 15.414  0.48 19.74 ? 105 CYS A O   1 
ATOM   795  O O   B CYS A 1 105 ? 14.554  -14.316 15.501  0.45 16.27 ? 105 CYS A O   1 
ATOM   796  C CB  . CYS A 1 105 ? 13.672  -15.330 12.907  0.48 19.07 ? 105 CYS A CB  1 
ATOM   797  S SG  . CYS A 1 105 ? 12.191  -16.073 13.672  0.48 18.85 ? 105 CYS A SG  1 
ATOM   798  O OXT . CYS A 1 105 ? 13.155  -12.925 15.335  0.48 19.47 ? 105 CYS A OXT 1 
ATOM   799  N N   . LEU B 1 1   ? -10.988 8.843   2.399   1.00 18.56 ? 1   LEU B N   1 
ATOM   800  C CA  . LEU B 1 1   ? -10.043 7.823   1.835   1.00 17.59 ? 1   LEU B CA  1 
ATOM   801  C C   . LEU B 1 1   ? -9.290  8.482   0.694   1.00 16.24 ? 1   LEU B C   1 
ATOM   802  O O   . LEU B 1 1   ? -9.898  8.886   -0.297  1.00 17.59 ? 1   LEU B O   1 
ATOM   803  C CB  . LEU B 1 1   ? -10.795 6.588   1.305   1.00 15.74 ? 1   LEU B CB  1 
ATOM   804  C CG  . LEU B 1 1   ? -9.949  5.432   0.743   1.00 15.35 ? 1   LEU B CG  1 
ATOM   805  C CD1 . LEU B 1 1   ? -8.979  4.916   1.802   1.00 13.96 ? 1   LEU B CD1 1 
ATOM   806  C CD2 . LEU B 1 1   ? -10.831 4.309   0.238   1.00 14.49 ? 1   LEU B CD2 1 
ATOM   807  N N   . GLY B 1 2   ? -7.991  8.664   0.888   1.00 15.09 ? 2   GLY B N   1 
ATOM   808  C CA  . GLY B 1 2   ? -7.156  9.266   -0.133  1.00 15.47 ? 2   GLY B CA  1 
ATOM   809  C C   . GLY B 1 2   ? -6.382  8.150   -0.810  1.00 14.38 ? 2   GLY B C   1 
ATOM   810  O O   . GLY B 1 2   ? -6.914  7.042   -0.988  1.00 14.44 ? 2   GLY B O   1 
ATOM   811  N N   . ILE B 1 3   ? -5.117  8.416   -1.133  1.00 12.36 ? 3   ILE B N   1 
ATOM   812  C CA  . ILE B 1 3   ? -4.258  7.427   -1.779  1.00 10.10 ? 3   ILE B CA  1 
ATOM   813  C C   . ILE B 1 3   ? -4.251  6.134   -0.952  1.00 8.39  ? 3   ILE B C   1 
ATOM   814  O O   . ILE B 1 3   ? -4.176  6.182   0.275   1.00 8.74  ? 3   ILE B O   1 
ATOM   815  C CB  . ILE B 1 3   ? -2.818  7.975   -1.937  1.00 8.01  ? 3   ILE B CB  1 
ATOM   816  C CG1 . ILE B 1 3   ? -1.993  7.037   -2.807  1.00 8.11  ? 3   ILE B CG1 1 
ATOM   817  C CG2 . ILE B 1 3   ? -2.163  8.225   -0.558  1.00 7.92  ? 3   ILE B CG2 1 
ATOM   818  C CD1 . ILE B 1 3   ? -0.724  7.690   -3.365  1.00 10.68 ? 3   ILE B CD1 1 
ATOM   819  N N   . ASN B 1 4   ? -4.296  4.985   -1.614  1.00 8.67  ? 4   ASN B N   1 
ATOM   820  C CA  . ASN B 1 4   ? -4.334  3.702   -0.900  1.00 9.67  ? 4   ASN B CA  1 
ATOM   821  C C   . ASN B 1 4   ? -3.903  2.590   -1.847  1.00 9.13  ? 4   ASN B C   1 
ATOM   822  O O   . ASN B 1 4   ? -3.802  2.819   -3.055  1.00 9.25  ? 4   ASN B O   1 
ATOM   823  C CB  . ASN B 1 4   ? -5.759  3.430   -0.387  1.00 8.40  ? 4   ASN B CB  1 
ATOM   824  C CG  . ASN B 1 4   ? -6.757  3.251   -1.508  1.00 8.15  ? 4   ASN B CG  1 
ATOM   825  O OD1 . ASN B 1 4   ? -6.909  2.160   -2.058  1.00 8.81  ? 4   ASN B OD1 1 
ATOM   826  N ND2 . ASN B 1 4   ? -7.422  4.334   -1.878  1.00 10.22 ? 4   ASN B ND2 1 
ATOM   827  N N   . CYS B 1 5   ? -3.634  1.401   -1.316  1.00 5.61  ? 5   CYS B N   1 
ATOM   828  C CA  . CYS B 1 5   ? -3.211  0.292   -2.172  1.00 7.09  ? 5   CYS B CA  1 
ATOM   829  C C   . CYS B 1 5   ? -4.276  -0.800  -2.250  1.00 7.87  ? 5   CYS B C   1 
ATOM   830  O O   . CYS B 1 5   ? -3.959  -1.967  -2.489  1.00 7.61  ? 5   CYS B O   1 
ATOM   831  C CB  . CYS B 1 5   ? -1.876  -0.321  -1.700  1.00 8.41  ? 5   CYS B CB  1 
ATOM   832  S SG  . CYS B 1 5   ? -0.515  0.871   -1.457  1.00 9.24  ? 5   CYS B SG  1 
ATOM   833  N N   . ARG B 1 6   ? -5.542  -0.428  -2.065  1.00 9.00  ? 6   ARG B N   1 
ATOM   834  C CA  . ARG B 1 6   ? -6.631  -1.408  -2.133  1.00 8.12  ? 6   ARG B CA  1 
ATOM   835  C C   . ARG B 1 6   ? -6.809  -1.901  -3.556  1.00 8.29  ? 6   ARG B C   1 
ATOM   836  O O   . ARG B 1 6   ? -6.571  -1.170  -4.513  1.00 7.91  ? 6   ARG B O   1 
ATOM   837  C CB  . ARG B 1 6   ? -7.960  -0.799  -1.666  1.00 8.96  ? 6   ARG B CB  1 
ATOM   838  C CG  . ARG B 1 6   ? -8.010  -0.420  -0.210  1.00 10.40 ? 6   ARG B CG  1 
ATOM   839  C CD  . ARG B 1 6   ? -9.343  0.246   0.110   1.00 12.58 ? 6   ARG B CD  1 
ATOM   840  N NE  . ARG B 1 6   ? -9.346  0.833   1.451   1.00 17.03 ? 6   ARG B NE  1 
ATOM   841  C CZ  . ARG B 1 6   ? -10.440 1.271   2.085   1.00 19.34 ? 6   ARG B CZ  1 
ATOM   842  N NH1 . ARG B 1 6   ? -11.642 1.189   1.513   1.00 17.90 ? 6   ARG B NH1 1 
ATOM   843  N NH2 . ARG B 1 6   ? -10.327 1.832   3.281   1.00 18.87 ? 6   ARG B NH2 1 
ATOM   844  N N   . GLY B 1 7   ? -7.216  -3.151  -3.695  1.00 5.89  ? 7   GLY B N   1 
ATOM   845  C CA  . GLY B 1 7   ? -7.439  -3.694  -5.014  1.00 7.36  ? 7   GLY B CA  1 
ATOM   846  C C   . GLY B 1 7   ? -7.933  -5.101  -4.840  1.00 9.50  ? 7   GLY B C   1 
ATOM   847  O O   . GLY B 1 7   ? -8.079  -5.586  -3.716  1.00 10.78 ? 7   GLY B O   1 
ATOM   848  N N   . SER B 1 8   ? -8.177  -5.762  -5.953  1.00 9.60  ? 8   SER B N   1 
ATOM   849  C CA  . SER B 1 8   ? -8.650  -7.126  -5.926  1.00 12.77 ? 8   SER B CA  1 
ATOM   850  C C   . SER B 1 8   ? -7.617  -8.091  -5.285  1.00 14.19 ? 8   SER B C   1 
ATOM   851  O O   . SER B 1 8   ? -6.410  -7.851  -5.332  1.00 10.24 ? 8   SER B O   1 
ATOM   852  C CB  . SER B 1 8   ? -8.982  -7.522  -7.367  1.00 12.64 ? 8   SER B CB  1 
ATOM   853  O OG  . SER B 1 8   ? -9.063  -8.915  -7.529  1.00 16.09 ? 8   SER B OG  1 
ATOM   854  N N   . SER B 1 9   ? -8.096  -9.183  -4.689  1.00 13.18 ? 9   SER B N   1 
ATOM   855  C CA  . SER B 1 9   ? -7.218  -10.170 -4.093  1.00 13.71 ? 9   SER B CA  1 
ATOM   856  C C   . SER B 1 9   ? -6.209  -10.686 -5.121  1.00 15.23 ? 9   SER B C   1 
ATOM   857  O O   . SER B 1 9   ? -5.149  -11.164 -4.742  1.00 16.73 ? 9   SER B O   1 
ATOM   858  C CB  A SER B 1 9   ? -8.040  -11.334 -3.539  0.45 13.28 ? 9   SER B CB  1 
ATOM   859  C CB  B SER B 1 9   ? -8.027  -11.339 -3.529  0.55 12.84 ? 9   SER B CB  1 
ATOM   860  O OG  A SER B 1 9   ? -8.794  -11.949 -4.570  0.45 11.89 ? 9   SER B OG  1 
ATOM   861  O OG  B SER B 1 9   ? -9.026  -10.882 -2.637  0.55 11.55 ? 9   SER B OG  1 
ATOM   862  N N   . GLN B 1 10  ? -6.531  -10.610 -6.415  1.00 16.82 ? 10  GLN B N   1 
ATOM   863  C CA  . GLN B 1 10  ? -5.632  -11.077 -7.479  1.00 18.55 ? 10  GLN B CA  1 
ATOM   864  C C   . GLN B 1 10  ? -4.368  -10.213 -7.514  1.00 18.14 ? 10  GLN B C   1 
ATOM   865  O O   . GLN B 1 10  ? -3.389  -10.582 -8.179  1.00 17.45 ? 10  GLN B O   1 
ATOM   866  C CB  . GLN B 1 10  ? -6.335  -10.993 -8.834  1.00 22.92 ? 10  GLN B CB  1 
ATOM   867  C CG  . GLN B 1 10  ? -7.116  -12.259 -9.182  1.00 29.01 ? 10  GLN B CG  1 
ATOM   868  C CD  . GLN B 1 10  ? -8.597  -12.169 -8.810  1.00 33.70 ? 10  GLN B CD  1 
ATOM   869  O OE1 . GLN B 1 10  ? -8.962  -11.397 -7.925  1.00 36.51 ? 10  GLN B OE1 1 
ATOM   870  N NE2 . GLN B 1 10  ? -9.484  -12.918 -9.440  1.00 20.00 ? 10  GLN B NE2 1 
ATOM   871  N N   . CYS B 1 11  ? -4.385  -9.066  -6.858  1.00 16.36 ? 11  CYS B N   1 
ATOM   872  C CA  . CYS B 1 11  ? -3.342  -8.058  -6.929  1.00 18.99 ? 11  CYS B CA  1 
ATOM   873  C C   . CYS B 1 11  ? -2.242  -8.652  -6.040  1.00 22.51 ? 11  CYS B C   1 
ATOM   874  O O   . CYS B 1 11  ? -1.105  -8.186  -6.030  1.00 24.24 ? 11  CYS B O   1 
ATOM   875  C CB  . CYS B 1 11  ? -3.799  -6.716  -6.348  1.00 13.65 ? 11  CYS B CB  1 
ATOM   876  S SG  . CYS B 1 11  ? -5.010  -5.839  -7.389  1.00 12.57 ? 11  CYS B SG  1 
ATOM   877  N N   . GLY B 1 12  ? -2.615  -9.639  -5.237  1.00 26.19 ? 12  GLY B N   1 
ATOM   878  C CA  . GLY B 1 12  ? -1.660  -10.289 -4.368  1.00 30.46 ? 12  GLY B CA  1 
ATOM   879  C C   . GLY B 1 12  ? -0.698  -11.114 -5.189  1.00 33.92 ? 12  GLY B C   1 
ATOM   880  O O   . GLY B 1 12  ? -0.981  -12.249 -5.571  1.00 35.55 ? 12  GLY B O   1 
ATOM   881  N N   . LEU B 1 13  ? 0.388   -10.475 -5.584  1.00 37.53 ? 13  LEU B N   1 
ATOM   882  C CA  . LEU B 1 13  ? 1.435   -11.129 -6.350  1.00 41.59 ? 13  LEU B CA  1 
ATOM   883  C C   . LEU B 1 13  ? 2.723   -10.715 -5.670  1.00 43.37 ? 13  LEU B C   1 
ATOM   884  O O   . LEU B 1 13  ? 2.881   -9.548  -5.317  1.00 42.99 ? 13  LEU B O   1 
ATOM   885  C CB  . LEU B 1 13  ? 1.442   -10.648 -7.811  1.00 40.87 ? 13  LEU B CB  1 
ATOM   886  C CG  . LEU B 1 13  ? 0.191   -10.975 -8.625  1.00 41.11 ? 13  LEU B CG  1 
ATOM   887  C CD1 . LEU B 1 13  ? 0.248   -10.291 -9.981  1.00 39.62 ? 13  LEU B CD1 1 
ATOM   888  C CD2 . LEU B 1 13  ? 0.036   -12.490 -8.758  1.00 41.05 ? 13  LEU B CD2 1 
ATOM   889  N N   . SER B 1 14  ? 3.589   -11.678 -5.392  1.00 44.93 ? 14  SER B N   1 
ATOM   890  C CA  . SER B 1 14  ? 4.862   -11.363 -4.773  1.00 46.61 ? 14  SER B CA  1 
ATOM   891  C C   . SER B 1 14  ? 5.892   -11.390 -5.894  1.00 46.99 ? 14  SER B C   1 
ATOM   892  O O   . SER B 1 14  ? 5.766   -12.177 -6.842  1.00 48.20 ? 14  SER B O   1 
ATOM   893  C CB  . SER B 1 14  ? 5.202   -12.391 -3.701  1.00 46.89 ? 14  SER B CB  1 
ATOM   894  O OG  . SER B 1 14  ? 4.963   -13.708 -4.164  1.00 48.38 ? 14  SER B OG  1 
ATOM   895  N N   . GLY B 1 15  ? 6.836   -10.460 -5.853  1.00 47.25 ? 15  GLY B N   1 
ATOM   896  C CA  . GLY B 1 15  ? 7.868   -10.418 -6.866  1.00 46.95 ? 15  GLY B CA  1 
ATOM   897  C C   . GLY B 1 15  ? 7.876   -9.133  -7.663  1.00 46.00 ? 15  GLY B C   1 
ATOM   898  O O   . GLY B 1 15  ? 8.162   -8.058  -7.125  1.00 46.13 ? 15  GLY B O   1 
ATOM   899  N N   . GLY B 1 16  ? 7.536   -9.254  -8.945  1.00 44.48 ? 16  GLY B N   1 
ATOM   900  C CA  . GLY B 1 16  ? 7.531   -8.117  -9.844  1.00 41.46 ? 16  GLY B CA  1 
ATOM   901  C C   . GLY B 1 16  ? 6.762   -6.898  -9.381  1.00 39.15 ? 16  GLY B C   1 
ATOM   902  O O   . GLY B 1 16  ? 5.673   -7.017  -8.816  1.00 38.60 ? 16  GLY B O   1 
ATOM   903  N N   . ASN B 1 17  ? 7.357   -5.722  -9.577  1.00 36.57 ? 17  ASN B N   1 
ATOM   904  C CA  . ASN B 1 17  ? 6.692   -4.487  -9.211  1.00 33.07 ? 17  ASN B CA  1 
ATOM   905  C C   . ASN B 1 17  ? 5.980   -3.986  -10.461 1.00 29.72 ? 17  ASN B C   1 
ATOM   906  O O   . ASN B 1 17  ? 6.548   -3.265  -11.286 1.00 29.33 ? 17  ASN B O   1 
ATOM   907  C CB  . ASN B 1 17  ? 7.673   -3.439  -8.693  1.00 34.92 ? 17  ASN B CB  1 
ATOM   908  C CG  . ASN B 1 17  ? 6.956   -2.212  -8.125  1.00 36.59 ? 17  ASN B CG  1 
ATOM   909  O OD1 . ASN B 1 17  ? 5.908   -1.797  -8.631  1.00 32.34 ? 17  ASN B OD1 1 
ATOM   910  N ND2 . ASN B 1 17  ? 7.513   -1.638  -7.059  1.00 37.96 ? 17  ASN B ND2 1 
ATOM   911  N N   . LEU B 1 18  ? 4.746   -4.436  -10.624 1.00 23.91 ? 18  LEU B N   1 
ATOM   912  C CA  . LEU B 1 18  ? 3.946   -4.055  -11.768 1.00 20.36 ? 18  LEU B CA  1 
ATOM   913  C C   . LEU B 1 18  ? 3.586   -2.574  -11.768 1.00 16.85 ? 18  LEU B C   1 
ATOM   914  O O   . LEU B 1 18  ? 3.522   -1.968  -12.831 1.00 17.24 ? 18  LEU B O   1 
ATOM   915  C CB  . LEU B 1 18  ? 2.684   -4.923  -11.864 1.00 20.70 ? 18  LEU B CB  1 
ATOM   916  C CG  . LEU B 1 18  ? 2.951   -6.393  -12.173 1.00 20.66 ? 18  LEU B CG  1 
ATOM   917  C CD1 . LEU B 1 18  ? 1.640   -7.090  -12.487 1.00 21.39 ? 18  LEU B CD1 1 
ATOM   918  C CD2 . LEU B 1 18  ? 3.895   -6.501  -13.368 1.00 22.50 ? 18  LEU B CD2 1 
ATOM   919  N N   . MET B 1 19  ? 3.388   -1.978  -10.599 1.00 11.81 ? 19  MET B N   1 
ATOM   920  C CA  . MET B 1 19  ? 3.042   -0.564  -10.564 1.00 11.75 ? 19  MET B CA  1 
ATOM   921  C C   . MET B 1 19  ? 4.109   0.260   -11.306 1.00 12.86 ? 19  MET B C   1 
ATOM   922  O O   . MET B 1 19  ? 3.781   1.192   -12.041 1.00 10.98 ? 19  MET B O   1 
ATOM   923  C CB  . MET B 1 19  ? 2.897   -0.067  -9.131  1.00 10.32 ? 19  MET B CB  1 
ATOM   924  C CG  . MET B 1 19  ? 2.304   1.338   -9.023  1.00 10.23 ? 19  MET B CG  1 
ATOM   925  S SD  . MET B 1 19  ? 0.578   1.454   -9.620  1.00 9.98  ? 19  MET B SD  1 
ATOM   926  C CE  . MET B 1 19  ? -0.301  0.824   -8.147  1.00 11.41 ? 19  MET B CE  1 
ATOM   927  N N   . VAL B 1 20  ? 5.382   -0.084  -11.095 1.00 12.11 ? 20  VAL B N   1 
ATOM   928  C CA  . VAL B 1 20  ? 6.486   0.605   -11.761 1.00 12.19 ? 20  VAL B CA  1 
ATOM   929  C C   . VAL B 1 20  ? 6.352   0.517   -13.285 1.00 11.49 ? 20  VAL B C   1 
ATOM   930  O O   . VAL B 1 20  ? 6.516   1.510   -13.987 1.00 9.14  ? 20  VAL B O   1 
ATOM   931  C CB  . VAL B 1 20  ? 7.847   0.028   -11.321 1.00 12.75 ? 20  VAL B CB  1 
ATOM   932  C CG1 . VAL B 1 20  ? 8.946   0.450   -12.291 1.00 13.85 ? 20  VAL B CG1 1 
ATOM   933  C CG2 . VAL B 1 20  ? 8.174   0.530   -9.908  1.00 14.11 ? 20  VAL B CG2 1 
ATOM   934  N N   . ARG B 1 21  ? 6.042   -0.669  -13.793 1.00 10.69 ? 21  ARG B N   1 
ATOM   935  C CA  . ARG B 1 21  ? 5.886   -0.853  -15.225 1.00 13.34 ? 21  ARG B CA  1 
ATOM   936  C C   . ARG B 1 21  ? 4.726   -0.033  -15.783 1.00 14.38 ? 21  ARG B C   1 
ATOM   937  O O   . ARG B 1 21  ? 4.835   0.561   -16.867 1.00 11.91 ? 21  ARG B O   1 
ATOM   938  C CB  . ARG B 1 21  ? 5.732   -2.333  -15.563 1.00 17.93 ? 21  ARG B CB  1 
ATOM   939  C CG  . ARG B 1 21  ? 7.031   -3.095  -15.365 1.00 23.88 ? 21  ARG B CG  1 
ATOM   940  C CD  . ARG B 1 21  ? 6.847   -4.577  -15.510 1.00 28.67 ? 21  ARG B CD  1 
ATOM   941  N NE  . ARG B 1 21  ? 6.314   -4.929  -16.817 1.00 32.23 ? 21  ARG B NE  1 
ATOM   942  C CZ  . ARG B 1 21  ? 5.937   -6.160  -17.153 1.00 33.77 ? 21  ARG B CZ  1 
ATOM   943  N NH1 . ARG B 1 21  ? 6.040   -7.155  -16.269 1.00 33.92 ? 21  ARG B NH1 1 
ATOM   944  N NH2 . ARG B 1 21  ? 5.446   -6.393  -18.365 1.00 35.63 ? 21  ARG B NH2 1 
ATOM   945  N N   . ILE B 1 22  ? 3.626   0.010   -15.038 1.00 11.09 ? 22  ILE B N   1 
ATOM   946  C CA  . ILE B 1 22  ? 2.466   0.782   -15.452 1.00 10.56 ? 22  ILE B CA  1 
ATOM   947  C C   . ILE B 1 22  ? 2.813   2.271   -15.432 1.00 9.22  ? 22  ILE B C   1 
ATOM   948  O O   . ILE B 1 22  ? 2.460   3.003   -16.358 1.00 10.41 ? 22  ILE B O   1 
ATOM   949  C CB  . ILE B 1 22  ? 1.243   0.442   -14.557 1.00 12.03 ? 22  ILE B CB  1 
ATOM   950  C CG1 . ILE B 1 22  ? 0.717   -0.941  -14.972 1.00 13.38 ? 22  ILE B CG1 1 
ATOM   951  C CG2 . ILE B 1 22  ? 0.134   1.493   -14.693 1.00 9.77  ? 22  ILE B CG2 1 
ATOM   952  C CD1 . ILE B 1 22  ? -0.186  -1.577  -13.983 1.00 15.78 ? 22  ILE B CD1 1 
ATOM   953  N N   . ARG B 1 23  ? 3.547   2.700   -14.413 1.00 7.94  ? 23  ARG B N   1 
ATOM   954  C CA  . ARG B 1 23  ? 3.960   4.095   -14.293 1.00 9.58  ? 23  ARG B CA  1 
ATOM   955  C C   . ARG B 1 23  ? 4.835   4.483   -15.499 1.00 10.89 ? 23  ARG B C   1 
ATOM   956  O O   . ARG B 1 23  ? 4.642   5.539   -16.115 1.00 8.95  ? 23  ARG B O   1 
ATOM   957  C CB  . ARG B 1 23  ? 4.742   4.306   -12.989 1.00 9.83  ? 23  ARG B CB  1 
ATOM   958  C CG  . ARG B 1 23  ? 5.043   5.771   -12.621 1.00 11.35 ? 23  ARG B CG  1 
ATOM   959  C CD  . ARG B 1 23  ? 6.422   6.219   -13.119 1.00 14.51 ? 23  ARG B CD  1 
ATOM   960  N NE  . ARG B 1 23  ? 7.520   5.375   -12.635 1.00 14.66 ? 23  ARG B NE  1 
ATOM   961  C CZ  . ARG B 1 23  ? 8.167   5.578   -11.494 1.00 16.59 ? 23  ARG B CZ  1 
ATOM   962  N NH1 . ARG B 1 23  ? 7.828   6.591   -10.711 1.00 18.65 ? 23  ARG B NH1 1 
ATOM   963  N NH2 . ARG B 1 23  ? 9.174   4.786   -11.148 1.00 16.25 ? 23  ARG B NH2 1 
ATOM   964  N N   . ASP B 1 24  ? 5.792   3.625   -15.825 1.00 10.04 ? 24  ASP B N   1 
ATOM   965  C CA  . ASP B 1 24  ? 6.690   3.871   -16.944 1.00 10.95 ? 24  ASP B CA  1 
ATOM   966  C C   . ASP B 1 24  ? 5.927   4.045   -18.263 1.00 11.15 ? 24  ASP B C   1 
ATOM   967  O O   . ASP B 1 24  ? 6.300   4.873   -19.099 1.00 10.31 ? 24  ASP B O   1 
ATOM   968  C CB  . ASP B 1 24  ? 7.699   2.727   -17.077 1.00 11.31 ? 24  ASP B CB  1 
ATOM   969  C CG  . ASP B 1 24  ? 8.742   2.688   -15.937 1.00 11.22 ? 24  ASP B CG  1 
ATOM   970  O OD1 . ASP B 1 24  ? 8.854   3.618   -15.108 1.00 11.49 ? 24  ASP B OD1 1 
ATOM   971  O OD2 . ASP B 1 24  ? 9.440   1.668   -15.872 1.00 13.77 ? 24  ASP B OD2 1 
ATOM   972  N N   . GLN B 1 25  ? 4.863   3.271   -18.466 1.00 12.29 ? 25  GLN B N   1 
ATOM   973  C CA  . GLN B 1 25  ? 4.075   3.395   -19.700 1.00 13.05 ? 25  GLN B CA  1 
ATOM   974  C C   . GLN B 1 25  ? 3.430   4.774   -19.788 1.00 14.41 ? 25  GLN B C   1 
ATOM   975  O O   . GLN B 1 25  ? 3.524   5.466   -20.817 1.00 13.94 ? 25  GLN B O   1 
ATOM   976  C CB  . GLN B 1 25  ? 2.976   2.335   -19.773 1.00 13.76 ? 25  GLN B CB  1 
ATOM   977  C CG  . GLN B 1 25  ? 3.445   0.942   -20.083 1.00 13.32 ? 25  GLN B CG  1 
ATOM   978  C CD  . GLN B 1 25  ? 2.325   -0.081  -19.934 1.00 14.98 ? 25  GLN B CD  1 
ATOM   979  O OE1 . GLN B 1 25  ? 1.175   0.187   -20.291 1.00 16.55 ? 25  GLN B OE1 1 
ATOM   980  N NE2 . GLN B 1 25  ? 2.653   -1.246  -19.395 1.00 14.92 ? 25  GLN B NE2 1 
ATOM   981  N N   . ALA B 1 26  ? 2.813   5.179   -18.681 1.00 12.02 ? 26  ALA B N   1 
ATOM   982  C CA  . ALA B 1 26  ? 2.138   6.452   -18.596 1.00 12.58 ? 26  ALA B CA  1 
ATOM   983  C C   . ALA B 1 26  ? 3.097   7.629   -18.759 1.00 12.96 ? 26  ALA B C   1 
ATOM   984  O O   . ALA B 1 26  ? 2.822   8.577   -19.506 1.00 12.67 ? 26  ALA B O   1 
ATOM   985  C CB  . ALA B 1 26  ? 1.399   6.556   -17.262 1.00 12.84 ? 26  ALA B CB  1 
ATOM   986  N N   . CYS B 1 27  ? 4.211   7.575   -18.037 1.00 10.77 ? 27  CYS B N   1 
ATOM   987  C CA  . CYS B 1 27  ? 5.219   8.635   -18.073 1.00 11.30 ? 27  CYS B CA  1 
ATOM   988  C C   . CYS B 1 27  ? 6.001   8.696   -19.391 1.00 11.04 ? 27  CYS B C   1 
ATOM   989  O O   . CYS B 1 27  ? 6.566   9.731   -19.732 1.00 11.87 ? 27  CYS B O   1 
ATOM   990  C CB  . CYS B 1 27  ? 6.158   8.500   -16.878 1.00 7.73  ? 27  CYS B CB  1 
ATOM   991  S SG  . CYS B 1 27  ? 5.277   8.753   -15.300 1.00 10.14 ? 27  CYS B SG  1 
ATOM   992  N N   . GLY B 1 28  ? 6.002   7.596   -20.127 1.00 9.42  ? 28  GLY B N   1 
ATOM   993  C CA  . GLY B 1 28  ? 6.690   7.553   -21.403 1.00 12.96 ? 28  GLY B CA  1 
ATOM   994  C C   . GLY B 1 28  ? 5.849   8.161   -22.515 1.00 13.79 ? 28  GLY B C   1 
ATOM   995  O O   . GLY B 1 28  ? 6.361   8.456   -23.590 1.00 14.65 ? 28  GLY B O   1 
ATOM   996  N N   . ASN B 1 29  ? 4.548   8.297   -22.290 1.00 13.40 ? 29  ASN B N   1 
ATOM   997  C CA  . ASN B 1 29  ? 3.665   8.878   -23.290 1.00 14.89 ? 29  ASN B CA  1 
ATOM   998  C C   . ASN B 1 29  ? 2.689   9.822   -22.626 1.00 15.43 ? 29  ASN B C   1 
ATOM   999  O O   . ASN B 1 29  ? 1.501   9.519   -22.480 1.00 15.63 ? 29  ASN B O   1 
ATOM   1000 C CB  . ASN B 1 29  ? 2.906   7.801   -24.066 1.00 17.57 ? 29  ASN B CB  1 
ATOM   1001 C CG  . ASN B 1 29  ? 2.001   8.397   -25.147 1.00 22.43 ? 29  ASN B CG  1 
ATOM   1002 O OD1 . ASN B 1 29  ? 2.054   9.606   -25.419 1.00 23.96 ? 29  ASN B OD1 1 
ATOM   1003 N ND2 . ASN B 1 29  ? 1.162   7.562   -25.758 1.00 22.13 ? 29  ASN B ND2 1 
ATOM   1004 N N   . GLN B 1 30  ? 3.200   10.974  -22.220 1.00 13.75 ? 30  GLN B N   1 
ATOM   1005 C CA  . GLN B 1 30  ? 2.390   11.987  -21.555 1.00 14.57 ? 30  GLN B CA  1 
ATOM   1006 C C   . GLN B 1 30  ? 1.469   12.824  -22.450 1.00 16.36 ? 30  GLN B C   1 
ATOM   1007 O O   . GLN B 1 30  ? 0.750   13.696  -21.950 1.00 17.48 ? 30  GLN B O   1 
ATOM   1008 C CB  . GLN B 1 30  ? 3.301   12.906  -20.749 1.00 13.50 ? 30  GLN B CB  1 
ATOM   1009 C CG  . GLN B 1 30  ? 4.064   12.156  -19.693 1.00 12.91 ? 30  GLN B CG  1 
ATOM   1010 C CD  . GLN B 1 30  ? 5.033   13.023  -18.948 1.00 14.56 ? 30  GLN B CD  1 
ATOM   1011 O OE1 . GLN B 1 30  ? 4.717   14.166  -18.592 1.00 14.87 ? 30  GLN B OE1 1 
ATOM   1012 N NE2 . GLN B 1 30  ? 6.215   12.477  -18.663 1.00 13.04 ? 30  GLN B NE2 1 
ATOM   1013 N N   . GLY B 1 31  ? 1.480   12.551  -23.753 1.00 18.56 ? 31  GLY B N   1 
ATOM   1014 C CA  . GLY B 1 31  ? 0.667   13.317  -24.685 1.00 21.32 ? 31  GLY B CA  1 
ATOM   1015 C C   . GLY B 1 31  ? -0.797  12.923  -24.754 1.00 21.51 ? 31  GLY B C   1 
ATOM   1016 O O   . GLY B 1 31  ? -1.643  13.717  -25.159 1.00 22.26 ? 31  GLY B O   1 
ATOM   1017 N N   . GLN B 1 32  ? -1.105  11.713  -24.316 1.00 19.76 ? 32  GLN B N   1 
ATOM   1018 C CA  . GLN B 1 32  ? -2.470  11.219  -24.355 1.00 20.17 ? 32  GLN B CA  1 
ATOM   1019 C C   . GLN B 1 32  ? -3.383  11.815  -23.270 1.00 19.28 ? 32  GLN B C   1 
ATOM   1020 O O   . GLN B 1 32  ? -2.907  12.325  -22.251 1.00 20.32 ? 32  GLN B O   1 
ATOM   1021 C CB  . GLN B 1 32  ? -2.432  9.701   -24.245 1.00 19.60 ? 32  GLN B CB  1 
ATOM   1022 C CG  . GLN B 1 32  ? -1.810  9.201   -22.950 1.00 21.60 ? 32  GLN B CG  1 
ATOM   1023 C CD  . GLN B 1 32  ? -1.545  7.704   -22.965 1.00 21.15 ? 32  GLN B CD  1 
ATOM   1024 O OE1 . GLN B 1 32  ? -2.248  6.942   -23.640 1.00 21.89 ? 32  GLN B OE1 1 
ATOM   1025 N NE2 . GLN B 1 32  ? -0.510  7.280   -22.248 1.00 20.12 ? 32  GLN B NE2 1 
ATOM   1026 N N   . THR B 1 33  ? -4.688  11.820  -23.527 1.00 18.24 ? 33  THR B N   1 
ATOM   1027 C CA  . THR B 1 33  ? -5.648  12.311  -22.542 1.00 18.34 ? 33  THR B CA  1 
ATOM   1028 C C   . THR B 1 33  ? -6.325  11.085  -21.968 1.00 16.27 ? 33  THR B C   1 
ATOM   1029 O O   . THR B 1 33  ? -6.644  10.136  -22.685 1.00 17.19 ? 33  THR B O   1 
ATOM   1030 C CB  . THR B 1 33  ? -6.701  13.238  -23.149 1.00 19.46 ? 33  THR B CB  1 
ATOM   1031 O OG1 . THR B 1 33  ? -6.036  14.374  -23.710 1.00 23.71 ? 33  THR B OG1 1 
ATOM   1032 C CG2 . THR B 1 33  ? -7.657  13.729  -22.070 1.00 20.42 ? 33  THR B CG2 1 
ATOM   1033 N N   . TRP B 1 34  ? -6.470  11.079  -20.655 1.00 16.25 ? 34  TRP B N   1 
ATOM   1034 C CA  . TRP B 1 34  ? -7.072  9.958   -19.963 1.00 15.01 ? 34  TRP B CA  1 
ATOM   1035 C C   . TRP B 1 34  ? -8.508  10.279  -19.579 1.00 12.05 ? 34  TRP B C   1 
ATOM   1036 O O   . TRP B 1 34  ? -8.740  11.112  -18.701 1.00 12.96 ? 34  TRP B O   1 
ATOM   1037 C CB  . TRP B 1 34  ? -6.273  9.654   -18.694 1.00 14.66 ? 34  TRP B CB  1 
ATOM   1038 C CG  . TRP B 1 34  ? -4.913  9.048   -18.941 1.00 16.03 ? 34  TRP B CG  1 
ATOM   1039 C CD1 . TRP B 1 34  ? -3.868  9.611   -19.636 1.00 15.32 ? 34  TRP B CD1 1 
ATOM   1040 C CD2 . TRP B 1 34  ? -4.427  7.788   -18.443 1.00 14.87 ? 34  TRP B CD2 1 
ATOM   1041 N NE1 . TRP B 1 34  ? -2.772  8.782   -19.593 1.00 14.88 ? 34  TRP B NE1 1 
ATOM   1042 C CE2 . TRP B 1 34  ? -3.087  7.652   -18.877 1.00 14.54 ? 34  TRP B CE2 1 
ATOM   1043 C CE3 . TRP B 1 34  ? -5.003  6.756   -17.678 1.00 13.66 ? 34  TRP B CE3 1 
ATOM   1044 C CZ2 . TRP B 1 34  ? -2.301  6.541   -18.559 1.00 11.30 ? 34  TRP B CZ2 1 
ATOM   1045 C CZ3 . TRP B 1 34  ? -4.221  5.646   -17.363 1.00 13.03 ? 34  TRP B CZ3 1 
ATOM   1046 C CH2 . TRP B 1 34  ? -2.882  5.547   -17.812 1.00 13.71 ? 34  TRP B CH2 1 
ATOM   1047 N N   . CYS B 1 35  ? -9.461  9.658   -20.265 1.00 13.96 ? 35  CYS B N   1 
ATOM   1048 C CA  . CYS B 1 35  ? -10.870 9.877   -19.947 1.00 14.24 ? 35  CYS B CA  1 
ATOM   1049 C C   . CYS B 1 35  ? -11.408 8.676   -19.156 1.00 14.93 ? 35  CYS B C   1 
ATOM   1050 O O   . CYS B 1 35  ? -10.807 7.589   -19.182 1.00 14.11 ? 35  CYS B O   1 
ATOM   1051 C CB  . CYS B 1 35  ? -11.671 10.183  -21.212 1.00 16.03 ? 35  CYS B CB  1 
ATOM   1052 S SG  . CYS B 1 35  ? -11.342 11.875  -21.847 1.00 17.03 ? 35  CYS B SG  1 
ATOM   1053 N N   . PRO B 1 36  ? -12.544 8.845   -18.443 1.00 15.94 ? 36  PRO B N   1 
ATOM   1054 C CA  . PRO B 1 36  ? -13.109 7.745   -17.642 1.00 14.17 ? 36  PRO B CA  1 
ATOM   1055 C C   . PRO B 1 36  ? -13.213 6.383   -18.313 1.00 13.58 ? 36  PRO B C   1 
ATOM   1056 O O   . PRO B 1 36  ? -13.660 6.269   -19.454 1.00 12.99 ? 36  PRO B O   1 
ATOM   1057 C CB  . PRO B 1 36  ? -14.480 8.291   -17.228 1.00 14.57 ? 36  PRO B CB  1 
ATOM   1058 C CG  . PRO B 1 36  ? -14.208 9.783   -17.105 1.00 15.33 ? 36  PRO B CG  1 
ATOM   1059 C CD  . PRO B 1 36  ? -13.410 10.038  -18.374 1.00 14.09 ? 36  PRO B CD  1 
ATOM   1060 N N   . GLY B 1 37  ? -12.720 5.365   -17.613 1.00 11.81 ? 37  GLY B N   1 
ATOM   1061 C CA  . GLY B 1 37  ? -12.784 3.997   -18.094 1.00 10.68 ? 37  GLY B CA  1 
ATOM   1062 C C   . GLY B 1 37  ? -11.728 3.529   -19.077 1.00 14.96 ? 37  GLY B C   1 
ATOM   1063 O O   . GLY B 1 37  ? -11.602 2.330   -19.326 1.00 14.23 ? 37  GLY B O   1 
ATOM   1064 N N   . GLU B 1 38  ? -10.972 4.452   -19.653 1.00 13.72 ? 38  GLU B N   1 
ATOM   1065 C CA  . GLU B 1 38  ? -9.948  4.065   -20.620 1.00 15.61 ? 38  GLU B CA  1 
ATOM   1066 C C   . GLU B 1 38  ? -8.715  3.473   -19.942 1.00 14.87 ? 38  GLU B C   1 
ATOM   1067 O O   . GLU B 1 38  ? -8.021  4.161   -19.188 1.00 15.50 ? 38  GLU B O   1 
ATOM   1068 C CB  . GLU B 1 38  ? -9.539  5.275   -21.454 1.00 17.88 ? 38  GLU B CB  1 
ATOM   1069 C CG  . GLU B 1 38  ? -10.672 5.838   -22.295 1.00 22.50 ? 38  GLU B CG  1 
ATOM   1070 C CD  . GLU B 1 38  ? -10.322 7.159   -22.937 1.00 21.55 ? 38  GLU B CD  1 
ATOM   1071 O OE1 . GLU B 1 38  ? -9.383  7.831   -22.472 1.00 24.04 ? 38  GLU B OE1 1 
ATOM   1072 O OE2 . GLU B 1 38  ? -10.993 7.531   -23.909 1.00 23.07 ? 38  GLU B OE2 1 
ATOM   1073 N N   . ARG B 1 39  ? -8.447  2.203   -20.218 1.00 16.17 ? 39  ARG B N   1 
ATOM   1074 C CA  . ARG B 1 39  ? -7.292  1.510   -19.638 1.00 15.57 ? 39  ARG B CA  1 
ATOM   1075 C C   . ARG B 1 39  ? -6.083  1.827   -20.504 1.00 15.62 ? 39  ARG B C   1 
ATOM   1076 O O   . ARG B 1 39  ? -5.662  1.022   -21.340 1.00 16.15 ? 39  ARG B O   1 
ATOM   1077 C CB  . ARG B 1 39  ? -7.576  0.012   -19.572 1.00 14.54 ? 39  ARG B CB  1 
ATOM   1078 C CG  . ARG B 1 39  ? -8.805  -0.291  -18.738 1.00 15.41 ? 39  ARG B CG  1 
ATOM   1079 C CD  . ARG B 1 39  ? -9.015  -1.775  -18.576 1.00 16.07 ? 39  ARG B CD  1 
ATOM   1080 N NE  . ARG B 1 39  ? -9.368  -2.422  -19.833 1.00 16.76 ? 39  ARG B NE  1 
ATOM   1081 C CZ  . ARG B 1 39  ? -8.657  -3.390  -20.404 1.00 18.75 ? 39  ARG B CZ  1 
ATOM   1082 N NH1 . ARG B 1 39  ? -7.538  -3.825  -19.839 1.00 19.51 ? 39  ARG B NH1 1 
ATOM   1083 N NH2 . ARG B 1 39  ? -9.087  -3.939  -21.525 1.00 18.40 ? 39  ARG B NH2 1 
ATOM   1084 N N   . ARG B 1 40  ? -5.535  3.016   -20.305 1.00 16.61 ? 40  ARG B N   1 
ATOM   1085 C CA  . ARG B 1 40  ? -4.405  3.475   -21.110 1.00 19.43 ? 40  ARG B CA  1 
ATOM   1086 C C   . ARG B 1 40  ? -3.026  2.932   -20.775 1.00 17.45 ? 40  ARG B C   1 
ATOM   1087 O O   . ARG B 1 40  ? -2.098  3.120   -21.555 1.00 15.74 ? 40  ARG B O   1 
ATOM   1088 C CB  A ARG B 1 40  ? -4.408  4.993   -21.223 0.61 21.69 ? 40  ARG B CB  1 
ATOM   1089 C CB  B ARG B 1 40  ? -4.373  5.009   -21.115 0.50 21.27 ? 40  ARG B CB  1 
ATOM   1090 C CG  A ARG B 1 40  ? -5.572  5.454   -22.072 0.61 25.90 ? 40  ARG B CG  1 
ATOM   1091 C CG  B ARG B 1 40  ? -5.698  5.667   -21.488 0.50 25.68 ? 40  ARG B CG  1 
ATOM   1092 C CD  A ARG B 1 40  ? -5.514  6.933   -22.383 0.61 28.19 ? 40  ARG B CD  1 
ATOM   1093 C CD  B ARG B 1 40  ? -5.985  5.581   -22.983 0.50 28.53 ? 40  ARG B CD  1 
ATOM   1094 N NE  A ARG B 1 40  ? -6.553  7.299   -23.342 0.61 30.94 ? 40  ARG B NE  1 
ATOM   1095 N NE  B ARG B 1 40  ? -5.995  4.205   -23.475 0.50 31.75 ? 40  ARG B NE  1 
ATOM   1096 C CZ  A ARG B 1 40  ? -6.419  7.216   -24.662 0.61 31.65 ? 40  ARG B CZ  1 
ATOM   1097 C CZ  B ARG B 1 40  ? -7.042  3.608   -24.041 0.50 32.66 ? 40  ARG B CZ  1 
ATOM   1098 N NH1 A ARG B 1 40  ? -5.286  6.786   -25.205 0.61 31.91 ? 40  ARG B NH1 1 
ATOM   1099 N NH1 B ARG B 1 40  ? -8.188  4.258   -24.203 0.50 33.56 ? 40  ARG B NH1 1 
ATOM   1100 N NH2 A ARG B 1 40  ? -7.449  7.510   -25.445 0.61 32.96 ? 40  ARG B NH2 1 
ATOM   1101 N NH2 B ARG B 1 40  ? -6.941  2.348   -24.437 0.50 32.93 ? 40  ARG B NH2 1 
ATOM   1102 N N   . ALA B 1 41  ? -2.898  2.258   -19.630 1.00 13.91 ? 41  ALA B N   1 
ATOM   1103 C CA  . ALA B 1 41  ? -1.629  1.634   -19.225 1.00 12.63 ? 41  ALA B CA  1 
ATOM   1104 C C   . ALA B 1 41  ? -2.002  0.293   -18.577 1.00 13.50 ? 41  ALA B C   1 
ATOM   1105 O O   . ALA B 1 41  ? -2.978  0.217   -17.823 1.00 13.51 ? 41  ALA B O   1 
ATOM   1106 C CB  . ALA B 1 41  ? -0.869  2.527   -18.254 1.00 11.47 ? 41  ALA B CB  1 
ATOM   1107 N N   . LYS B 1 42  ? -1.283  -0.771  -18.903 1.00 12.77 ? 42  LYS B N   1 
ATOM   1108 C CA  . LYS B 1 42  ? -1.625  -2.056  -18.309 1.00 16.05 ? 42  LYS B CA  1 
ATOM   1109 C C   . LYS B 1 42  ? -0.551  -3.105  -18.554 1.00 16.50 ? 42  LYS B C   1 
ATOM   1110 O O   . LYS B 1 42  ? 0.285   -2.945  -19.445 1.00 16.17 ? 42  LYS B O   1 
ATOM   1111 C CB  . LYS B 1 42  ? -2.951  -2.545  -18.904 1.00 17.46 ? 42  LYS B CB  1 
ATOM   1112 C CG  . LYS B 1 42  ? -2.820  -2.877  -20.373 1.00 19.78 ? 42  LYS B CG  1 
ATOM   1113 C CD  . LYS B 1 42  ? -4.137  -3.101  -21.071 1.00 21.81 ? 42  LYS B CD  1 
ATOM   1114 C CE  . LYS B 1 42  ? -3.909  -3.734  -22.438 1.00 22.42 ? 42  LYS B CE  1 
ATOM   1115 N NZ  . LYS B 1 42  ? -5.122  -3.584  -23.314 1.00 24.03 ? 42  LYS B NZ  1 
ATOM   1116 N N   . VAL B 1 43  ? -0.550  -4.143  -17.716 1.00 15.65 ? 43  VAL B N   1 
ATOM   1117 C CA  . VAL B 1 43  ? 0.370   -5.263  -17.840 1.00 15.56 ? 43  VAL B CA  1 
ATOM   1118 C C   . VAL B 1 43  ? -0.525  -6.489  -17.903 1.00 16.60 ? 43  VAL B C   1 
ATOM   1119 O O   . VAL B 1 43  ? -1.327  -6.738  -17.011 1.00 17.96 ? 43  VAL B O   1 
ATOM   1120 C CB  . VAL B 1 43  ? 1.374   -5.346  -16.665 1.00 15.47 ? 43  VAL B CB  1 
ATOM   1121 C CG1 . VAL B 1 43  ? 2.231   -6.596  -16.787 1.00 16.35 ? 43  VAL B CG1 1 
ATOM   1122 C CG2 . VAL B 1 43  ? 2.277   -4.107  -16.671 1.00 14.79 ? 43  VAL B CG2 1 
ATOM   1123 N N   . CYS B 1 44  ? -0.436  -7.193  -19.018 1.00 17.77 ? 44  CYS B N   1 
ATOM   1124 C CA  . CYS B 1 44  ? -1.253  -8.363  -19.268 1.00 20.73 ? 44  CYS B CA  1 
ATOM   1125 C C   . CYS B 1 44  ? -0.701  -9.712  -18.921 1.00 22.55 ? 44  CYS B C   1 
ATOM   1126 O O   . CYS B 1 44  ? 0.487   -9.981  -19.084 1.00 22.06 ? 44  CYS B O   1 
ATOM   1127 C CB  . CYS B 1 44  ? -1.656  -8.399  -20.724 1.00 20.92 ? 44  CYS B CB  1 
ATOM   1128 S SG  . CYS B 1 44  ? -2.742  -7.039  -21.177 1.00 21.25 ? 44  CYS B SG  1 
ATOM   1129 N N   . GLY B 1 45  ? -1.598  -10.548 -18.417 1.00 24.21 ? 45  GLY B N   1 
ATOM   1130 C CA  . GLY B 1 45  ? -1.255  -11.911 -18.093 1.00 27.75 ? 45  GLY B CA  1 
ATOM   1131 C C   . GLY B 1 45  ? -1.997  -12.674 -19.170 1.00 30.78 ? 45  GLY B C   1 
ATOM   1132 O O   . GLY B 1 45  ? -2.276  -12.119 -20.244 1.00 33.11 ? 45  GLY B O   1 
ATOM   1133 N N   . THR B 1 46  ? -2.334  -13.929 -18.910 1.00 31.97 ? 46  THR B N   1 
ATOM   1134 C CA  . THR B 1 46  ? -3.079  -14.691 -19.897 1.00 32.97 ? 46  THR B CA  1 
ATOM   1135 C C   . THR B 1 46  ? -4.565  -14.474 -19.610 1.00 31.00 ? 46  THR B C   1 
ATOM   1136 O O   . THR B 1 46  ? -5.077  -14.850 -18.548 1.00 31.54 ? 46  THR B O   1 
ATOM   1137 C CB  . THR B 1 46  ? -2.693  -16.204 -19.908 1.00 35.64 ? 46  THR B CB  1 
ATOM   1138 O OG1 . THR B 1 46  ? -3.676  -16.946 -20.652 1.00 39.00 ? 46  THR B OG1 1 
ATOM   1139 C CG2 . THR B 1 46  ? -2.553  -16.770 -18.482 1.00 35.46 ? 46  THR B CG2 1 
ATOM   1140 N N   . GLY B 1 47  ? -5.211  -13.748 -20.515 1.00 28.83 ? 47  GLY B N   1 
ATOM   1141 C CA  . GLY B 1 47  ? -6.628  -13.455 -20.379 1.00 26.16 ? 47  GLY B CA  1 
ATOM   1142 C C   . GLY B 1 47  ? -7.014  -12.458 -19.299 1.00 23.79 ? 47  GLY B C   1 
ATOM   1143 O O   . GLY B 1 47  ? -8.194  -12.339 -18.961 1.00 26.40 ? 47  GLY B O   1 
ATOM   1144 N N   . ASN B 1 48  ? -6.053  -11.715 -18.769 1.00 19.58 ? 48  ASN B N   1 
ATOM   1145 C CA  . ASN B 1 48  ? -6.345  -10.736 -17.725 1.00 17.59 ? 48  ASN B CA  1 
ATOM   1146 C C   . ASN B 1 48  ? -5.265  -9.673  -17.732 1.00 17.12 ? 48  ASN B C   1 
ATOM   1147 O O   . ASN B 1 48  ? -4.364  -9.710  -18.577 1.00 17.43 ? 48  ASN B O   1 
ATOM   1148 C CB  . ASN B 1 48  ? -6.391  -11.413 -16.352 1.00 18.41 ? 48  ASN B CB  1 
ATOM   1149 C CG  . ASN B 1 48  ? -5.117  -12.211 -16.041 1.00 22.68 ? 48  ASN B CG  1 
ATOM   1150 O OD1 . ASN B 1 48  ? -4.016  -11.910 -16.542 1.00 22.16 ? 48  ASN B OD1 1 
ATOM   1151 N ND2 . ASN B 1 48  ? -5.271  -13.255 -15.237 1.00 23.40 ? 48  ASN B ND2 1 
ATOM   1152 N N   . SER B 1 49  ? -5.334  -8.750  -16.777 1.00 14.62 ? 49  SER B N   1 
ATOM   1153 C CA  . SER B 1 49  ? -4.337  -7.694  -16.685 1.00 14.09 ? 49  SER B CA  1 
ATOM   1154 C C   . SER B 1 49  ? -4.488  -6.859  -15.425 1.00 13.54 ? 49  SER B C   1 
ATOM   1155 O O   . SER B 1 49  ? -5.487  -6.963  -14.701 1.00 14.61 ? 49  SER B O   1 
ATOM   1156 C CB  . SER B 1 49  ? -4.502  -6.741  -17.878 1.00 14.49 ? 49  SER B CB  1 
ATOM   1157 O OG  . SER B 1 49  ? -5.717  -5.995  -17.763 1.00 13.27 ? 49  SER B OG  1 
ATOM   1158 N N   . ILE B 1 50  ? -3.452  -6.080  -15.137 1.00 10.79 ? 50  ILE B N   1 
ATOM   1159 C CA  . ILE B 1 50  ? -3.496  -5.118  -14.055 1.00 12.04 ? 50  ILE B CA  1 
ATOM   1160 C C   . ILE B 1 50  ? -3.574  -3.851  -14.927 1.00 11.69 ? 50  ILE B C   1 
ATOM   1161 O O   . ILE B 1 50  ? -2.654  -3.601  -15.716 1.00 14.70 ? 50  ILE B O   1 
ATOM   1162 C CB  . ILE B 1 50  ? -2.189  -5.094  -13.224 1.00 13.50 ? 50  ILE B CB  1 
ATOM   1163 C CG1 . ILE B 1 50  ? -1.980  -6.421  -12.473 1.00 14.76 ? 50  ILE B CG1 1 
ATOM   1164 C CG2 . ILE B 1 50  ? -2.232  -3.940  -12.241 1.00 12.55 ? 50  ILE B CG2 1 
ATOM   1165 C CD1 . ILE B 1 50  ? -3.097  -6.796  -11.459 1.00 14.94 ? 50  ILE B CD1 1 
ATOM   1166 N N   . SER B 1 51  ? -4.692  -3.128  -14.883 1.00 9.82  ? 51  SER B N   1 
ATOM   1167 C CA  . SER B 1 51  ? -4.861  -1.924  -15.700 1.00 9.49  ? 51  SER B CA  1 
ATOM   1168 C C   . SER B 1 51  ? -5.049  -0.648  -14.889 1.00 10.00 ? 51  SER B C   1 
ATOM   1169 O O   . SER B 1 51  ? -5.564  -0.681  -13.755 1.00 10.77 ? 51  SER B O   1 
ATOM   1170 C CB  . SER B 1 51  ? -6.059  -2.057  -16.653 1.00 9.03  ? 51  SER B CB  1 
ATOM   1171 O OG  . SER B 1 51  ? -5.882  -3.113  -17.587 1.00 10.89 ? 51  SER B OG  1 
ATOM   1172 N N   . ALA B 1 52  ? -4.637  0.472   -15.483 1.00 7.20  ? 52  ALA B N   1 
ATOM   1173 C CA  . ALA B 1 52  ? -4.776  1.788   -14.880 1.00 6.17  ? 52  ALA B CA  1 
ATOM   1174 C C   . ALA B 1 52  ? -5.902  2.492   -15.641 1.00 6.30  ? 52  ALA B C   1 
ATOM   1175 O O   . ALA B 1 52  ? -5.996  2.365   -16.863 1.00 8.12  ? 52  ALA B O   1 
ATOM   1176 C CB  . ALA B 1 52  ? -3.472  2.581   -15.032 1.00 6.29  ? 52  ALA B CB  1 
ATOM   1177 N N   . TYR B 1 53  ? -6.757  3.212   -14.928 1.00 5.30  ? 53  TYR B N   1 
ATOM   1178 C CA  . TYR B 1 53  ? -7.859  3.921   -15.556 1.00 7.23  ? 53  TYR B CA  1 
ATOM   1179 C C   . TYR B 1 53  ? -8.465  4.921   -14.602 1.00 8.25  ? 53  TYR B C   1 
ATOM   1180 O O   . TYR B 1 53  ? -8.405  4.764   -13.376 1.00 7.64  ? 53  TYR B O   1 
ATOM   1181 C CB  . TYR B 1 53  ? -8.951  2.949   -16.045 1.00 9.55  ? 53  TYR B CB  1 
ATOM   1182 C CG  . TYR B 1 53  ? -9.484  1.997   -14.982 1.00 11.82 ? 53  TYR B CG  1 
ATOM   1183 C CD1 . TYR B 1 53  ? -10.533 2.380   -14.135 1.00 13.10 ? 53  TYR B CD1 1 
ATOM   1184 C CD2 . TYR B 1 53  ? -8.952  0.709   -14.840 1.00 12.86 ? 53  TYR B CD2 1 
ATOM   1185 C CE1 . TYR B 1 53  ? -11.043 1.501   -13.173 1.00 14.66 ? 53  TYR B CE1 1 
ATOM   1186 C CE2 . TYR B 1 53  ? -9.455  -0.184  -13.877 1.00 14.78 ? 53  TYR B CE2 1 
ATOM   1187 C CZ  . TYR B 1 53  ? -10.501 0.221   -13.048 1.00 15.86 ? 53  TYR B CZ  1 
ATOM   1188 O OH  . TYR B 1 53  ? -11.019 -0.636  -12.090 1.00 16.68 ? 53  TYR B OH  1 
ATOM   1189 N N   . VAL B 1 54  ? -9.028  5.977   -15.175 1.00 8.45  ? 54  VAL B N   1 
ATOM   1190 C CA  . VAL B 1 54  ? -9.696  7.003   -14.396 1.00 9.80  ? 54  VAL B CA  1 
ATOM   1191 C C   . VAL B 1 54  ? -11.141 6.535   -14.082 1.00 9.40  ? 54  VAL B C   1 
ATOM   1192 O O   . VAL B 1 54  ? -11.789 5.891   -14.917 1.00 9.02  ? 54  VAL B O   1 
ATOM   1193 C CB  . VAL B 1 54  ? -9.761  8.333   -15.209 1.00 9.70  ? 54  VAL B CB  1 
ATOM   1194 C CG1 . VAL B 1 54  ? -10.683 9.360   -14.523 1.00 11.65 ? 54  VAL B CG1 1 
ATOM   1195 C CG2 . VAL B 1 54  ? -8.359  8.907   -15.387 1.00 12.18 ? 54  VAL B CG2 1 
ATOM   1196 N N   . GLN B 1 55  ? -11.626 6.817   -12.877 1.00 11.87 ? 55  GLN B N   1 
ATOM   1197 C CA  . GLN B 1 55  ? -13.000 6.465   -12.522 1.00 11.64 ? 55  GLN B CA  1 
ATOM   1198 C C   . GLN B 1 55  ? -13.532 7.408   -11.447 1.00 11.25 ? 55  GLN B C   1 
ATOM   1199 O O   . GLN B 1 55  ? -12.788 8.246   -10.922 1.00 9.67  ? 55  GLN B O   1 
ATOM   1200 C CB  . GLN B 1 55  ? -13.129 4.997   -12.087 1.00 11.73 ? 55  GLN B CB  1 
ATOM   1201 C CG  . GLN B 1 55  ? -12.602 4.661   -10.690 1.00 13.39 ? 55  GLN B CG  1 
ATOM   1202 C CD  . GLN B 1 55  ? -12.870 3.210   -10.272 1.00 13.05 ? 55  GLN B CD  1 
ATOM   1203 O OE1 . GLN B 1 55  ? -12.167 2.660   -9.412  1.00 14.24 ? 55  GLN B OE1 1 
ATOM   1204 N NE2 . GLN B 1 55  ? -13.879 2.594   -10.860 1.00 10.16 ? 55  GLN B NE2 1 
ATOM   1205 N N   . SER B 1 56  ? -14.829 7.279   -11.155 1.00 12.57 ? 56  SER B N   1 
ATOM   1206 C CA  . SER B 1 56  ? -15.525 8.085   -10.157 1.00 12.56 ? 56  SER B CA  1 
ATOM   1207 C C   . SER B 1 56  ? -15.679 9.547   -10.560 1.00 12.67 ? 56  SER B C   1 
ATOM   1208 O O   . SER B 1 56  ? -15.867 10.417  -9.705  1.00 14.99 ? 56  SER B O   1 
ATOM   1209 C CB  . SER B 1 56  ? -14.820 7.980   -8.809  1.00 12.87 ? 56  SER B CB  1 
ATOM   1210 O OG  . SER B 1 56  ? -14.641 6.620   -8.469  1.00 14.99 ? 56  SER B OG  1 
ATOM   1211 N N   . THR B 1 57  ? -15.629 9.803   -11.863 1.00 14.84 ? 57  THR B N   1 
ATOM   1212 C CA  . THR B 1 57  ? -15.751 11.160  -12.399 1.00 16.06 ? 57  THR B CA  1 
ATOM   1213 C C   . THR B 1 57  ? -16.043 11.098  -13.890 1.00 15.38 ? 57  THR B C   1 
ATOM   1214 O O   . THR B 1 57  ? -15.854 10.066  -14.533 1.00 14.49 ? 57  THR B O   1 
ATOM   1215 C CB  . THR B 1 57  ? -14.441 11.980  -12.215 1.00 17.92 ? 57  THR B CB  1 
ATOM   1216 O OG1 . THR B 1 57  ? -14.680 13.356  -12.560 1.00 17.77 ? 57  THR B OG1 1 
ATOM   1217 C CG2 . THR B 1 57  ? -13.312 11.406  -13.117 1.00 17.05 ? 57  THR B CG2 1 
ATOM   1218 N N   . ASN B 1 58  ? -16.543 12.208  -14.419 1.00 17.20 ? 58  ASN B N   1 
ATOM   1219 C CA  . ASN B 1 58  ? -16.843 12.317  -15.834 1.00 19.43 ? 58  ASN B CA  1 
ATOM   1220 C C   . ASN B 1 58  ? -15.722 13.100  -16.508 1.00 19.13 ? 58  ASN B C   1 
ATOM   1221 O O   . ASN B 1 58  ? -15.670 13.204  -17.741 1.00 20.17 ? 58  ASN B O   1 
ATOM   1222 C CB  . ASN B 1 58  ? -18.186 13.034  -16.050 1.00 22.40 ? 58  ASN B CB  1 
ATOM   1223 C CG  . ASN B 1 58  ? -19.387 12.120  -15.807 1.00 26.86 ? 58  ASN B CG  1 
ATOM   1224 O OD1 . ASN B 1 58  ? -20.178 12.337  -14.879 1.00 29.24 ? 58  ASN B OD1 1 
ATOM   1225 N ND2 . ASN B 1 58  ? -19.538 11.106  -16.648 1.00 26.32 ? 58  ASN B ND2 1 
ATOM   1226 N N   . ASN B 1 59  ? -14.826 13.637  -15.686 1.00 18.19 ? 59  ASN B N   1 
ATOM   1227 C CA  . ASN B 1 59  ? -13.697 14.440  -16.147 1.00 15.43 ? 59  ASN B CA  1 
ATOM   1228 C C   . ASN B 1 59  ? -12.541 13.618  -16.689 1.00 15.54 ? 59  ASN B C   1 
ATOM   1229 O O   . ASN B 1 59  ? -12.408 12.431  -16.377 1.00 13.09 ? 59  ASN B O   1 
ATOM   1230 C CB  . ASN B 1 59  ? -13.214 15.329  -15.012 1.00 15.23 ? 59  ASN B CB  1 
ATOM   1231 C CG  . ASN B 1 59  ? -14.203 16.394  -14.672 1.00 15.69 ? 59  ASN B CG  1 
ATOM   1232 O OD1 . ASN B 1 59  ? -14.848 16.944  -15.556 1.00 18.98 ? 59  ASN B OD1 1 
ATOM   1233 N ND2 . ASN B 1 59  ? -14.335 16.700  -13.401 1.00 17.83 ? 59  ASN B ND2 1 
ATOM   1234 N N   . CYS B 1 60  ? -11.717 14.268  -17.506 1.00 15.68 ? 60  CYS B N   1 
ATOM   1235 C CA  . CYS B 1 60  ? -10.543 13.652  -18.120 1.00 16.14 ? 60  CYS B CA  1 
ATOM   1236 C C   . CYS B 1 60  ? -9.304  14.337  -17.550 1.00 16.38 ? 60  CYS B C   1 
ATOM   1237 O O   . CYS B 1 60  ? -9.396  15.459  -17.040 1.00 16.61 ? 60  CYS B O   1 
ATOM   1238 C CB  . CYS B 1 60  ? -10.576 13.840  -19.637 1.00 15.94 ? 60  CYS B CB  1 
ATOM   1239 S SG  . CYS B 1 60  ? -12.052 13.142  -20.438 1.00 16.50 ? 60  CYS B SG  1 
ATOM   1240 N N   . ILE B 1 61  ? -8.154  13.661  -17.609 1.00 15.14 ? 61  ILE B N   1 
ATOM   1241 C CA  . ILE B 1 61  ? -6.910  14.238  -17.107 1.00 15.37 ? 61  ILE B CA  1 
ATOM   1242 C C   . ILE B 1 61  ? -5.845  14.157  -18.189 1.00 14.06 ? 61  ILE B C   1 
ATOM   1243 O O   . ILE B 1 61  ? -5.990  13.408  -19.148 1.00 12.13 ? 61  ILE B O   1 
ATOM   1244 C CB  . ILE B 1 61  ? -6.394  13.535  -15.812 1.00 15.12 ? 61  ILE B CB  1 
ATOM   1245 C CG1 . ILE B 1 61  ? -5.996  12.084  -16.104 1.00 14.71 ? 61  ILE B CG1 1 
ATOM   1246 C CG2 . ILE B 1 61  ? -7.433  13.671  -14.699 1.00 14.87 ? 61  ILE B CG2 1 
ATOM   1247 C CD1 . ILE B 1 61  ? -5.255  11.398  -14.961 1.00 16.45 ? 61  ILE B CD1 1 
ATOM   1248 N N   . SER B 1 62  ? -4.810  14.980  -18.070 1.00 15.73 ? 62  SER B N   1 
ATOM   1249 C CA  . SER B 1 62  ? -3.726  14.974  -19.050 1.00 16.39 ? 62  SER B CA  1 
ATOM   1250 C C   . SER B 1 62  ? -2.792  13.809  -18.773 1.00 14.63 ? 62  SER B C   1 
ATOM   1251 O O   . SER B 1 62  ? -2.758  13.307  -17.644 1.00 11.94 ? 62  SER B O   1 
ATOM   1252 C CB  . SER B 1 62  ? -2.931  16.274  -18.947 1.00 16.74 ? 62  SER B CB  1 
ATOM   1253 O OG  . SER B 1 62  ? -2.344  16.392  -17.659 1.00 20.36 ? 62  SER B OG  1 
ATOM   1254 N N   . GLY B 1 63  ? -2.032  13.402  -19.794 1.00 13.26 ? 63  GLY B N   1 
ATOM   1255 C CA  . GLY B 1 63  ? -1.053  12.327  -19.645 1.00 13.34 ? 63  GLY B CA  1 
ATOM   1256 C C   . GLY B 1 63  ? 0.006   12.686  -18.600 1.00 11.79 ? 63  GLY B C   1 
ATOM   1257 O O   . GLY B 1 63  ? 0.567   11.813  -17.921 1.00 10.82 ? 63  GLY B O   1 
ATOM   1258 N N   . THR B 1 64  ? 0.258   13.982  -18.448 1.00 11.77 ? 64  THR B N   1 
ATOM   1259 C CA  . THR B 1 64  ? 1.211   14.478  -17.469 1.00 13.40 ? 64  THR B CA  1 
ATOM   1260 C C   . THR B 1 64  ? 0.671   14.201  -16.073 1.00 15.49 ? 64  THR B C   1 
ATOM   1261 O O   . THR B 1 64  ? 1.396   13.751  -15.191 1.00 14.63 ? 64  THR B O   1 
ATOM   1262 C CB  . THR B 1 64  ? 1.406   15.987  -17.624 1.00 15.58 ? 64  THR B CB  1 
ATOM   1263 O OG1 . THR B 1 64  ? 1.655   16.283  -19.002 1.00 18.93 ? 64  THR B OG1 1 
ATOM   1264 C CG2 . THR B 1 64  ? 2.584   16.454  -16.800 1.00 16.10 ? 64  THR B CG2 1 
ATOM   1265 N N   . GLU B 1 65  ? -0.618  14.452  -15.891 1.00 14.55 ? 65  GLU B N   1 
ATOM   1266 C CA  . GLU B 1 65  ? -1.268  14.223  -14.611 1.00 16.69 ? 65  GLU B CA  1 
ATOM   1267 C C   . GLU B 1 65  ? -1.312  12.739  -14.272 1.00 11.62 ? 65  GLU B C   1 
ATOM   1268 O O   . GLU B 1 65  ? -1.104  12.352  -13.125 1.00 12.83 ? 65  GLU B O   1 
ATOM   1269 C CB  A GLU B 1 65  ? -2.695  14.795  -14.629 0.39 20.38 ? 65  GLU B CB  1 
ATOM   1270 C CB  B GLU B 1 65  ? -2.684  14.809  -14.627 0.46 19.64 ? 65  GLU B CB  1 
ATOM   1271 C CG  A GLU B 1 65  ? -2.777  16.315  -14.659 0.39 25.14 ? 65  GLU B CG  1 
ATOM   1272 C CG  B GLU B 1 65  ? -2.754  16.188  -14.006 0.46 22.85 ? 65  GLU B CG  1 
ATOM   1273 C CD  A GLU B 1 65  ? -4.153  16.824  -15.067 0.39 28.28 ? 65  GLU B CD  1 
ATOM   1274 C CD  B GLU B 1 65  ? -2.089  16.232  -12.645 0.46 25.17 ? 65  GLU B CD  1 
ATOM   1275 O OE1 A GLU B 1 65  ? -5.163  16.289  -14.564 0.39 30.76 ? 65  GLU B OE1 1 
ATOM   1276 O OE1 B GLU B 1 65  ? -2.395  15.360  -11.806 0.46 28.01 ? 65  GLU B OE1 1 
ATOM   1277 O OE2 A GLU B 1 65  ? -4.225  17.759  -15.892 0.39 30.21 ? 65  GLU B OE2 1 
ATOM   1278 O OE2 B GLU B 1 65  ? -1.246  17.125  -12.419 0.46 26.32 ? 65  GLU B OE2 1 
ATOM   1279 N N   . ALA B 1 66  ? -1.617  11.914  -15.263 1.00 9.64  ? 66  ALA B N   1 
ATOM   1280 C CA  . ALA B 1 66  ? -1.679  10.471  -15.061 1.00 10.53 ? 66  ALA B CA  1 
ATOM   1281 C C   . ALA B 1 66  ? -0.305  9.974   -14.603 1.00 10.80 ? 66  ALA B C   1 
ATOM   1282 O O   . ALA B 1 66  ? -0.198  9.185   -13.675 1.00 9.03  ? 66  ALA B O   1 
ATOM   1283 C CB  . ALA B 1 66  ? -2.111  9.781   -16.334 1.00 10.21 ? 66  ALA B CB  1 
ATOM   1284 N N   . CYS B 1 67  ? 0.746   10.474  -15.240 1.00 10.01 ? 67  CYS B N   1 
ATOM   1285 C CA  . CYS B 1 67  ? 2.117   10.108  -14.878 1.00 8.91  ? 67  CYS B CA  1 
ATOM   1286 C C   . CYS B 1 67  ? 2.380   10.457  -13.403 1.00 7.91  ? 67  CYS B C   1 
ATOM   1287 O O   . CYS B 1 67  ? 2.858   9.624   -12.634 1.00 8.77  ? 67  CYS B O   1 
ATOM   1288 C CB  . CYS B 1 67  ? 3.098   10.837  -15.814 1.00 9.15  ? 67  CYS B CB  1 
ATOM   1289 S SG  . CYS B 1 67  ? 4.829   10.733  -15.289 1.00 9.71  ? 67  CYS B SG  1 
ATOM   1290 N N   . ARG B 1 68  ? 2.010   11.666  -12.998 1.00 7.99  ? 68  ARG B N   1 
ATOM   1291 C CA  . ARG B 1 68  ? 2.166   12.110  -11.622 1.00 10.22 ? 68  ARG B CA  1 
ATOM   1292 C C   . ARG B 1 68  ? 1.425   11.220  -10.605 1.00 11.01 ? 68  ARG B C   1 
ATOM   1293 O O   . ARG B 1 68  ? 1.985   10.863  -9.566  1.00 10.01 ? 68  ARG B O   1 
ATOM   1294 C CB  . ARG B 1 68  ? 1.672   13.538  -11.488 1.00 12.71 ? 68  ARG B CB  1 
ATOM   1295 C CG  . ARG B 1 68  ? 1.810   14.100  -10.098 1.00 18.74 ? 68  ARG B CG  1 
ATOM   1296 C CD  . ARG B 1 68  ? 1.368   15.569  -10.061 1.00 24.46 ? 68  ARG B CD  1 
ATOM   1297 N NE  . ARG B 1 68  ? -0.088  15.752  -10.124 1.00 27.89 ? 68  ARG B NE  1 
ATOM   1298 C CZ  . ARG B 1 68  ? -0.905  15.658  -9.071  1.00 29.34 ? 68  ARG B CZ  1 
ATOM   1299 N NH1 . ARG B 1 68  ? -0.429  15.375  -7.857  1.00 30.57 ? 68  ARG B NH1 1 
ATOM   1300 N NH2 . ARG B 1 68  ? -2.203  15.885  -9.222  1.00 30.87 ? 68  ARG B NH2 1 
ATOM   1301 N N   . HIS B 1 69  ? 0.174   10.859  -10.898 1.00 10.38 ? 69  HIS B N   1 
ATOM   1302 C CA  . HIS B 1 69  ? -0.615  10.018  -9.982  1.00 9.14  ? 69  HIS B CA  1 
ATOM   1303 C C   . HIS B 1 69  ? 0.000   8.627   -9.858  1.00 8.56  ? 69  HIS B C   1 
ATOM   1304 O O   . HIS B 1 69  ? 0.040   8.073   -8.767  1.00 10.06 ? 69  HIS B O   1 
ATOM   1305 C CB  . HIS B 1 69  ? -2.094  9.909   -10.420 1.00 11.13 ? 69  HIS B CB  1 
ATOM   1306 C CG  . HIS B 1 69  ? -2.873  11.188  -10.299 1.00 12.52 ? 69  HIS B CG  1 
ATOM   1307 N ND1 . HIS B 1 69  ? -3.087  11.828  -9.096  1.00 11.85 ? 69  HIS B ND1 1 
ATOM   1308 C CD2 . HIS B 1 69  ? -3.477  11.955  -11.237 1.00 14.14 ? 69  HIS B CD2 1 
ATOM   1309 C CE1 . HIS B 1 69  ? -3.782  12.935  -9.298  1.00 14.14 ? 69  HIS B CE1 1 
ATOM   1310 N NE2 . HIS B 1 69  ? -4.033  13.031  -10.591 1.00 13.34 ? 69  HIS B NE2 1 
ATOM   1311 N N   . LEU B 1 70  ? 0.484   8.066   -10.965 1.00 6.52  ? 70  LEU B N   1 
ATOM   1312 C CA  . LEU B 1 70  ? 1.107   6.742   -10.932 1.00 8.00  ? 70  LEU B CA  1 
ATOM   1313 C C   . LEU B 1 70  ? 2.430   6.781   -10.156 1.00 9.16  ? 70  LEU B C   1 
ATOM   1314 O O   . LEU B 1 70  ? 2.789   5.808   -9.464  1.00 7.39  ? 70  LEU B O   1 
ATOM   1315 C CB  . LEU B 1 70  ? 1.299   6.196   -12.350 1.00 9.42  ? 70  LEU B CB  1 
ATOM   1316 C CG  . LEU B 1 70  ? -0.036  5.742   -12.968 1.00 10.39 ? 70  LEU B CG  1 
ATOM   1317 C CD1 . LEU B 1 70  ? 0.067   5.526   -14.463 1.00 9.30  ? 70  LEU B CD1 1 
ATOM   1318 C CD2 . LEU B 1 70  ? -0.497  4.453   -12.265 1.00 11.76 ? 70  LEU B CD2 1 
ATOM   1319 N N   . THR B 1 71  ? 3.139   7.908   -10.252 1.00 6.88  ? 71  THR B N   1 
ATOM   1320 C CA  . THR B 1 71  ? 4.399   8.102   -9.521  1.00 8.37  ? 71  THR B CA  1 
ATOM   1321 C C   . THR B 1 71  ? 4.043   8.180   -8.030  1.00 9.03  ? 71  THR B C   1 
ATOM   1322 O O   . THR B 1 71  ? 4.741   7.609   -7.189  1.00 9.83  ? 71  THR B O   1 
ATOM   1323 C CB  . THR B 1 71  ? 5.140   9.395   -10.019 1.00 7.99  ? 71  THR B CB  1 
ATOM   1324 O OG1 . THR B 1 71  ? 5.590   9.169   -11.363 1.00 8.54  ? 71  THR B OG1 1 
ATOM   1325 C CG2 . THR B 1 71  ? 6.327   9.748   -9.125  1.00 7.59  ? 71  THR B CG2 1 
ATOM   1326 N N   . ASN B 1 72  ? 2.924   8.824   -7.710  1.00 7.25  ? 72  ASN B N   1 
ATOM   1327 C CA  . ASN B 1 72  ? 2.465   8.903   -6.323  1.00 8.49  ? 72  ASN B CA  1 
ATOM   1328 C C   . ASN B 1 72  ? 2.221   7.500   -5.758  1.00 7.43  ? 72  ASN B C   1 
ATOM   1329 O O   . ASN B 1 72  ? 2.607   7.225   -4.619  1.00 9.21  ? 72  ASN B O   1 
ATOM   1330 C CB  . ASN B 1 72  ? 1.169   9.715   -6.200  1.00 11.19 ? 72  ASN B CB  1 
ATOM   1331 C CG  . ASN B 1 72  ? 1.405   11.211  -6.264  1.00 13.04 ? 72  ASN B CG  1 
ATOM   1332 O OD1 . ASN B 1 72  ? 2.533   11.670  -6.117  1.00 13.48 ? 72  ASN B OD1 1 
ATOM   1333 N ND2 . ASN B 1 72  ? 0.335   11.979  -6.475  1.00 10.51 ? 72  ASN B ND2 1 
ATOM   1334 N N   . LEU B 1 73  ? 1.617   6.619   -6.561  1.00 6.34  ? 73  LEU B N   1 
ATOM   1335 C CA  . LEU B 1 73  ? 1.318   5.236   -6.154  1.00 7.37  ? 73  LEU B CA  1 
ATOM   1336 C C   . LEU B 1 73  ? 2.593   4.439   -5.914  1.00 9.94  ? 73  LEU B C   1 
ATOM   1337 O O   . LEU B 1 73  ? 2.702   3.712   -4.924  1.00 11.35 ? 73  LEU B O   1 
ATOM   1338 C CB  . LEU B 1 73  ? 0.413   4.531   -7.176  1.00 7.03  ? 73  LEU B CB  1 
ATOM   1339 C CG  . LEU B 1 73  ? -1.064  4.998   -7.089  1.00 8.71  ? 73  LEU B CG  1 
ATOM   1340 C CD1 . LEU B 1 73  ? -1.870  4.520   -8.271  1.00 8.18  ? 73  LEU B CD1 1 
ATOM   1341 C CD2 . LEU B 1 73  ? -1.710  4.521   -5.800  1.00 10.35 ? 73  LEU B CD2 1 
ATOM   1342 N N   . VAL B 1 74  ? 3.569   4.584   -6.803  1.00 8.59  ? 74  VAL B N   1 
ATOM   1343 C CA  . VAL B 1 74  ? 4.831   3.889   -6.608  1.00 9.78  ? 74  VAL B CA  1 
ATOM   1344 C C   . VAL B 1 74  ? 5.475   4.394   -5.313  1.00 8.54  ? 74  VAL B C   1 
ATOM   1345 O O   . VAL B 1 74  ? 5.883   3.591   -4.469  1.00 11.84 ? 74  VAL B O   1 
ATOM   1346 C CB  . VAL B 1 74  ? 5.803   4.127   -7.797  1.00 9.17  ? 74  VAL B CB  1 
ATOM   1347 C CG1 . VAL B 1 74  ? 7.233   3.634   -7.435  1.00 12.29 ? 74  VAL B CG1 1 
ATOM   1348 C CG2 . VAL B 1 74  ? 5.295   3.397   -9.049  1.00 9.25  ? 74  VAL B CG2 1 
ATOM   1349 N N   . ASN B 1 75  ? 5.481   5.713   -5.104  1.00 8.57  ? 75  ASN B N   1 
ATOM   1350 C CA  . ASN B 1 75  ? 6.111   6.291   -3.907  1.00 10.63 ? 75  ASN B CA  1 
ATOM   1351 C C   . ASN B 1 75  ? 5.414   5.962   -2.604  1.00 11.75 ? 75  ASN B C   1 
ATOM   1352 O O   . ASN B 1 75  ? 6.018   6.029   -1.539  1.00 11.37 ? 75  ASN B O   1 
ATOM   1353 C CB  A ASN B 1 75  ? 6.218   7.807   -4.052  0.60 9.34  ? 75  ASN B CB  1 
ATOM   1354 C CB  B ASN B 1 75  ? 6.277   7.807   -4.068  0.36 14.42 ? 75  ASN B CB  1 
ATOM   1355 C CG  A ASN B 1 75  ? 7.065   8.220   -5.235  0.60 8.53  ? 75  ASN B CG  1 
ATOM   1356 C CG  B ASN B 1 75  ? 7.094   8.436   -2.950  0.36 17.45 ? 75  ASN B CG  1 
ATOM   1357 O OD1 A ASN B 1 75  ? 8.019   7.527   -5.583  0.60 6.00  ? 75  ASN B OD1 1 
ATOM   1358 O OD1 B ASN B 1 75  ? 8.091   7.867   -2.488  0.36 19.93 ? 75  ASN B OD1 1 
ATOM   1359 N ND2 A ASN B 1 75  ? 6.715   9.328   -5.860  0.60 11.08 ? 75  ASN B ND2 1 
ATOM   1360 N ND2 B ASN B 1 75  ? 6.682   9.620   -2.517  0.36 18.28 ? 75  ASN B ND2 1 
ATOM   1361 N N   . HIS B 1 76  ? 4.133   5.620   -2.692  1.00 9.71  ? 76  HIS B N   1 
ATOM   1362 C CA  . HIS B 1 76  ? 3.344   5.270   -1.518  1.00 10.73 ? 76  HIS B CA  1 
ATOM   1363 C C   . HIS B 1 76  ? 3.599   3.826   -1.073  1.00 9.59  ? 76  HIS B C   1 
ATOM   1364 O O   . HIS B 1 76  ? 3.191   3.431   0.028   1.00 12.80 ? 76  HIS B O   1 
ATOM   1365 C CB  . HIS B 1 76  ? 1.859   5.428   -1.827  1.00 9.98  ? 76  HIS B CB  1 
ATOM   1366 C CG  . HIS B 1 76  ? 1.011   5.540   -0.606  1.00 11.14 ? 76  HIS B CG  1 
ATOM   1367 N ND1 . HIS B 1 76  ? 0.038   4.619   -0.288  1.00 11.08 ? 76  HIS B ND1 1 
ATOM   1368 C CD2 . HIS B 1 76  ? 0.981   6.479   0.371   1.00 7.55  ? 76  HIS B CD2 1 
ATOM   1369 C CE1 . HIS B 1 76  ? -0.557  4.985   0.831   1.00 7.58  ? 76  HIS B CE1 1 
ATOM   1370 N NE2 . HIS B 1 76  ? -0.005  6.107   1.253   1.00 10.73 ? 76  HIS B NE2 1 
ATOM   1371 N N   . GLY B 1 77  ? 4.198   3.028   -1.955  1.00 8.89  ? 77  GLY B N   1 
ATOM   1372 C CA  . GLY B 1 77  ? 4.488   1.643   -1.637  1.00 9.07  ? 77  GLY B CA  1 
ATOM   1373 C C   . GLY B 1 77  ? 3.580   0.628   -2.307  1.00 9.31  ? 77  GLY B C   1 
ATOM   1374 O O   . GLY B 1 77  ? 3.739   -0.572  -2.092  1.00 12.68 ? 77  GLY B O   1 
ATOM   1375 N N   . CYS B 1 78  ? 2.631   1.080   -3.124  1.00 9.52  ? 78  CYS B N   1 
ATOM   1376 C CA  . CYS B 1 78  ? 1.735   0.143   -3.787  1.00 9.94  ? 78  CYS B CA  1 
ATOM   1377 C C   . CYS B 1 78  ? 2.508   -0.545  -4.892  1.00 10.73 ? 78  CYS B C   1 
ATOM   1378 O O   . CYS B 1 78  ? 2.867   0.079   -5.893  1.00 10.69 ? 78  CYS B O   1 
ATOM   1379 C CB  . CYS B 1 78  ? 0.505   0.854   -4.361  1.00 8.13  ? 78  CYS B CB  1 
ATOM   1380 S SG  . CYS B 1 78  ? -0.398  1.914   -3.204  1.00 7.88  ? 78  CYS B SG  1 
ATOM   1381 N N   . ARG B 1 79  ? 2.743   -1.836  -4.728  1.00 10.33 ? 79  ARG B N   1 
ATOM   1382 C CA  . ARG B 1 79  ? 3.515   -2.576  -5.707  1.00 14.19 ? 79  ARG B CA  1 
ATOM   1383 C C   . ARG B 1 79  ? 2.766   -3.114  -6.913  1.00 11.30 ? 79  ARG B C   1 
ATOM   1384 O O   . ARG B 1 79  ? 3.365   -3.330  -7.972  1.00 9.52  ? 79  ARG B O   1 
ATOM   1385 C CB  A ARG B 1 79  ? 4.331   -3.666  -5.018  0.50 14.98 ? 79  ARG B CB  1 
ATOM   1386 C CB  B ARG B 1 79  ? 4.225   -3.747  -5.026  0.29 17.26 ? 79  ARG B CB  1 
ATOM   1387 C CG  A ARG B 1 79  ? 5.298   -4.407  -5.931  0.50 17.74 ? 79  ARG B CG  1 
ATOM   1388 C CG  B ARG B 1 79  ? 5.696   -3.519  -4.722  0.29 22.01 ? 79  ARG B CG  1 
ATOM   1389 C CD  A ARG B 1 79  ? 6.106   -5.422  -5.142  0.50 19.89 ? 79  ARG B CD  1 
ATOM   1390 C CD  B ARG B 1 79  ? 5.918   -3.082  -3.291  0.29 25.15 ? 79  ARG B CD  1 
ATOM   1391 N NE  A ARG B 1 79  ? 5.227   -6.184  -4.265  0.50 20.98 ? 79  ARG B NE  1 
ATOM   1392 N NE  B ARG B 1 79  ? 7.336   -3.096  -2.934  0.34 29.59 ? 79  ARG B NE  1 
ATOM   1393 C CZ  A ARG B 1 79  ? 4.418   -7.154  -4.671  0.50 20.32 ? 79  ARG B CZ  1 
ATOM   1394 C CZ  B ARG B 1 79  ? 7.831   -2.769  -1.747  0.29 30.29 ? 79  ARG B CZ  1 
ATOM   1395 N NH1 A ARG B 1 79  ? 4.388   -7.513  -5.948  0.50 21.23 ? 79  ARG B NH1 1 
ATOM   1396 N NH1 B ARG B 1 79  ? 7.006   -2.384  -0.769  0.29 30.95 ? 79  ARG B NH1 1 
ATOM   1397 N NH2 A ARG B 1 79  ? 3.550   -7.675  -3.820  0.50 21.28 ? 79  ARG B NH2 1 
ATOM   1398 N NH2 B ARG B 1 79  ? 9.136   -2.816  -1.534  0.29 31.33 ? 79  ARG B NH2 1 
ATOM   1399 N N   . VAL B 1 80  ? 1.454   -3.304  -6.779  1.00 11.13 ? 80  VAL B N   1 
ATOM   1400 C CA  . VAL B 1 80  ? 0.662   -3.837  -7.885  1.00 10.87 ? 80  VAL B CA  1 
ATOM   1401 C C   . VAL B 1 80  ? -0.634  -3.048  -8.144  1.00 10.80 ? 80  VAL B C   1 
ATOM   1402 O O   . VAL B 1 80  ? -0.911  -2.639  -9.275  1.00 10.13 ? 80  VAL B O   1 
ATOM   1403 C CB  . VAL B 1 80  ? 0.294   -5.340  -7.654  1.00 11.24 ? 80  VAL B CB  1 
ATOM   1404 C CG1 . VAL B 1 80  ? -0.424  -5.910  -8.869  1.00 10.44 ? 80  VAL B CG1 1 
ATOM   1405 C CG2 . VAL B 1 80  ? 1.556   -6.179  -7.335  1.00 11.92 ? 80  VAL B CG2 1 
ATOM   1406 N N   . CYS B 1 81  ? -1.404  -2.811  -7.087  1.00 9.00  ? 81  CYS B N   1 
ATOM   1407 C CA  . CYS B 1 81  ? -2.685  -2.117  -7.222  1.00 8.21  ? 81  CYS B CA  1 
ATOM   1408 C C   . CYS B 1 81  ? -2.860  -0.991  -6.220  1.00 8.14  ? 81  CYS B C   1 
ATOM   1409 O O   . CYS B 1 81  ? -2.222  -0.986  -5.161  1.00 9.10  ? 81  CYS B O   1 
ATOM   1410 C CB  . CYS B 1 81  ? -3.838  -3.112  -7.044  1.00 6.93  ? 81  CYS B CB  1 
ATOM   1411 S SG  . CYS B 1 81  ? -3.884  -4.407  -8.307  1.00 9.43  ? 81  CYS B SG  1 
ATOM   1412 N N   . GLY B 1 82  ? -3.730  -0.038  -6.552  1.00 7.11  ? 82  GLY B N   1 
ATOM   1413 C CA  . GLY B 1 82  ? -3.991  1.082   -5.671  1.00 6.46  ? 82  GLY B CA  1 
ATOM   1414 C C   . GLY B 1 82  ? -4.708  2.190   -6.422  1.00 7.71  ? 82  GLY B C   1 
ATOM   1415 O O   . GLY B 1 82  ? -4.902  2.087   -7.628  1.00 8.26  ? 82  GLY B O   1 
ATOM   1416 N N   . SER B 1 83  ? -5.092  3.247   -5.720  1.00 6.69  ? 83  SER B N   1 
ATOM   1417 C CA  . SER B 1 83  ? -5.772  4.376   -6.349  1.00 8.68  ? 83  SER B CA  1 
ATOM   1418 C C   . SER B 1 83  ? -5.287  5.681   -5.756  1.00 7.10  ? 83  SER B C   1 
ATOM   1419 O O   . SER B 1 83  ? -4.945  5.748   -4.578  1.00 9.28  ? 83  SER B O   1 
ATOM   1420 C CB  . SER B 1 83  ? -7.298  4.278   -6.155  1.00 5.45  ? 83  SER B CB  1 
ATOM   1421 O OG  . SER B 1 83  ? -7.776  3.102   -6.776  1.00 8.25  ? 83  SER B OG  1 
ATOM   1422 N N   . ASP B 1 84  ? -5.264  6.728   -6.576  1.00 10.71 ? 84  ASP B N   1 
ATOM   1423 C CA  . ASP B 1 84  ? -4.853  8.058   -6.114  1.00 11.57 ? 84  ASP B CA  1 
ATOM   1424 C C   . ASP B 1 84  ? -5.968  9.019   -6.495  1.00 10.01 ? 84  ASP B C   1 
ATOM   1425 O O   . ASP B 1 84  ? -6.455  8.987   -7.632  1.00 10.29 ? 84  ASP B O   1 
ATOM   1426 C CB  . ASP B 1 84  ? -3.541  8.504   -6.790  1.00 11.49 ? 84  ASP B CB  1 
ATOM   1427 C CG  . ASP B 1 84  ? -2.919  9.742   -6.137  1.00 11.59 ? 84  ASP B CG  1 
ATOM   1428 O OD1 . ASP B 1 84  ? -2.992  9.909   -4.904  1.00 11.14 ? 84  ASP B OD1 1 
ATOM   1429 O OD2 . ASP B 1 84  ? -2.298  10.543  -6.855  1.00 12.68 ? 84  ASP B OD2 1 
ATOM   1430 N N   . PRO B 1 85  ? -6.467  9.800   -5.523  1.00 11.24 ? 85  PRO B N   1 
ATOM   1431 C CA  . PRO B 1 85  ? -7.540  10.768  -5.810  1.00 10.64 ? 85  PRO B CA  1 
ATOM   1432 C C   . PRO B 1 85  ? -7.028  11.793  -6.828  1.00 13.41 ? 85  PRO B C   1 
ATOM   1433 O O   . PRO B 1 85  ? -5.843  12.153  -6.833  1.00 13.46 ? 85  PRO B O   1 
ATOM   1434 C CB  . PRO B 1 85  ? -7.821  11.407  -4.441  1.00 11.22 ? 85  PRO B CB  1 
ATOM   1435 C CG  . PRO B 1 85  ? -6.606  11.120  -3.619  1.00 12.84 ? 85  PRO B CG  1 
ATOM   1436 C CD  . PRO B 1 85  ? -6.182  9.742   -4.084  1.00 10.31 ? 85  PRO B CD  1 
ATOM   1437 N N   . LEU B 1 86  ? -7.899  12.216  -7.727  1.00 14.23 ? 86  LEU B N   1 
ATOM   1438 C CA  . LEU B 1 86  ? -7.504  13.166  -8.758  1.00 14.85 ? 86  LEU B CA  1 
ATOM   1439 C C   . LEU B 1 86  ? -7.380  14.583  -8.220  1.00 18.23 ? 86  LEU B C   1 
ATOM   1440 O O   . LEU B 1 86  ? -6.558  15.376  -8.704  1.00 18.33 ? 86  LEU B O   1 
ATOM   1441 C CB  . LEU B 1 86  ? -8.504  13.135  -9.906  1.00 12.49 ? 86  LEU B CB  1 
ATOM   1442 C CG  . LEU B 1 86  ? -8.564  11.854  -10.736 1.00 13.29 ? 86  LEU B CG  1 
ATOM   1443 C CD1 . LEU B 1 86  ? -9.618  11.998  -11.824 1.00 14.73 ? 86  LEU B CD1 1 
ATOM   1444 C CD2 . LEU B 1 86  ? -7.221  11.552  -11.349 1.00 12.97 ? 86  LEU B CD2 1 
ATOM   1445 N N   . TYR B 1 87  ? -8.187  14.896  -7.215  1.00 18.96 ? 87  TYR B N   1 
ATOM   1446 C CA  . TYR B 1 87  ? -8.195  16.227  -6.641  1.00 21.93 ? 87  TYR B CA  1 
ATOM   1447 C C   . TYR B 1 87  ? -7.584  16.251  -5.250  1.00 23.26 ? 87  TYR B C   1 
ATOM   1448 O O   . TYR B 1 87  ? -8.021  15.546  -4.344  1.00 20.51 ? 87  TYR B O   1 
ATOM   1449 C CB  . TYR B 1 87  ? -9.625  16.750  -6.665  1.00 23.63 ? 87  TYR B CB  1 
ATOM   1450 C CG  . TYR B 1 87  ? -10.264 16.496  -8.015  1.00 25.95 ? 87  TYR B CG  1 
ATOM   1451 C CD1 . TYR B 1 87  ? -9.903  17.256  -9.129  1.00 27.26 ? 87  TYR B CD1 1 
ATOM   1452 C CD2 . TYR B 1 87  ? -11.156 15.444  -8.200  1.00 25.63 ? 87  TYR B CD2 1 
ATOM   1453 C CE1 . TYR B 1 87  ? -10.406 16.971  -10.395 1.00 28.32 ? 87  TYR B CE1 1 
ATOM   1454 C CE2 . TYR B 1 87  ? -11.666 15.153  -9.462  1.00 26.68 ? 87  TYR B CE2 1 
ATOM   1455 C CZ  . TYR B 1 87  ? -11.286 15.920  -10.555 1.00 27.81 ? 87  TYR B CZ  1 
ATOM   1456 O OH  . TYR B 1 87  ? -11.775 15.636  -11.815 1.00 29.39 ? 87  TYR B OH  1 
ATOM   1457 N N   . ALA B 1 88  ? -6.525  17.037  -5.106  1.00 25.67 ? 88  ALA B N   1 
ATOM   1458 C CA  . ALA B 1 88  ? -5.812  17.147  -3.839  1.00 28.56 ? 88  ALA B CA  1 
ATOM   1459 C C   . ALA B 1 88  ? -6.751  17.372  -2.655  1.00 29.43 ? 88  ALA B C   1 
ATOM   1460 O O   . ALA B 1 88  ? -7.672  18.189  -2.721  1.00 28.42 ? 88  ALA B O   1 
ATOM   1461 C CB  . ALA B 1 88  ? -4.776  18.271  -3.914  1.00 29.78 ? 88  ALA B CB  1 
ATOM   1462 N N   . GLY B 1 89  ? -6.526  16.612  -1.590  1.00 31.12 ? 89  GLY B N   1 
ATOM   1463 C CA  . GLY B 1 89  ? -7.341  16.747  -0.395  1.00 32.81 ? 89  GLY B CA  1 
ATOM   1464 C C   . GLY B 1 89  ? -8.715  16.109  -0.467  1.00 33.06 ? 89  GLY B C   1 
ATOM   1465 O O   . GLY B 1 89  ? -9.412  16.020  0.550   1.00 35.61 ? 89  GLY B O   1 
ATOM   1466 N N   . ASN B 1 90  ? -9.098  15.633  -1.646  1.00 31.11 ? 90  ASN B N   1 
ATOM   1467 C CA  . ASN B 1 90  ? -10.403 15.009  -1.831  1.00 29.80 ? 90  ASN B CA  1 
ATOM   1468 C C   . ASN B 1 90  ? -10.390 13.484  -1.681  1.00 29.69 ? 90  ASN B C   1 
ATOM   1469 O O   . ASN B 1 90  ? -9.348  12.834  -1.832  1.00 29.29 ? 90  ASN B O   1 
ATOM   1470 C CB  . ASN B 1 90  ? -10.993 15.405  -3.187  1.00 30.42 ? 90  ASN B CB  1 
ATOM   1471 C CG  . ASN B 1 90  ? -11.828 16.672  -3.112  1.00 32.18 ? 90  ASN B CG  1 
ATOM   1472 O OD1 . ASN B 1 90  ? -11.842 17.365  -2.092  1.00 34.07 ? 90  ASN B OD1 1 
ATOM   1473 N ND2 . ASN B 1 90  ? -12.573 16.953  -4.173  1.00 32.82 ? 90  ASN B ND2 1 
ATOM   1474 N N   . ASP B 1 91  ? -11.541 12.935  -1.300  1.00 25.49 ? 91  ASP B N   1 
ATOM   1475 C CA  . ASP B 1 91  ? -11.715 11.496  -1.134  1.00 22.75 ? 91  ASP B CA  1 
ATOM   1476 C C   . ASP B 1 91  ? -11.732 10.907  -2.551  1.00 19.57 ? 91  ASP B C   1 
ATOM   1477 O O   . ASP B 1 91  ? -12.116 11.594  -3.504  1.00 19.06 ? 91  ASP B O   1 
ATOM   1478 C CB  . ASP B 1 91  ? -13.048 11.253  -0.395  1.00 23.14 ? 91  ASP B CB  1 
ATOM   1479 C CG  . ASP B 1 91  ? -13.407 9.781   -0.256  1.00 23.54 ? 91  ASP B CG  1 
ATOM   1480 O OD1 . ASP B 1 91  ? -14.070 9.268   -1.173  1.00 23.08 ? 91  ASP B OD1 1 
ATOM   1481 O OD2 . ASP B 1 91  ? -13.074 9.149   0.776   1.00 23.13 ? 91  ASP B OD2 1 
ATOM   1482 N N   . VAL B 1 92  ? -11.292 9.659   -2.700  1.00 16.84 ? 92  VAL B N   1 
ATOM   1483 C CA  . VAL B 1 92  ? -11.264 8.993   -4.008  1.00 14.11 ? 92  VAL B CA  1 
ATOM   1484 C C   . VAL B 1 92  ? -12.630 8.891   -4.696  1.00 15.21 ? 92  VAL B C   1 
ATOM   1485 O O   . VAL B 1 92  ? -12.694 8.779   -5.916  1.00 13.71 ? 92  VAL B O   1 
ATOM   1486 C CB  . VAL B 1 92  ? -10.667 7.560   -3.926  1.00 13.70 ? 92  VAL B CB  1 
ATOM   1487 C CG1 . VAL B 1 92  ? -9.178  7.608   -3.593  1.00 13.04 ? 92  VAL B CG1 1 
ATOM   1488 C CG2 . VAL B 1 92  ? -11.412 6.731   -2.870  1.00 12.74 ? 92  VAL B CG2 1 
ATOM   1489 N N   . SER B 1 93  ? -13.723 8.908   -3.934  1.00 17.26 ? 93  SER B N   1 
ATOM   1490 C CA  . SER B 1 93  ? -15.050 8.802   -4.558  1.00 20.05 ? 93  SER B CA  1 
ATOM   1491 C C   . SER B 1 93  ? -15.395 10.019  -5.431  1.00 19.71 ? 93  SER B C   1 
ATOM   1492 O O   . SER B 1 93  ? -16.311 9.962   -6.253  1.00 19.81 ? 93  SER B O   1 
ATOM   1493 C CB  . SER B 1 93  ? -16.143 8.524   -3.516  1.00 19.69 ? 93  SER B CB  1 
ATOM   1494 O OG  . SER B 1 93  ? -16.291 9.595   -2.610  1.00 22.57 ? 93  SER B OG  1 
ATOM   1495 N N   . ARG B 1 94  ? -14.624 11.097  -5.291  1.00 19.85 ? 94  ARG B N   1 
ATOM   1496 C CA  . ARG B 1 94  ? -14.848 12.289  -6.099  1.00 20.17 ? 94  ARG B CA  1 
ATOM   1497 C C   . ARG B 1 94  ? -14.022 12.302  -7.387  1.00 18.43 ? 94  ARG B C   1 
ATOM   1498 O O   . ARG B 1 94  ? -14.064 13.261  -8.159  1.00 18.37 ? 94  ARG B O   1 
ATOM   1499 C CB  . ARG B 1 94  ? -14.624 13.559  -5.270  1.00 26.81 ? 94  ARG B CB  1 
ATOM   1500 C CG  . ARG B 1 94  ? -15.584 13.664  -4.073  1.00 33.12 ? 94  ARG B CG  1 
ATOM   1501 C CD  . ARG B 1 94  ? -15.854 15.098  -3.671  1.00 37.61 ? 94  ARG B CD  1 
ATOM   1502 N NE  . ARG B 1 94  ? -15.477 15.360  -2.283  1.00 42.94 ? 94  ARG B NE  1 
ATOM   1503 C CZ  . ARG B 1 94  ? -15.357 16.581  -1.764  1.00 45.32 ? 94  ARG B CZ  1 
ATOM   1504 N NH1 . ARG B 1 94  ? -15.586 17.650  -2.520  1.00 46.89 ? 94  ARG B NH1 1 
ATOM   1505 N NH2 . ARG B 1 94  ? -15.015 16.742  -0.491  1.00 46.80 ? 94  ARG B NH2 1 
ATOM   1506 N N   . GLY B 1 95  ? -13.315 11.206  -7.639  1.00 15.66 ? 95  GLY B N   1 
ATOM   1507 C CA  . GLY B 1 95  ? -12.501 11.093  -8.837  1.00 11.41 ? 95  GLY B CA  1 
ATOM   1508 C C   . GLY B 1 95  ? -11.177 10.475  -8.438  1.00 8.36  ? 95  GLY B C   1 
ATOM   1509 O O   . GLY B 1 95  ? -10.541 10.953  -7.492  1.00 9.43  ? 95  GLY B O   1 
ATOM   1510 N N   . GLN B 1 96  ? -10.756 9.431   -9.147  1.00 8.53  ? 96  GLN B N   1 
ATOM   1511 C CA  . GLN B 1 96  ? -9.509  8.747   -8.812  1.00 7.33  ? 96  GLN B CA  1 
ATOM   1512 C C   . GLN B 1 96  ? -8.916  8.028   -10.001 1.00 8.25  ? 96  GLN B C   1 
ATOM   1513 O O   . GLN B 1 96  ? -9.615  7.703   -10.967 1.00 7.96  ? 96  GLN B O   1 
ATOM   1514 C CB  . GLN B 1 96  ? -9.784  7.706   -7.713  1.00 9.56  ? 96  GLN B CB  1 
ATOM   1515 C CG  . GLN B 1 96  ? -10.797 6.630   -8.152  1.00 10.08 ? 96  GLN B CG  1 
ATOM   1516 C CD  . GLN B 1 96  ? -11.189 5.667   -7.038  1.00 11.77 ? 96  GLN B CD  1 
ATOM   1517 O OE1 . GLN B 1 96  ? -10.328 5.046   -6.404  1.00 11.41 ? 96  GLN B OE1 1 
ATOM   1518 N NE2 . GLN B 1 96  ? -12.488 5.544   -6.790  1.00 13.84 ? 96  GLN B NE2 1 
ATOM   1519 N N   . LEU B 1 97  ? -7.607  7.819   -9.946  1.00 8.63  ? 97  LEU B N   1 
ATOM   1520 C CA  . LEU B 1 97  ? -6.912  7.080   -10.987 1.00 9.82  ? 97  LEU B CA  1 
ATOM   1521 C C   . LEU B 1 97  ? -6.677  5.750   -10.274 1.00 8.23  ? 97  LEU B C   1 
ATOM   1522 O O   . LEU B 1 97  ? -6.001  5.704   -9.246  1.00 9.20  ? 97  LEU B O   1 
ATOM   1523 C CB  . LEU B 1 97  ? -5.569  7.726   -11.342 1.00 13.02 ? 97  LEU B CB  1 
ATOM   1524 C CG  . LEU B 1 97  ? -4.753  6.949   -12.379 1.00 16.97 ? 97  LEU B CG  1 
ATOM   1525 C CD1 . LEU B 1 97  ? -5.522  6.901   -13.676 1.00 19.60 ? 97  LEU B CD1 1 
ATOM   1526 C CD2 . LEU B 1 97  ? -3.409  7.602   -12.607 1.00 19.97 ? 97  LEU B CD2 1 
ATOM   1527 N N   . THR B 1 98  ? -7.244  4.678   -10.785 1.00 6.45  ? 98  THR B N   1 
ATOM   1528 C CA  . THR B 1 98  ? -7.071  3.411   -10.102 1.00 8.91  ? 98  THR B CA  1 
ATOM   1529 C C   . THR B 1 98  ? -6.337  2.406   -10.953 1.00 6.31  ? 98  THR B C   1 
ATOM   1530 O O   . THR B 1 98  ? -6.466  2.392   -12.179 1.00 7.92  ? 98  THR B O   1 
ATOM   1531 C CB  . THR B 1 98  ? -8.419  2.766   -9.740  1.00 11.53 ? 98  THR B CB  1 
ATOM   1532 O OG1 . THR B 1 98  ? -9.010  2.316   -10.945 1.00 19.96 ? 98  THR B OG1 1 
ATOM   1533 C CG2 . THR B 1 98  ? -9.355  3.750   -9.150  1.00 6.92  ? 98  THR B CG2 1 
ATOM   1534 N N   . VAL B 1 99  ? -5.550  1.574   -10.292 1.00 6.52  ? 99  VAL B N   1 
ATOM   1535 C CA  . VAL B 1 99  ? -4.833  0.493   -10.947 1.00 8.03  ? 99  VAL B CA  1 
ATOM   1536 C C   . VAL B 1 99  ? -5.421  -0.753  -10.261 1.00 6.31  ? 99  VAL B C   1 
ATOM   1537 O O   . VAL B 1 99  ? -5.306  -0.902  -9.046  1.00 5.54  ? 99  VAL B O   1 
ATOM   1538 C CB  . VAL B 1 99  ? -3.327  0.563   -10.656 1.00 8.69  ? 99  VAL B CB  1 
ATOM   1539 C CG1 . VAL B 1 99  ? -2.635  -0.597  -11.320 1.00 6.04  ? 99  VAL B CG1 1 
ATOM   1540 C CG2 . VAL B 1 99  ? -2.764  1.904   -11.146 1.00 10.13 ? 99  VAL B CG2 1 
ATOM   1541 N N   . ASN B 1 100 ? -6.021  -1.647  -11.032 1.00 5.92  ? 100 ASN B N   1 
ATOM   1542 C CA  . ASN B 1 100 ? -6.626  -2.822  -10.432 1.00 6.75  ? 100 ASN B CA  1 
ATOM   1543 C C   . ASN B 1 100 ? -6.654  -3.956  -11.443 1.00 8.27  ? 100 ASN B C   1 
ATOM   1544 O O   . ASN B 1 100 ? -6.372  -3.767  -12.625 1.00 11.68 ? 100 ASN B O   1 
ATOM   1545 C CB  . ASN B 1 100 ? -8.070  -2.469  -10.017 1.00 8.28  ? 100 ASN B CB  1 
ATOM   1546 C CG  . ASN B 1 100 ? -8.674  -3.460  -9.021  1.00 10.71 ? 100 ASN B CG  1 
ATOM   1547 O OD1 . ASN B 1 100 ? -7.983  -4.338  -8.498  1.00 12.44 ? 100 ASN B OD1 1 
ATOM   1548 N ND2 . ASN B 1 100 ? -9.961  -3.292  -8.725  1.00 8.20  ? 100 ASN B ND2 1 
ATOM   1549 N N   . TYR B 1 101 ? -6.948  -5.144  -10.947 1.00 8.69  ? 101 TYR B N   1 
ATOM   1550 C CA  . TYR B 1 101 ? -7.084  -6.328  -11.757 1.00 9.87  ? 101 TYR B CA  1 
ATOM   1551 C C   . TYR B 1 101 ? -8.341  -6.209  -12.652 1.00 10.86 ? 101 TYR B C   1 
ATOM   1552 O O   . TYR B 1 101 ? -9.376  -5.653  -12.229 1.00 11.33 ? 101 TYR B O   1 
ATOM   1553 C CB  . TYR B 1 101 ? -7.235  -7.528  -10.817 1.00 10.55 ? 101 TYR B CB  1 
ATOM   1554 C CG  . TYR B 1 101 ? -7.481  -8.827  -11.509 1.00 13.49 ? 101 TYR B CG  1 
ATOM   1555 C CD1 . TYR B 1 101 ? -6.430  -9.581  -11.996 1.00 15.06 ? 101 TYR B CD1 1 
ATOM   1556 C CD2 . TYR B 1 101 ? -8.771  -9.295  -11.696 1.00 15.80 ? 101 TYR B CD2 1 
ATOM   1557 C CE1 . TYR B 1 101 ? -6.660  -10.770 -12.664 1.00 17.00 ? 101 TYR B CE1 1 
ATOM   1558 C CE2 . TYR B 1 101 ? -9.006  -10.486 -12.367 1.00 17.36 ? 101 TYR B CE2 1 
ATOM   1559 C CZ  . TYR B 1 101 ? -7.951  -11.213 -12.844 1.00 18.43 ? 101 TYR B CZ  1 
ATOM   1560 O OH  . TYR B 1 101 ? -8.201  -12.388 -13.517 1.00 24.01 ? 101 TYR B OH  1 
ATOM   1561 N N   . VAL B 1 102 ? -8.218  -6.650  -13.911 1.00 11.61 ? 102 VAL B N   1 
ATOM   1562 C CA  . VAL B 1 102 ? -9.326  -6.649  -14.894 1.00 14.41 ? 102 VAL B CA  1 
ATOM   1563 C C   . VAL B 1 102 ? -9.305  -8.034  -15.562 1.00 16.99 ? 102 VAL B C   1 
ATOM   1564 O O   . VAL B 1 102 ? -8.235  -8.580  -15.829 1.00 17.56 ? 102 VAL B O   1 
ATOM   1565 C CB  . VAL B 1 102 ? -9.165  -5.550  -15.972 1.00 14.33 ? 102 VAL B CB  1 
ATOM   1566 C CG1 . VAL B 1 102 ? -10.199 -5.730  -17.101 1.00 14.99 ? 102 VAL B CG1 1 
ATOM   1567 C CG2 . VAL B 1 102 ? -9.325  -4.180  -15.357 1.00 13.60 ? 102 VAL B CG2 1 
ATOM   1568 N N   . ASN B 1 103 ? -10.486 -8.611  -15.785 1.00 20.48 ? 103 ASN B N   1 
ATOM   1569 C CA  . ASN B 1 103 ? -10.692 -9.934  -16.351 1.00 22.77 ? 103 ASN B CA  1 
ATOM   1570 C C   . ASN B 1 103 ? -10.456 -10.014 -17.854 1.00 22.12 ? 103 ASN B C   1 
ATOM   1571 O O   . ASN B 1 103 ? -11.080 -10.827 -18.536 1.00 19.17 ? 103 ASN B O   1 
ATOM   1572 C CB  A ASN B 1 103 ? -12.097 -10.456 -16.022 0.34 24.18 ? 103 ASN B CB  1 
ATOM   1573 C CB  B ASN B 1 103 ? -12.137 -10.330 -16.099 0.36 26.06 ? 103 ASN B CB  1 
ATOM   1574 C CG  A ASN B 1 103 ? -13.197 -9.644  -16.671 0.34 26.47 ? 103 ASN B CG  1 
ATOM   1575 C CG  B ASN B 1 103 ? -12.644 -10.012 -14.707 0.36 28.35 ? 103 ASN B CG  1 
ATOM   1576 O OD1 A ASN B 1 103 ? -12.923 -8.681  -17.380 0.34 26.70 ? 103 ASN B OD1 1 
ATOM   1577 O OD1 B ASN B 1 103 ? -13.679 -9.382  -14.531 0.36 30.62 ? 103 ASN B OD1 1 
ATOM   1578 N ND2 A ASN B 1 103 ? -14.427 -10.028 -16.441 0.34 27.53 ? 103 ASN B ND2 1 
ATOM   1579 N ND2 B ASN B 1 103 ? -11.825 -10.312 -13.717 0.36 28.56 ? 103 ASN B ND2 1 
ATOM   1580 N N   . SER B 1 104 ? -9.596  -9.156  -18.374 1.00 22.94 ? 104 SER B N   1 
ATOM   1581 C CA  . SER B 1 104 ? -9.273  -9.186  -19.793 1.00 25.09 ? 104 SER B CA  1 
ATOM   1582 C C   . SER B 1 104 ? -8.036  -8.347  -20.020 1.00 26.76 ? 104 SER B C   1 
ATOM   1583 O O   . SER B 1 104 ? -7.599  -7.636  -19.109 1.00 25.96 ? 104 SER B O   1 
ATOM   1584 C CB  . SER B 1 104 ? -10.446 -8.615  -20.604 1.00 26.49 ? 104 SER B CB  1 
ATOM   1585 O OG  . SER B 1 104 ? -10.684 -7.267  -20.271 1.00 30.53 ? 104 SER B OG  1 
ATOM   1586 N N   . CYS B 1 105 ? -7.430  -8.514  -21.202 0.99 27.72 ? 105 CYS B N   1 
ATOM   1587 C CA  . CYS B 1 105 ? -6.223  -7.745  -21.530 0.99 28.09 ? 105 CYS B CA  1 
ATOM   1588 C C   . CYS B 1 105 ? -6.511  -6.595  -22.488 0.99 29.19 ? 105 CYS B C   1 
ATOM   1589 O O   A CYS B 1 105 ? -6.301  -6.802  -23.710 0.99 30.75 ? 105 CYS B O   1 
ATOM   1590 O O   B CYS B 1 105 ? -6.425  -6.841  -23.599 0.33 28.09 ? 105 CYS B O   1 
ATOM   1591 C CB  . CYS B 1 105 ? -5.140  -8.669  -22.108 0.49 27.20 ? 105 CYS B CB  1 
ATOM   1592 S SG  . CYS B 1 105 ? -3.685  -7.797  -22.794 0.49 24.80 ? 105 CYS B SG  1 
ATOM   1593 O OXT . CYS B 1 105 ? -6.973  -5.528  -22.013 0.49 27.94 ? 105 CYS B OXT 1 
HETATM 1594 O O   . HOH C 2 .   ? 12.891  0.884   2.425   1.00 19.86 ? 106 HOH A O   1 
HETATM 1595 O O   . HOH C 2 .   ? 6.518   2.532   5.980   1.00 15.85 ? 107 HOH A O   1 
HETATM 1596 O O   . HOH C 2 .   ? -7.114  2.005   6.946   1.00 13.98 ? 108 HOH A O   1 
HETATM 1597 O O   . HOH C 2 .   ? -1.508  8.587   3.913   1.00 19.81 ? 109 HOH A O   1 
HETATM 1598 O O   . HOH C 2 .   ? -4.552  5.491   10.028  1.00 17.95 ? 110 HOH A O   1 
HETATM 1599 O O   . HOH C 2 .   ? -3.806  -6.348  3.206   1.00 28.90 ? 111 HOH A O   1 
HETATM 1600 O O   . HOH C 2 .   ? 11.627  0.220   24.445  1.00 45.09 ? 112 HOH A O   1 
HETATM 1601 O O   . HOH C 2 .   ? -8.513  -2.604  18.819  1.00 29.09 ? 113 HOH A O   1 
HETATM 1602 O O   . HOH C 2 .   ? 6.898   -2.379  19.362  1.00 10.07 ? 114 HOH A O   1 
HETATM 1603 O O   . HOH C 2 .   ? 7.922   -0.641  6.420   1.00 11.82 ? 115 HOH A O   1 
HETATM 1604 O O   . HOH C 2 .   ? 1.911   9.881   14.894  1.00 15.22 ? 116 HOH A O   1 
HETATM 1605 O O   . HOH C 2 .   ? 13.606  -0.784  4.425   1.00 19.72 ? 117 HOH A O   1 
HETATM 1606 O O   . HOH C 2 .   ? 9.197   3.774   8.614   1.00 22.19 ? 118 HOH A O   1 
HETATM 1607 O O   . HOH C 2 .   ? -0.911  -7.171  20.640  1.00 28.53 ? 119 HOH A O   1 
HETATM 1608 O O   . HOH C 2 .   ? 9.903   7.007   9.133   1.00 31.06 ? 120 HOH A O   1 
HETATM 1609 O O   . HOH C 2 .   ? -2.567  8.796   7.802   1.00 26.89 ? 121 HOH A O   1 
HETATM 1610 O O   . HOH C 2 .   ? 6.386   5.365   7.336   1.00 13.63 ? 122 HOH A O   1 
HETATM 1611 O O   . HOH C 2 .   ? -9.395  -6.161  13.614  1.00 26.34 ? 123 HOH A O   1 
HETATM 1612 O O   . HOH C 2 .   ? -9.338  -5.729  8.430   1.00 32.93 ? 124 HOH A O   1 
HETATM 1613 O O   . HOH C 2 .   ? -3.526  6.247   12.896  1.00 32.47 ? 125 HOH A O   1 
HETATM 1614 O O   . HOH C 2 .   ? 11.654  0.256   9.222   1.00 14.97 ? 126 HOH A O   1 
HETATM 1615 O O   . HOH C 2 .   ? 13.708  1.224   11.621  1.00 14.41 ? 127 HOH A O   1 
HETATM 1616 O O   . HOH C 2 .   ? 9.553   1.361   7.248   1.00 20.04 ? 128 HOH A O   1 
HETATM 1617 O O   . HOH C 2 .   ? 1.140   6.289   23.027  1.00 35.27 ? 129 HOH A O   1 
HETATM 1618 O O   . HOH C 2 .   ? -6.448  4.409   8.415   1.00 33.81 ? 130 HOH A O   1 
HETATM 1619 O O   . HOH C 2 .   ? 8.828   11.560  17.850  1.00 38.25 ? 131 HOH A O   1 
HETATM 1620 O O   . HOH C 2 .   ? 4.994   -17.137 4.500   1.00 25.25 ? 132 HOH A O   1 
HETATM 1621 O O   . HOH C 2 .   ? 13.173  -3.021  9.729   1.00 15.53 ? 133 HOH A O   1 
HETATM 1622 O O   . HOH C 2 .   ? -10.216 -2.463  2.384   1.00 30.36 ? 134 HOH A O   1 
HETATM 1623 O O   . HOH C 2 .   ? -9.464  1.014   8.946   1.00 32.34 ? 135 HOH A O   1 
HETATM 1624 O O   . HOH C 2 .   ? 2.911   -4.213  1.294   1.00 22.97 ? 136 HOH A O   1 
HETATM 1625 O O   . HOH C 2 .   ? -1.314  -15.005 12.633  1.00 37.17 ? 137 HOH A O   1 
HETATM 1626 O O   . HOH C 2 .   ? -9.889  -8.373  7.348   1.00 31.82 ? 138 HOH A O   1 
HETATM 1627 O O   . HOH C 2 .   ? 8.202   -14.448 6.167   1.00 39.23 ? 139 HOH A O   1 
HETATM 1628 O O   . HOH C 2 .   ? 7.270   -17.226 12.153  1.00 26.36 ? 140 HOH A O   1 
HETATM 1629 O O   . HOH C 2 .   ? 1.502   -10.287 19.241  1.00 26.29 ? 141 HOH A O   1 
HETATM 1630 O O   . HOH C 2 .   ? -2.142  4.384   19.202  1.00 25.73 ? 142 HOH A O   1 
HETATM 1631 O O   . HOH C 2 .   ? 15.881  -4.040  3.517   1.00 29.16 ? 143 HOH A O   1 
HETATM 1632 O O   . HOH C 2 .   ? -8.027  -11.878 9.974   1.00 36.58 ? 144 HOH A O   1 
HETATM 1633 O O   . HOH C 2 .   ? 1.426   -16.660 4.704   1.00 37.77 ? 145 HOH A O   1 
HETATM 1634 O O   . HOH C 2 .   ? 9.045   1.559   -0.434  1.00 35.10 ? 146 HOH A O   1 
HETATM 1635 O O   . HOH C 2 .   ? 11.051  2.908   2.255   1.00 29.86 ? 147 HOH A O   1 
HETATM 1636 O O   . HOH C 2 .   ? -3.627  -16.286 11.365  1.00 30.72 ? 148 HOH A O   1 
HETATM 1637 O O   . HOH C 2 .   ? 16.764  -11.888 16.438  1.00 42.63 ? 149 HOH A O   1 
HETATM 1638 O O   . HOH C 2 .   ? 10.864  -10.980 18.796  1.00 36.27 ? 150 HOH A O   1 
HETATM 1639 O O   . HOH C 2 .   ? 12.364  6.221   13.444  1.00 41.75 ? 151 HOH A O   1 
HETATM 1640 O O   . HOH C 2 .   ? 0.139   -3.905  -1.077  1.00 36.13 ? 152 HOH A O   1 
HETATM 1641 O O   . HOH C 2 .   ? 3.528   8.219   0.005   1.00 36.08 ? 153 HOH A O   1 
HETATM 1642 O O   . HOH C 2 .   ? 5.568   -15.657 15.061  1.00 32.39 ? 154 HOH A O   1 
HETATM 1643 O O   . HOH C 2 .   ? 7.741   -17.637 5.946   1.00 36.80 ? 155 HOH A O   1 
HETATM 1644 O O   . HOH C 2 .   ? 1.745   -14.197 -2.588  1.00 42.64 ? 156 HOH A O   1 
HETATM 1645 O O   . HOH C 2 .   ? 14.283  -21.996 9.615   1.00 41.10 ? 157 HOH A O   1 
HETATM 1646 O O   . HOH C 2 .   ? 9.498   5.914   6.612   1.00 36.81 ? 158 HOH A O   1 
HETATM 1647 O O   . HOH C 2 .   ? 16.176  -4.225  -4.445  1.00 48.53 ? 159 HOH A O   1 
HETATM 1648 O O   . HOH C 2 .   ? -10.512 -6.078  5.902   1.00 42.35 ? 160 HOH A O   1 
HETATM 1649 O O   . HOH C 2 .   ? 5.646   -2.748  1.520   1.00 47.11 ? 161 HOH A O   1 
HETATM 1650 O O   . HOH C 2 .   ? 12.431  -7.492  19.557  1.00 35.36 ? 162 HOH A O   1 
HETATM 1651 O O   . HOH C 2 .   ? -7.135  5.695   11.231  1.00 41.15 ? 163 HOH A O   1 
HETATM 1652 O O   . HOH C 2 .   ? -2.682  -14.585 4.757   1.00 43.65 ? 164 HOH A O   1 
HETATM 1653 O O   . HOH C 2 .   ? 10.756  -13.274 6.318   1.00 41.63 ? 165 HOH A O   1 
HETATM 1654 O O   . HOH C 2 .   ? 9.623   -5.598  -4.350  1.00 46.02 ? 166 HOH A O   1 
HETATM 1655 O O   . HOH C 2 .   ? 9.895   3.301   5.129   1.00 38.11 ? 167 HOH A O   1 
HETATM 1656 O O   . HOH C 2 .   ? -3.745  9.758   12.328  1.00 35.94 ? 168 HOH A O   1 
HETATM 1657 O O   . HOH C 2 .   ? -6.430  -8.899  2.862   1.00 48.13 ? 169 HOH A O   1 
HETATM 1658 O O   . HOH C 2 .   ? -10.601 -4.987  15.543  1.00 38.31 ? 170 HOH A O   1 
HETATM 1659 O O   . HOH D 2 .   ? -7.349  -0.847  -7.017  1.00 12.70 ? 106 HOH B O   1 
HETATM 1660 O O   . HOH D 2 .   ? 3.157   9.273   -2.856  1.00 17.82 ? 107 HOH B O   1 
HETATM 1661 O O   . HOH D 2 .   ? -10.916 -3.392  -12.183 1.00 15.15 ? 108 HOH B O   1 
HETATM 1662 O O   . HOH D 2 .   ? 8.840   6.534   -15.836 1.00 14.44 ? 109 HOH B O   1 
HETATM 1663 O O   . HOH D 2 .   ? -14.489 6.585   -0.243  1.00 32.54 ? 110 HOH B O   1 
HETATM 1664 O O   . HOH D 2 .   ? 5.608   0.785   -4.975  1.00 28.18 ? 111 HOH B O   1 
HETATM 1665 O O   . HOH D 2 .   ? -3.558  -4.386  -3.734  1.00 28.38 ? 112 HOH B O   1 
HETATM 1666 O O   . HOH D 2 .   ? -1.993  4.429   -24.293 1.00 35.66 ? 113 HOH B O   1 
HETATM 1667 O O   . HOH D 2 .   ? -11.704 -0.748  -9.340  1.00 8.58  ? 114 HOH B O   1 
HETATM 1668 O O   . HOH D 2 .   ? -8.538  6.438   -17.958 1.00 9.59  ? 115 HOH B O   1 
HETATM 1669 O O   . HOH D 2 .   ? -7.851  1.565   -4.503  1.00 15.55 ? 116 HOH B O   1 
HETATM 1670 O O   . HOH D 2 .   ? -9.864  3.771   -3.998  1.00 11.32 ? 117 HOH B O   1 
HETATM 1671 O O   . HOH D 2 .   ? -10.601 13.293  -5.920  1.00 14.36 ? 118 HOH B O   1 
HETATM 1672 O O   . HOH D 2 .   ? -11.468 -5.491  -7.157  1.00 18.91 ? 119 HOH B O   1 
HETATM 1673 O O   . HOH D 2 .   ? -0.207  -3.262  -4.312  1.00 14.94 ? 120 HOH B O   1 
HETATM 1674 O O   . HOH D 2 .   ? -7.289  3.220   4.203   1.00 31.60 ? 121 HOH B O   1 
HETATM 1675 O O   . HOH D 2 .   ? -13.389 14.794  -0.129  1.00 23.76 ? 122 HOH B O   1 
HETATM 1676 O O   . HOH D 2 .   ? 9.256   8.382   -13.949 1.00 26.77 ? 123 HOH B O   1 
HETATM 1677 O O   . HOH D 2 .   ? -12.276 17.029  -18.263 1.00 25.02 ? 124 HOH B O   1 
HETATM 1678 O O   . HOH D 2 .   ? -5.117  11.255  -26.268 1.00 28.48 ? 125 HOH B O   1 
HETATM 1679 O O   . HOH D 2 .   ? -10.293 -0.291  -6.742  1.00 21.32 ? 126 HOH B O   1 
HETATM 1680 O O   . HOH D 2 .   ? 8.626   6.904   -8.124  1.00 32.87 ? 127 HOH B O   1 
HETATM 1681 O O   . HOH D 2 .   ? -11.391 2.076   -6.196  1.00 26.43 ? 128 HOH B O   1 
HETATM 1682 O O   . HOH D 2 .   ? -4.233  11.109  -0.733  1.00 25.49 ? 129 HOH B O   1 
HETATM 1683 O O   . HOH D 2 .   ? -10.047 0.933   -22.486 1.00 21.30 ? 130 HOH B O   1 
HETATM 1684 O O   . HOH D 2 .   ? -14.065 3.729   -4.760  1.00 19.37 ? 131 HOH B O   1 
HETATM 1685 O O   . HOH D 2 .   ? -14.366 -0.084  -11.149 1.00 14.72 ? 132 HOH B O   1 
HETATM 1686 O O   . HOH D 2 .   ? -14.842 8.776   2.841   1.00 26.55 ? 133 HOH B O   1 
HETATM 1687 O O   . HOH D 2 .   ? -10.914 -1.203  -4.269  1.00 31.12 ? 134 HOH B O   1 
HETATM 1688 O O   . HOH D 2 .   ? -6.504  7.280   3.040   1.00 30.42 ? 135 HOH B O   1 
HETATM 1689 O O   . HOH D 2 .   ? -17.611 14.549  -12.732 1.00 35.29 ? 136 HOH B O   1 
HETATM 1690 O O   . HOH D 2 .   ? 7.781   11.738  -12.826 1.00 34.70 ? 137 HOH B O   1 
HETATM 1691 O O   . HOH D 2 .   ? -11.998 2.169   -3.293  1.00 33.44 ? 138 HOH B O   1 
HETATM 1692 O O   . HOH D 2 .   ? -14.677 1.401   -0.650  1.00 27.07 ? 139 HOH B O   1 
HETATM 1693 O O   . HOH D 2 .   ? 0.250   4.617   -21.462 1.00 31.04 ? 140 HOH B O   1 
HETATM 1694 O O   . HOH D 2 .   ? 4.471   4.498   -23.137 1.00 33.68 ? 141 HOH B O   1 
HETATM 1695 O O   . HOH D 2 .   ? -7.520  -9.311  -0.687  1.00 34.95 ? 142 HOH B O   1 
HETATM 1696 O O   . HOH D 2 .   ? 4.884   11.138  -4.205  1.00 36.45 ? 143 HOH B O   1 
HETATM 1697 O O   . HOH D 2 .   ? 6.675   -0.660  -18.902 1.00 34.34 ? 144 HOH B O   1 
HETATM 1698 O O   . HOH D 2 .   ? 5.547   -3.225  -19.518 1.00 39.54 ? 145 HOH B O   1 
HETATM 1699 O O   . HOH D 2 .   ? -3.897  7.938   2.414   1.00 21.11 ? 146 HOH B O   1 
HETATM 1700 O O   . HOH D 2 .   ? -5.313  15.066  -11.633 1.00 24.02 ? 147 HOH B O   1 
HETATM 1701 O O   . HOH D 2 .   ? -16.193 2.881   -2.677  1.00 31.85 ? 148 HOH B O   1 
HETATM 1702 O O   . HOH D 2 .   ? -9.248  10.488  -24.281 1.00 46.14 ? 149 HOH B O   1 
HETATM 1703 O O   . HOH D 2 .   ? -9.489  -7.751  -1.769  1.00 29.50 ? 150 HOH B O   1 
HETATM 1704 O O   . HOH D 2 .   ? 1.381   -6.834  -21.393 1.00 30.98 ? 151 HOH B O   1 
HETATM 1705 O O   . HOH D 2 .   ? 9.004   4.811   -0.860  1.00 41.56 ? 152 HOH B O   1 
HETATM 1706 O O   . HOH D 2 .   ? -8.112  -4.136  -0.758  1.00 28.65 ? 153 HOH B O   1 
HETATM 1707 O O   . HOH D 2 .   ? -1.979  11.716  -3.276  1.00 29.32 ? 154 HOH B O   1 
HETATM 1708 O O   . HOH D 2 .   ? -3.707  13.286  -5.466  1.00 24.78 ? 155 HOH B O   1 
HETATM 1709 O O   . HOH D 2 .   ? 2.377   -2.793  -1.972  1.00 32.81 ? 156 HOH B O   1 
HETATM 1710 O O   . HOH D 2 .   ? -14.175 2.345   1.654   1.00 33.86 ? 157 HOH B O   1 
HETATM 1711 O O   . HOH D 2 .   ? 0.030   9.395   -19.620 1.00 18.06 ? 158 HOH B O   1 
HETATM 1712 O O   . HOH D 2 .   ? -13.212 -10.954 -20.354 1.00 27.07 ? 159 HOH B O   1 
HETATM 1713 O O   . HOH D 2 .   ? 0.644   -6.581  -3.694  1.00 33.94 ? 160 HOH B O   1 
HETATM 1714 O O   . HOH D 2 .   ? -16.923 5.320   -11.858 1.00 37.78 ? 161 HOH B O   1 
HETATM 1715 O O   . HOH D 2 .   ? -5.570  -6.704  -2.200  1.00 41.24 ? 162 HOH B O   1 
HETATM 1716 O O   . HOH D 2 .   ? -6.962  -0.849  -22.935 1.00 48.98 ? 163 HOH B O   1 
HETATM 1717 O O   . HOH D 2 .   ? 0.789   10.807  -2.689  1.00 41.58 ? 164 HOH B O   1 
HETATM 1718 O O   . HOH D 2 .   ? -11.679 -7.257  -10.880 1.00 43.18 ? 165 HOH B O   1 
HETATM 1719 O O   . HOH D 2 .   ? -12.334 -6.972  -14.405 1.00 39.05 ? 166 HOH B O   1 
HETATM 1720 O O   . HOH D 2 .   ? -14.618 8.691   -21.461 1.00 51.46 ? 167 HOH B O   1 
HETATM 1721 O O   . HOH D 2 .   ? -9.715  16.863  -14.294 1.00 42.67 ? 168 HOH B O   1 
HETATM 1722 O O   . HOH D 2 .   ? 11.104  4.737   -8.759  1.00 38.26 ? 169 HOH B O   1 
HETATM 1723 O O   . HOH D 2 .   ? -11.903 18.580  -15.698 1.00 42.64 ? 170 HOH B O   1 
HETATM 1724 O O   . HOH D 2 .   ? 2.636   -17.128 -5.085  1.00 47.82 ? 171 HOH B O   1 
HETATM 1725 O O   . HOH D 2 .   ? -13.324 1.111   4.729   1.00 37.66 ? 172 HOH B O   1 
HETATM 1726 O O   . HOH D 2 .   ? -11.150 -11.848 -6.100  1.00 37.12 ? 173 HOH B O   1 
HETATM 1727 O O   . HOH D 2 .   ? 3.901   16.418  -20.721 1.00 36.81 ? 174 HOH B O   1 
HETATM 1728 O O   . HOH D 2 .   ? -0.713  8.161   -28.337 1.00 41.39 ? 175 HOH B O   1 
HETATM 1729 O O   . HOH D 2 .   ? 1.785   14.043  -3.324  1.00 42.45 ? 176 HOH B O   1 
HETATM 1730 O O   . HOH D 2 .   ? -15.891 1.175   3.230   1.00 35.21 ? 177 HOH B O   1 
HETATM 1731 O O   . HOH D 2 .   ? 12.371  7.508   -9.586  1.00 39.68 ? 178 HOH B O   1 
HETATM 1732 O O   . HOH D 2 .   ? -18.514 11.117  -9.139  1.00 40.60 ? 179 HOH B O   1 
HETATM 1733 O O   . HOH D 2 .   ? -7.924  18.158  -17.283 1.00 39.13 ? 180 HOH B O   1 
# 
